data_3L4B
#
_entry.id   3L4B
#
_cell.length_a   96.778
_cell.length_b   96.778
_cell.length_c   305.098
_cell.angle_alpha   90.00
_cell.angle_beta   90.00
_cell.angle_gamma   120.00
#
_symmetry.space_group_name_H-M   'P 32 2 1'
#
loop_
_entity.id
_entity.type
_entity.pdbx_description
1 polymer 'TrkA K+ Channel protein TM1088A'
2 polymer 'TrkA K+ Channel protein TM1088B'
3 non-polymer 'ADENOSINE MONOPHOSPHATE'
4 non-polymer 'UNKNOWN ATOM OR ION'
#
loop_
_entity_poly.entity_id
_entity_poly.type
_entity_poly.pdbx_seq_one_letter_code
_entity_poly.pdbx_strand_id
1 'polypeptide(L)'
;MSKKQKSKYIVIFGCGRLGSLIANLASSSGHSVVVVDKNEYAFHRLNSEFSGFTVVGDAAEFETLKECGMEKADMVFAFT
NDDSTNFFISMNARYMFNVENVIARVYDPEKIKIFEENGIKTICPAVLMIEKVKEFIIGSEED
;
A,B,E,F
2 'polypeptide(L)'
;MKVIIIGGETTAYYLARSMLSRKYGVVIINKDRELCEEFAKKLKATIIHGDGSHKEILRDAEVSKNDVVVILTPRDEVNL
FIAQLVMKDFGVKRVVSLVNDPGNMEIFKKMGITTVLNLTTLITNTVEALIFPDEFSSIIPLEQGIEFLSVNVEEDSPVV
GKKLKDLPLPRDSIIAAIVRGGVLVVPRGDTEILSGDKLYVIVSAEAKETVEETLLGR
;
C,D,G,H
#
# COMPACT_ATOMS: atom_id res chain seq x y z
N SER A 7 42.62 -25.48 -6.39
CA SER A 7 41.14 -25.35 -6.27
C SER A 7 40.74 -24.41 -5.14
N LYS A 8 40.19 -23.25 -5.53
CA LYS A 8 39.60 -22.33 -4.57
C LYS A 8 38.27 -22.88 -4.08
N TYR A 9 37.90 -22.51 -2.86
CA TYR A 9 36.56 -22.76 -2.34
C TYR A 9 35.75 -21.45 -2.44
N ILE A 10 35.00 -21.32 -3.51
CA ILE A 10 34.27 -20.10 -3.80
C ILE A 10 32.84 -20.20 -3.28
N VAL A 11 32.39 -19.17 -2.58
CA VAL A 11 31.00 -19.08 -2.14
C VAL A 11 30.32 -17.91 -2.84
N ILE A 12 29.35 -18.23 -3.70
CA ILE A 12 28.63 -17.23 -4.47
C ILE A 12 27.27 -17.05 -3.85
N PHE A 13 26.95 -15.83 -3.43
CA PHE A 13 25.63 -15.50 -2.86
C PHE A 13 24.74 -14.88 -3.91
N GLY A 14 23.56 -15.46 -4.11
CA GLY A 14 22.65 -14.97 -5.13
C GLY A 14 22.96 -15.60 -6.47
N CYS A 15 22.08 -16.50 -6.89
CA CYS A 15 22.25 -17.31 -8.10
C CYS A 15 21.47 -16.68 -9.26
N GLY A 16 21.54 -15.36 -9.38
CA GLY A 16 20.72 -14.66 -10.36
C GLY A 16 21.31 -14.53 -11.74
N ARG A 17 20.78 -13.58 -12.50
CA ARG A 17 21.27 -13.27 -13.85
C ARG A 17 22.79 -13.22 -13.83
N LEU A 18 23.33 -12.20 -13.16
CA LEU A 18 24.78 -12.04 -13.02
C LEU A 18 25.34 -13.10 -12.08
N GLY A 19 24.63 -13.37 -10.99
CA GLY A 19 25.07 -14.32 -9.99
C GLY A 19 25.56 -15.65 -10.54
N SER A 20 24.62 -16.44 -11.09
CA SER A 20 24.90 -17.78 -11.59
C SER A 20 25.99 -17.84 -12.66
N LEU A 21 26.17 -16.75 -13.40
CA LEU A 21 27.24 -16.64 -14.40
C LEU A 21 28.60 -16.81 -13.74
N ILE A 22 28.79 -16.17 -12.58
CA ILE A 22 29.98 -16.36 -11.76
C ILE A 22 30.07 -17.84 -11.32
N ALA A 23 28.95 -18.39 -10.86
CA ALA A 23 28.88 -19.76 -10.37
C ALA A 23 29.28 -20.79 -11.42
N ASN A 24 28.86 -20.56 -12.66
CA ASN A 24 29.14 -21.49 -13.75
C ASN A 24 30.59 -21.42 -14.21
N LEU A 25 31.11 -20.21 -14.38
CA LEU A 25 32.51 -20.00 -14.75
C LEU A 25 33.43 -20.59 -13.68
N ALA A 26 32.97 -20.54 -12.43
CA ALA A 26 33.73 -21.05 -11.30
C ALA A 26 33.76 -22.57 -11.29
N SER A 27 32.59 -23.17 -11.46
CA SER A 27 32.45 -24.63 -11.41
C SER A 27 33.15 -25.32 -12.58
N SER A 28 33.02 -24.73 -13.76
CA SER A 28 33.68 -25.24 -14.97
C SER A 28 35.19 -25.13 -14.88
N SER A 29 35.66 -24.18 -14.08
CA SER A 29 37.09 -23.99 -13.86
C SER A 29 37.64 -24.90 -12.76
N GLY A 30 36.81 -25.85 -12.33
CA GLY A 30 37.23 -26.87 -11.37
C GLY A 30 37.36 -26.37 -9.94
N HIS A 31 36.63 -25.30 -9.63
CA HIS A 31 36.59 -24.78 -8.27
C HIS A 31 35.41 -25.37 -7.50
N SER A 32 35.58 -25.53 -6.19
CA SER A 32 34.49 -25.99 -5.34
C SER A 32 33.59 -24.81 -5.03
N VAL A 33 32.35 -24.88 -5.51
CA VAL A 33 31.42 -23.76 -5.41
C VAL A 33 30.29 -24.04 -4.41
N VAL A 34 29.86 -22.99 -3.72
CA VAL A 34 28.64 -23.03 -2.90
C VAL A 34 27.75 -21.86 -3.29
N VAL A 35 26.56 -22.16 -3.81
CA VAL A 35 25.65 -21.12 -4.27
C VAL A 35 24.48 -20.95 -3.31
N VAL A 36 24.41 -19.79 -2.69
CA VAL A 36 23.37 -19.49 -1.72
C VAL A 36 22.34 -18.64 -2.40
N ASP A 37 21.08 -19.00 -2.25
CA ASP A 37 20.01 -18.16 -2.77
C ASP A 37 18.70 -18.18 -1.98
N LYS A 38 18.07 -17.01 -1.94
CA LYS A 38 16.80 -16.74 -1.28
C LYS A 38 15.73 -17.75 -1.70
N ASN A 39 15.72 -18.13 -2.98
CA ASN A 39 14.77 -19.13 -3.47
C ASN A 39 15.38 -20.16 -4.43
N GLU A 40 14.87 -21.39 -4.36
CA GLU A 40 15.42 -22.54 -5.08
C GLU A 40 15.40 -22.37 -6.60
N TYR A 41 14.29 -21.84 -7.11
CA TYR A 41 14.09 -21.71 -8.57
C TYR A 41 15.20 -20.93 -9.28
N ALA A 42 16.00 -20.21 -8.50
CA ALA A 42 17.15 -19.48 -9.02
C ALA A 42 18.23 -20.42 -9.50
N PHE A 43 18.32 -21.60 -8.87
CA PHE A 43 19.35 -22.59 -9.20
C PHE A 43 19.16 -23.25 -10.57
N HIS A 44 18.01 -23.01 -11.20
CA HIS A 44 17.78 -23.42 -12.58
C HIS A 44 18.87 -22.85 -13.50
N ARG A 45 19.40 -21.68 -13.15
CA ARG A 45 20.45 -21.05 -13.94
C ARG A 45 21.77 -21.78 -13.81
N LEU A 46 21.93 -22.58 -12.75
CA LEU A 46 23.14 -23.38 -12.59
C LEU A 46 23.16 -24.45 -13.68
N ASN A 47 24.21 -24.42 -14.50
CA ASN A 47 24.35 -25.30 -15.67
C ASN A 47 24.37 -26.79 -15.36
N SER A 48 24.36 -27.60 -16.41
CA SER A 48 24.40 -29.06 -16.27
C SER A 48 25.64 -29.51 -15.50
N GLU A 49 26.81 -29.23 -16.06
CA GLU A 49 28.08 -29.57 -15.42
C GLU A 49 28.36 -28.65 -14.22
N PHE A 50 27.84 -29.05 -13.06
CA PHE A 50 28.00 -28.29 -11.84
C PHE A 50 28.07 -29.22 -10.63
N SER A 51 29.26 -29.35 -10.07
CA SER A 51 29.50 -30.28 -8.95
C SER A 51 29.28 -29.65 -7.58
N GLY A 52 29.21 -28.32 -7.53
CA GLY A 52 29.05 -27.58 -6.28
C GLY A 52 27.77 -27.86 -5.50
N PHE A 53 27.70 -27.36 -4.27
CA PHE A 53 26.53 -27.52 -3.42
C PHE A 53 25.73 -26.21 -3.39
N THR A 54 24.43 -26.32 -3.12
CA THR A 54 23.55 -25.16 -3.07
C THR A 54 22.77 -25.05 -1.77
N VAL A 55 22.90 -23.89 -1.12
CA VAL A 55 22.17 -23.60 0.11
C VAL A 55 21.01 -22.67 -0.20
N VAL A 56 19.79 -23.12 0.08
CA VAL A 56 18.64 -22.25 -0.01
C VAL A 56 18.52 -21.57 1.34
N GLY A 57 18.32 -20.26 1.32
CA GLY A 57 18.15 -19.51 2.56
C GLY A 57 18.38 -18.02 2.41
N ASP A 58 17.90 -17.26 3.39
CA ASP A 58 18.05 -15.81 3.37
C ASP A 58 19.44 -15.40 3.85
N ALA A 59 20.19 -14.76 2.97
CA ALA A 59 21.57 -14.36 3.27
C ALA A 59 21.70 -13.31 4.37
N ALA A 60 20.58 -12.69 4.72
CA ALA A 60 20.54 -11.75 5.83
C ALA A 60 20.43 -12.48 7.17
N GLU A 61 19.92 -13.72 7.15
CA GLU A 61 19.88 -14.54 8.36
C GLU A 61 21.27 -15.09 8.64
N PHE A 62 21.66 -15.08 9.92
CA PHE A 62 22.96 -15.61 10.31
C PHE A 62 23.04 -17.11 10.11
N GLU A 63 21.97 -17.83 10.47
CA GLU A 63 21.93 -19.28 10.34
C GLU A 63 22.21 -19.74 8.91
N THR A 64 21.98 -18.85 7.94
CA THR A 64 22.29 -19.14 6.54
C THR A 64 23.78 -19.02 6.28
N LEU A 65 24.37 -17.94 6.78
CA LEU A 65 25.79 -17.67 6.61
C LEU A 65 26.66 -18.79 7.20
N LYS A 66 26.23 -19.35 8.32
CA LYS A 66 26.90 -20.49 8.95
C LYS A 66 26.80 -21.72 8.07
N GLU A 67 25.65 -21.88 7.41
CA GLU A 67 25.38 -23.05 6.56
C GLU A 67 26.23 -23.13 5.31
N CYS A 68 26.82 -22.00 4.91
CA CYS A 68 27.62 -21.92 3.69
C CYS A 68 29.04 -22.41 3.89
N GLY A 69 29.47 -22.42 5.15
CA GLY A 69 30.84 -22.81 5.47
C GLY A 69 31.82 -21.82 4.88
N MET A 70 31.58 -20.53 5.15
CA MET A 70 32.50 -19.48 4.75
C MET A 70 33.83 -19.61 5.49
N GLU A 71 33.81 -20.39 6.56
CA GLU A 71 35.00 -20.68 7.34
C GLU A 71 36.09 -21.26 6.44
N LYS A 72 35.68 -22.13 5.52
CA LYS A 72 36.63 -22.82 4.61
C LYS A 72 36.73 -22.14 3.24
N ALA A 73 36.16 -20.94 3.12
CA ALA A 73 36.08 -20.24 1.84
C ALA A 73 37.32 -19.41 1.52
N ASP A 74 37.74 -19.48 0.27
CA ASP A 74 38.81 -18.64 -0.25
C ASP A 74 38.23 -17.34 -0.79
N MET A 75 37.04 -17.43 -1.37
CA MET A 75 36.34 -16.28 -1.94
C MET A 75 34.85 -16.29 -1.62
N VAL A 76 34.35 -15.16 -1.16
CA VAL A 76 32.93 -14.96 -1.00
C VAL A 76 32.49 -13.88 -1.98
N PHE A 77 31.52 -14.21 -2.82
CA PHE A 77 30.91 -13.23 -3.72
C PHE A 77 29.55 -12.86 -3.21
N ALA A 78 29.41 -11.62 -2.75
CA ALA A 78 28.10 -11.10 -2.38
C ALA A 78 27.51 -10.53 -3.65
N PHE A 79 26.56 -11.27 -4.24
CA PHE A 79 26.06 -10.93 -5.56
C PHE A 79 24.53 -10.95 -5.71
N THR A 80 23.81 -10.57 -4.65
CA THR A 80 22.36 -10.42 -4.73
C THR A 80 22.04 -9.06 -5.34
N ASN A 81 20.77 -8.85 -5.63
CA ASN A 81 20.31 -7.58 -6.19
C ASN A 81 20.18 -6.45 -5.17
N ASP A 82 20.42 -6.76 -3.90
CA ASP A 82 20.36 -5.76 -2.84
C ASP A 82 21.76 -5.38 -2.36
N ASP A 83 22.06 -4.08 -2.40
CA ASP A 83 23.34 -3.56 -1.92
C ASP A 83 23.55 -3.85 -0.43
N SER A 84 22.56 -3.47 0.39
CA SER A 84 22.63 -3.64 1.84
C SER A 84 22.79 -5.12 2.20
N THR A 85 22.08 -5.98 1.46
CA THR A 85 22.24 -7.42 1.63
C THR A 85 23.66 -7.82 1.30
N ASN A 86 24.10 -7.52 0.08
CA ASN A 86 25.49 -7.75 -0.33
C ASN A 86 26.51 -7.17 0.64
N PHE A 87 26.23 -5.96 1.15
CA PHE A 87 27.06 -5.38 2.18
C PHE A 87 27.09 -6.25 3.42
N PHE A 88 25.92 -6.64 3.89
CA PHE A 88 25.81 -7.46 5.09
C PHE A 88 26.52 -8.80 4.90
N ILE A 89 26.29 -9.44 3.76
CA ILE A 89 26.95 -10.68 3.43
C ILE A 89 28.46 -10.49 3.56
N SER A 90 28.99 -9.45 2.93
CA SER A 90 30.42 -9.16 2.93
C SER A 90 30.98 -8.94 4.31
N MET A 91 30.27 -8.16 5.12
CA MET A 91 30.74 -7.84 6.47
C MET A 91 30.88 -9.09 7.30
N ASN A 92 29.90 -9.99 7.18
CA ASN A 92 29.99 -11.28 7.85
C ASN A 92 31.15 -12.09 7.32
N ALA A 93 31.32 -12.10 6.00
CA ALA A 93 32.44 -12.80 5.39
C ALA A 93 33.77 -12.26 5.91
N ARG A 94 33.92 -10.94 5.90
CA ARG A 94 35.19 -10.33 6.30
C ARG A 94 35.43 -10.38 7.81
N TYR A 95 34.42 -10.01 8.61
CA TYR A 95 34.59 -9.82 10.05
C TYR A 95 34.10 -10.98 10.93
N MET A 96 33.31 -11.88 10.36
CA MET A 96 32.73 -12.96 11.15
C MET A 96 33.26 -14.34 10.77
N PHE A 97 33.76 -14.45 9.55
CA PHE A 97 34.31 -15.71 9.05
C PHE A 97 35.73 -15.50 8.54
N ASN A 98 36.22 -14.27 8.71
CA ASN A 98 37.53 -13.83 8.23
C ASN A 98 37.96 -14.40 6.86
N VAL A 99 37.11 -14.18 5.87
CA VAL A 99 37.41 -14.56 4.50
C VAL A 99 38.37 -13.54 3.91
N GLU A 100 39.46 -14.02 3.33
CA GLU A 100 40.50 -13.15 2.80
C GLU A 100 40.00 -12.31 1.63
N ASN A 101 39.38 -12.95 0.65
CA ASN A 101 38.81 -12.25 -0.50
C ASN A 101 37.29 -12.19 -0.45
N VAL A 102 36.74 -10.98 -0.33
CA VAL A 102 35.30 -10.80 -0.43
C VAL A 102 34.95 -9.78 -1.53
N ILE A 103 34.19 -10.23 -2.53
CA ILE A 103 33.82 -9.39 -3.67
C ILE A 103 32.31 -9.11 -3.66
N ALA A 104 31.94 -7.83 -3.73
CA ALA A 104 30.54 -7.45 -3.65
C ALA A 104 30.06 -6.77 -4.92
N ARG A 105 28.86 -7.13 -5.34
CA ARG A 105 28.17 -6.47 -6.43
C ARG A 105 27.46 -5.28 -5.83
N VAL A 106 27.86 -4.09 -6.23
CA VAL A 106 27.28 -2.87 -5.66
C VAL A 106 26.64 -2.03 -6.76
N TYR A 107 25.33 -1.79 -6.64
CA TYR A 107 24.62 -1.07 -7.69
C TYR A 107 24.84 0.43 -7.62
N ASP A 108 24.50 1.01 -6.46
CA ASP A 108 24.63 2.43 -6.22
C ASP A 108 26.11 2.78 -6.07
N PRO A 109 26.65 3.55 -7.04
CA PRO A 109 28.08 3.86 -7.06
C PRO A 109 28.51 4.65 -5.84
N GLU A 110 27.58 5.39 -5.23
CA GLU A 110 27.91 6.15 -4.03
C GLU A 110 28.24 5.23 -2.86
N LYS A 111 27.73 4.00 -2.91
CA LYS A 111 27.92 3.05 -1.83
C LYS A 111 29.26 2.34 -1.91
N ILE A 112 29.84 2.32 -3.12
CA ILE A 112 31.13 1.66 -3.37
C ILE A 112 32.16 1.98 -2.29
N LYS A 113 32.25 3.24 -1.91
CA LYS A 113 33.23 3.70 -0.92
C LYS A 113 33.15 2.95 0.42
N ILE A 114 31.95 2.85 1.00
CA ILE A 114 31.79 2.25 2.33
C ILE A 114 32.10 0.76 2.37
N PHE A 115 32.10 0.11 1.20
CA PHE A 115 32.51 -1.28 1.08
C PHE A 115 34.03 -1.36 1.17
N GLU A 116 34.71 -0.59 0.31
CA GLU A 116 36.16 -0.59 0.26
C GLU A 116 36.77 -0.06 1.57
N GLU A 117 36.02 0.81 2.26
CA GLU A 117 36.42 1.29 3.58
C GLU A 117 36.31 0.17 4.63
N ASN A 118 35.70 -0.94 4.24
CA ASN A 118 35.67 -2.15 5.07
C ASN A 118 36.48 -3.27 4.41
N GLY A 119 37.19 -2.90 3.35
CA GLY A 119 38.04 -3.85 2.65
C GLY A 119 37.26 -4.91 1.91
N ILE A 120 36.22 -4.48 1.21
CA ILE A 120 35.43 -5.37 0.36
C ILE A 120 35.56 -4.92 -1.09
N LYS A 121 36.28 -5.71 -1.90
CA LYS A 121 36.37 -5.44 -3.34
C LYS A 121 34.97 -5.37 -3.93
N THR A 122 34.76 -4.46 -4.88
CA THR A 122 33.43 -4.21 -5.45
C THR A 122 33.37 -4.26 -6.97
N ILE A 123 32.34 -4.90 -7.48
CA ILE A 123 32.05 -4.86 -8.91
C ILE A 123 30.79 -4.03 -9.07
N CYS A 124 30.93 -2.84 -9.64
CA CYS A 124 29.80 -1.93 -9.83
C CYS A 124 29.46 -1.78 -11.31
N PRO A 125 28.22 -2.11 -11.69
CA PRO A 125 27.79 -2.08 -13.09
C PRO A 125 27.84 -0.67 -13.68
N ALA A 126 27.41 0.30 -12.89
CA ALA A 126 27.45 1.70 -13.29
C ALA A 126 28.88 2.18 -13.56
N VAL A 127 29.80 1.80 -12.68
CA VAL A 127 31.22 2.11 -12.85
C VAL A 127 31.80 1.43 -14.10
N LEU A 128 31.34 0.20 -14.36
CA LEU A 128 31.72 -0.57 -15.55
C LEU A 128 31.17 0.08 -16.82
N MET A 129 29.97 0.64 -16.73
CA MET A 129 29.28 1.20 -17.88
C MET A 129 29.90 2.50 -18.37
N ILE A 130 30.26 3.38 -17.43
CA ILE A 130 30.88 4.67 -17.76
C ILE A 130 32.05 4.50 -18.72
N GLU A 131 32.70 3.34 -18.65
CA GLU A 131 33.78 2.98 -19.57
C GLU A 131 33.23 2.88 -21.00
N LYS A 132 32.19 2.06 -21.17
CA LYS A 132 31.61 1.79 -22.48
C LYS A 132 30.88 3.01 -23.04
N VAL A 133 30.17 3.72 -22.17
CA VAL A 133 29.46 4.96 -22.56
C VAL A 133 30.41 6.07 -22.98
N LYS A 134 31.68 5.94 -22.62
CA LYS A 134 32.67 6.92 -23.04
C LYS A 134 32.96 6.76 -24.54
N GLU A 135 32.93 5.52 -25.03
CA GLU A 135 33.16 5.24 -26.46
C GLU A 135 32.11 5.91 -27.36
N PHE A 136 30.89 6.04 -26.85
CA PHE A 136 29.78 6.62 -27.61
C PHE A 136 29.79 8.15 -27.60
N ILE A 137 30.82 8.73 -28.22
CA ILE A 137 30.96 10.18 -28.37
C ILE A 137 32.04 10.53 -29.39
N SER B 7 -27.22 17.05 35.63
CA SER B 7 -26.19 17.07 34.53
C SER B 7 -25.23 15.89 34.65
N LYS B 8 -24.54 15.57 33.55
CA LYS B 8 -23.58 14.47 33.50
C LYS B 8 -22.35 14.85 32.71
N TYR B 9 -21.19 14.37 33.14
CA TYR B 9 -19.94 14.60 32.41
C TYR B 9 -19.67 13.47 31.41
N ILE B 10 -20.10 13.67 30.18
CA ILE B 10 -20.02 12.63 29.15
C ILE B 10 -18.75 12.79 28.32
N VAL B 11 -18.04 11.68 28.12
CA VAL B 11 -16.87 11.67 27.23
C VAL B 11 -17.13 10.78 26.01
N ILE B 12 -17.25 11.41 24.85
CA ILE B 12 -17.54 10.71 23.60
C ILE B 12 -16.25 10.56 22.79
N PHE B 13 -15.84 9.33 22.56
CA PHE B 13 -14.66 9.04 21.74
C PHE B 13 -15.03 8.80 20.27
N GLY B 14 -14.45 9.59 19.38
CA GLY B 14 -14.77 9.48 17.96
C GLY B 14 -15.95 10.36 17.62
N CYS B 15 -15.67 11.45 16.91
CA CYS B 15 -16.65 12.46 16.54
C CYS B 15 -17.18 12.22 15.11
N GLY B 16 -17.41 10.95 14.78
CA GLY B 16 -17.77 10.58 13.42
C GLY B 16 -19.24 10.69 13.12
N ARG B 17 -19.65 9.99 12.05
CA ARG B 17 -21.03 9.98 11.61
C ARG B 17 -21.94 9.72 12.78
N LEU B 18 -21.83 8.52 13.34
CA LEU B 18 -22.61 8.14 14.52
C LEU B 18 -22.08 8.88 15.76
N GLY B 19 -20.76 9.00 15.86
CA GLY B 19 -20.12 9.66 17.00
C GLY B 19 -20.71 11.01 17.37
N SER B 20 -20.53 11.99 16.50
CA SER B 20 -20.93 13.36 16.76
C SER B 20 -22.42 13.52 17.06
N LEU B 21 -23.23 12.59 16.55
CA LEU B 21 -24.66 12.59 16.83
C LEU B 21 -24.94 12.43 18.32
N ILE B 22 -24.17 11.56 18.96
CA ILE B 22 -24.19 11.41 20.41
C ILE B 22 -23.76 12.72 21.06
N ALA B 23 -22.65 13.26 20.59
CA ALA B 23 -22.08 14.51 21.11
C ALA B 23 -23.06 15.69 21.08
N ASN B 24 -23.81 15.82 19.99
CA ASN B 24 -24.75 16.91 19.84
C ASN B 24 -25.98 16.76 20.71
N LEU B 25 -26.55 15.56 20.75
CA LEU B 25 -27.69 15.25 21.62
C LEU B 25 -27.32 15.45 23.08
N ALA B 26 -26.07 15.16 23.43
CA ALA B 26 -25.57 15.34 24.78
C ALA B 26 -25.42 16.82 25.14
N SER B 27 -24.77 17.59 24.27
CA SER B 27 -24.49 19.01 24.52
C SER B 27 -25.76 19.83 24.60
N SER B 28 -26.69 19.54 23.70
CA SER B 28 -27.98 20.21 23.66
C SER B 28 -28.82 19.90 24.89
N SER B 29 -28.57 18.75 25.51
CA SER B 29 -29.27 18.36 26.73
C SER B 29 -28.62 18.93 27.98
N GLY B 30 -27.68 19.86 27.79
CA GLY B 30 -27.04 20.56 28.89
C GLY B 30 -26.04 19.73 29.66
N HIS B 31 -25.47 18.73 29.00
CA HIS B 31 -24.43 17.91 29.62
C HIS B 31 -23.05 18.45 29.24
N SER B 32 -22.09 18.27 30.14
CA SER B 32 -20.72 18.66 29.86
C SER B 32 -20.07 17.54 29.05
N VAL B 33 -19.73 17.87 27.81
CA VAL B 33 -19.21 16.88 26.86
C VAL B 33 -17.72 17.08 26.59
N VAL B 34 -17.02 15.97 26.36
CA VAL B 34 -15.65 16.01 25.87
C VAL B 34 -15.57 15.07 24.69
N VAL B 35 -15.21 15.62 23.52
CA VAL B 35 -15.14 14.83 22.29
C VAL B 35 -13.72 14.60 21.87
N VAL B 36 -13.31 13.34 21.91
CA VAL B 36 -11.96 12.96 21.54
C VAL B 36 -11.98 12.42 20.12
N ASP B 37 -11.06 12.90 19.29
CA ASP B 37 -10.93 12.35 17.94
C ASP B 37 -9.52 12.35 17.34
N LYS B 38 -9.26 11.28 16.59
CA LYS B 38 -8.00 11.06 15.89
C LYS B 38 -7.62 12.27 15.07
N ASN B 39 -8.59 12.90 14.41
CA ASN B 39 -8.32 14.11 13.62
C ASN B 39 -9.33 15.24 13.81
N GLU B 40 -8.84 16.48 13.75
CA GLU B 40 -9.63 17.67 14.07
C GLU B 40 -10.82 17.86 13.13
N TYR B 41 -10.62 17.62 11.84
CA TYR B 41 -11.66 17.88 10.83
C TYR B 41 -12.97 17.13 11.12
N ALA B 42 -12.90 16.15 12.03
CA ALA B 42 -14.09 15.43 12.47
C ALA B 42 -15.02 16.32 13.29
N PHE B 43 -14.44 17.27 14.01
CA PHE B 43 -15.20 18.17 14.90
C PHE B 43 -16.10 19.16 14.14
N HIS B 44 -15.95 19.24 12.83
CA HIS B 44 -16.88 19.98 11.98
C HIS B 44 -18.30 19.45 12.15
N ARG B 45 -18.40 18.17 12.49
CA ARG B 45 -19.67 17.48 12.65
C ARG B 45 -20.46 17.95 13.87
N LEU B 46 -19.73 18.33 14.93
CA LEU B 46 -20.36 18.87 16.13
C LEU B 46 -21.04 20.21 15.79
N ASN B 47 -22.21 20.46 16.37
CA ASN B 47 -23.06 21.59 15.97
C ASN B 47 -22.61 22.98 16.45
N SER B 48 -23.33 24.02 16.02
CA SER B 48 -23.08 25.39 16.47
C SER B 48 -23.14 25.48 17.98
N GLU B 49 -24.31 25.20 18.54
CA GLU B 49 -24.52 25.24 19.99
C GLU B 49 -23.83 24.06 20.67
N PHE B 50 -22.55 24.25 20.98
CA PHE B 50 -21.75 23.21 21.61
C PHE B 50 -20.71 23.83 22.55
N SER B 51 -20.97 23.69 23.85
CA SER B 51 -20.12 24.29 24.88
C SER B 51 -18.97 23.38 25.34
N GLY B 52 -19.04 22.09 24.99
CA GLY B 52 -18.05 21.10 25.40
C GLY B 52 -16.64 21.36 24.91
N PHE B 53 -15.68 20.58 25.41
CA PHE B 53 -14.29 20.69 24.98
C PHE B 53 -13.95 19.55 24.04
N THR B 54 -12.94 19.74 23.20
CA THR B 54 -12.53 18.72 22.24
C THR B 54 -11.05 18.40 22.34
N VAL B 55 -10.74 17.12 22.53
CA VAL B 55 -9.36 16.64 22.56
C VAL B 55 -9.00 15.95 21.23
N VAL B 56 -8.02 16.51 20.53
CA VAL B 56 -7.47 15.85 19.37
C VAL B 56 -6.40 14.88 19.84
N GLY B 57 -6.45 13.64 19.38
CA GLY B 57 -5.47 12.65 19.77
C GLY B 57 -5.89 11.21 19.50
N ASP B 58 -4.90 10.32 19.50
CA ASP B 58 -5.15 8.90 19.26
C ASP B 58 -5.65 8.24 20.53
N ALA B 59 -6.88 7.75 20.50
CA ALA B 59 -7.50 7.13 21.66
C ALA B 59 -6.77 5.87 22.12
N ALA B 60 -5.91 5.32 21.26
CA ALA B 60 -5.13 4.14 21.61
C ALA B 60 -3.93 4.53 22.46
N GLU B 61 -3.46 5.77 22.34
CA GLU B 61 -2.38 6.27 23.20
C GLU B 61 -2.91 6.56 24.57
N PHE B 62 -2.14 6.24 25.60
CA PHE B 62 -2.55 6.50 26.97
C PHE B 62 -2.59 8.01 27.29
N GLU B 63 -1.58 8.73 26.83
CA GLU B 63 -1.52 10.16 27.04
C GLU B 63 -2.79 10.88 26.60
N THR B 64 -3.51 10.30 25.65
CA THR B 64 -4.76 10.88 25.18
C THR B 64 -5.88 10.61 26.18
N LEU B 65 -5.92 9.39 26.71
CA LEU B 65 -6.96 9.00 27.66
C LEU B 65 -6.89 9.80 28.96
N LYS B 66 -5.66 10.14 29.38
CA LYS B 66 -5.43 11.01 30.52
C LYS B 66 -5.95 12.43 30.24
N GLU B 67 -5.74 12.90 29.02
CA GLU B 67 -6.13 14.25 28.57
C GLU B 67 -7.65 14.50 28.58
N CYS B 68 -8.43 13.43 28.54
CA CYS B 68 -9.89 13.54 28.46
C CYS B 68 -10.53 13.79 29.81
N GLY B 69 -9.79 13.51 30.88
CA GLY B 69 -10.34 13.61 32.23
C GLY B 69 -11.49 12.63 32.42
N MET B 70 -11.23 11.36 32.10
CA MET B 70 -12.20 10.30 32.35
C MET B 70 -12.40 10.12 33.85
N GLU B 71 -11.46 10.64 34.63
CA GLU B 71 -11.51 10.59 36.08
C GLU B 71 -12.80 11.23 36.59
N LYS B 72 -13.20 12.34 35.98
CA LYS B 72 -14.39 13.07 36.37
C LYS B 72 -15.62 12.71 35.52
N ALA B 73 -15.52 11.65 34.73
CA ALA B 73 -16.57 11.28 33.79
C ALA B 73 -17.66 10.39 34.42
N ASP B 74 -18.91 10.66 34.04
CA ASP B 74 -20.05 9.83 34.40
C ASP B 74 -20.28 8.78 33.33
N MET B 75 -20.01 9.16 32.09
CA MET B 75 -20.17 8.28 30.94
C MET B 75 -19.04 8.42 29.94
N VAL B 76 -18.51 7.28 29.52
CA VAL B 76 -17.58 7.23 28.41
C VAL B 76 -18.25 6.46 27.28
N PHE B 77 -18.30 7.08 26.10
CA PHE B 77 -18.75 6.42 24.90
C PHE B 77 -17.57 6.11 24.00
N ALA B 78 -17.24 4.83 23.88
CA ALA B 78 -16.23 4.41 22.92
C ALA B 78 -16.94 4.25 21.60
N PHE B 79 -16.78 5.22 20.71
CA PHE B 79 -17.56 5.25 19.48
C PHE B 79 -16.78 5.49 18.18
N THR B 80 -15.55 4.99 18.13
CA THR B 80 -14.77 5.03 16.89
C THR B 80 -15.22 3.90 15.97
N ASN B 81 -14.73 3.92 14.73
CA ASN B 81 -15.05 2.88 13.76
C ASN B 81 -14.31 1.57 13.98
N ASP B 82 -13.42 1.55 14.96
CA ASP B 82 -12.64 0.35 15.24
C ASP B 82 -13.09 -0.33 16.53
N ASP B 83 -13.42 -1.61 16.44
CA ASP B 83 -13.90 -2.38 17.58
C ASP B 83 -12.80 -2.45 18.63
N SER B 84 -11.62 -2.88 18.21
CA SER B 84 -10.48 -3.04 19.11
C SER B 84 -10.14 -1.72 19.80
N THR B 85 -10.16 -0.63 19.04
CA THR B 85 -9.95 0.68 19.61
C THR B 85 -11.03 0.97 20.64
N ASN B 86 -12.30 0.88 20.24
CA ASN B 86 -13.41 1.05 21.17
C ASN B 86 -13.33 0.14 22.39
N PHE B 87 -12.88 -1.10 22.17
CA PHE B 87 -12.64 -2.01 23.28
C PHE B 87 -11.57 -1.46 24.23
N PHE B 88 -10.45 -1.07 23.66
CA PHE B 88 -9.34 -0.53 24.43
C PHE B 88 -9.76 0.71 25.18
N ILE B 89 -10.46 1.61 24.51
CA ILE B 89 -10.96 2.82 25.14
C ILE B 89 -11.77 2.42 26.37
N SER B 90 -12.72 1.49 26.18
CA SER B 90 -13.63 1.04 27.24
C SER B 90 -12.88 0.46 28.43
N MET B 91 -11.90 -0.38 28.14
CA MET B 91 -11.13 -1.07 29.17
C MET B 91 -10.40 -0.07 30.04
N ASN B 92 -9.83 0.94 29.39
CA ASN B 92 -9.19 2.02 30.14
C ASN B 92 -10.20 2.78 30.99
N ALA B 93 -11.34 3.10 30.39
CA ALA B 93 -12.43 3.77 31.11
C ALA B 93 -12.83 2.94 32.34
N ARG B 94 -13.09 1.65 32.13
CA ARG B 94 -13.59 0.81 33.20
C ARG B 94 -12.52 0.48 34.23
N TYR B 95 -11.34 0.07 33.79
CA TYR B 95 -10.32 -0.48 34.71
C TYR B 95 -9.20 0.46 35.08
N MET B 96 -9.06 1.56 34.34
CA MET B 96 -7.97 2.50 34.58
C MET B 96 -8.44 3.86 35.13
N PHE B 97 -9.69 4.20 34.88
CA PHE B 97 -10.27 5.45 35.33
C PHE B 97 -11.55 5.20 36.12
N ASN B 98 -11.83 3.92 36.32
CA ASN B 98 -13.07 3.42 36.94
C ASN B 98 -14.34 4.24 36.68
N VAL B 99 -14.65 4.38 35.39
CA VAL B 99 -15.88 5.05 34.96
C VAL B 99 -17.02 4.05 35.13
N GLU B 100 -18.08 4.51 35.80
CA GLU B 100 -19.23 3.66 36.13
C GLU B 100 -19.96 3.17 34.88
N ASN B 101 -20.30 4.10 34.01
CA ASN B 101 -20.96 3.77 32.75
C ASN B 101 -20.02 3.88 31.55
N VAL B 102 -19.75 2.76 30.91
CA VAL B 102 -19.02 2.77 29.64
C VAL B 102 -19.80 2.07 28.51
N ILE B 103 -20.09 2.82 27.46
CA ILE B 103 -20.86 2.31 26.34
C ILE B 103 -19.97 2.23 25.09
N ALA B 104 -19.96 1.06 24.45
CA ALA B 104 -19.13 0.84 23.27
C ALA B 104 -19.91 0.54 22.01
N ARG B 105 -19.50 1.18 20.92
CA ARG B 105 -20.03 0.90 19.61
C ARG B 105 -19.27 -0.30 19.07
N VAL B 106 -19.95 -1.42 18.91
CA VAL B 106 -19.32 -2.66 18.47
C VAL B 106 -19.90 -3.12 17.14
N TYR B 107 -19.07 -3.21 16.11
CA TYR B 107 -19.54 -3.57 14.78
C TYR B 107 -19.77 -5.07 14.65
N ASP B 108 -18.71 -5.85 14.90
CA ASP B 108 -18.78 -7.30 14.81
C ASP B 108 -19.57 -7.85 15.98
N PRO B 109 -20.77 -8.40 15.69
CA PRO B 109 -21.67 -8.90 16.73
C PRO B 109 -21.06 -10.01 17.57
N GLU B 110 -20.10 -10.75 17.01
CA GLU B 110 -19.43 -11.81 17.75
C GLU B 110 -18.55 -11.25 18.87
N LYS B 111 -18.15 -9.98 18.72
CA LYS B 111 -17.29 -9.32 19.70
C LYS B 111 -18.06 -8.79 20.90
N ILE B 112 -19.36 -8.56 20.70
CA ILE B 112 -20.23 -8.01 21.73
C ILE B 112 -19.99 -8.70 23.07
N LYS B 113 -19.93 -10.04 23.04
CA LYS B 113 -19.79 -10.84 24.28
C LYS B 113 -18.60 -10.42 25.14
N ILE B 114 -17.41 -10.27 24.54
CA ILE B 114 -16.18 -10.00 25.30
C ILE B 114 -16.17 -8.60 25.91
N PHE B 115 -17.03 -7.72 25.40
CA PHE B 115 -17.22 -6.40 26.00
C PHE B 115 -18.02 -6.55 27.27
N GLU B 116 -19.20 -7.16 27.17
CA GLU B 116 -20.09 -7.32 28.30
C GLU B 116 -19.44 -8.20 29.37
N GLU B 117 -18.57 -9.11 28.96
CA GLU B 117 -17.82 -9.94 29.90
C GLU B 117 -16.80 -9.10 30.68
N ASN B 118 -16.61 -7.86 30.24
CA ASN B 118 -15.80 -6.89 30.96
C ASN B 118 -16.67 -5.76 31.49
N GLY B 119 -17.98 -5.96 31.40
CA GLY B 119 -18.96 -5.00 31.90
C GLY B 119 -18.95 -3.69 31.12
N ILE B 120 -18.95 -3.81 29.80
CA ILE B 120 -19.04 -2.66 28.92
C ILE B 120 -20.33 -2.78 28.11
N LYS B 121 -21.31 -1.93 28.41
CA LYS B 121 -22.54 -1.88 27.62
C LYS B 121 -22.20 -1.59 26.15
N THR B 122 -22.94 -2.21 25.23
CA THR B 122 -22.60 -2.15 23.79
C THR B 122 -23.76 -1.76 22.91
N ILE B 123 -23.48 -0.90 21.95
CA ILE B 123 -24.45 -0.56 20.93
C ILE B 123 -23.95 -1.15 19.61
N CYS B 124 -24.63 -2.18 19.13
CA CYS B 124 -24.21 -2.87 17.92
C CYS B 124 -25.22 -2.65 16.82
N PRO B 125 -24.77 -2.09 15.69
CA PRO B 125 -25.63 -1.74 14.56
C PRO B 125 -26.28 -2.98 13.92
N ALA B 126 -25.51 -4.05 13.76
CA ALA B 126 -26.02 -5.29 13.23
C ALA B 126 -27.11 -5.84 14.12
N VAL B 127 -26.90 -5.77 15.44
CA VAL B 127 -27.89 -6.23 16.41
C VAL B 127 -29.15 -5.36 16.37
N LEU B 128 -28.97 -4.07 16.11
CA LEU B 128 -30.07 -3.12 15.95
C LEU B 128 -30.82 -3.36 14.65
N MET B 129 -30.10 -3.78 13.61
CA MET B 129 -30.69 -3.97 12.30
C MET B 129 -31.60 -5.20 12.21
N ILE B 130 -31.15 -6.31 12.81
CA ILE B 130 -31.89 -7.57 12.81
C ILE B 130 -33.33 -7.32 13.25
N GLU B 131 -33.53 -6.29 14.07
CA GLU B 131 -34.87 -5.87 14.49
C GLU B 131 -35.69 -5.37 13.30
N LYS B 132 -35.14 -4.38 12.59
CA LYS B 132 -35.82 -3.79 11.45
C LYS B 132 -35.97 -4.75 10.26
N VAL B 133 -34.92 -5.52 9.98
CA VAL B 133 -34.94 -6.53 8.92
C VAL B 133 -35.96 -7.64 9.21
N LYS B 134 -36.43 -7.71 10.44
CA LYS B 134 -37.47 -8.66 10.83
C LYS B 134 -38.82 -8.25 10.20
N GLU B 135 -39.07 -6.93 10.17
CA GLU B 135 -40.31 -6.38 9.61
C GLU B 135 -40.45 -6.65 8.12
N MET C 1 24.00 18.07 19.94
CA MET C 1 23.61 16.63 19.90
C MET C 1 22.10 16.48 19.76
N LYS C 2 21.69 15.77 18.72
CA LYS C 2 20.29 15.40 18.54
C LYS C 2 20.19 13.90 18.39
N VAL C 3 19.01 13.36 18.69
CA VAL C 3 18.76 11.94 18.56
C VAL C 3 18.10 11.70 17.22
N ILE C 4 18.85 11.12 16.29
CA ILE C 4 18.35 10.81 14.95
C ILE C 4 17.71 9.41 14.98
N ILE C 5 16.39 9.38 14.96
CA ILE C 5 15.67 8.13 14.88
C ILE C 5 15.47 7.81 13.38
N ILE C 6 16.13 6.76 12.90
CA ILE C 6 16.09 6.39 11.47
C ILE C 6 15.09 5.28 11.17
N GLY C 7 13.81 5.66 11.11
CA GLY C 7 12.71 4.84 10.60
C GLY C 7 12.33 3.62 11.40
N GLY C 8 11.04 3.32 11.45
CA GLY C 8 10.58 2.14 12.15
C GLY C 8 9.12 2.20 12.56
N GLU C 9 8.31 2.79 11.70
CA GLU C 9 6.88 2.93 11.96
C GLU C 9 6.56 3.26 13.44
N THR C 10 5.82 2.39 14.11
CA THR C 10 5.20 2.73 15.40
C THR C 10 6.18 2.89 16.56
N THR C 11 7.13 1.97 16.65
CA THR C 11 8.13 2.06 17.71
C THR C 11 8.96 3.34 17.56
N ALA C 12 9.17 3.78 16.32
CA ALA C 12 9.88 5.03 16.04
C ALA C 12 9.09 6.22 16.57
N TYR C 13 7.76 6.16 16.48
CA TYR C 13 6.91 7.18 17.08
C TYR C 13 7.15 7.26 18.59
N TYR C 14 6.87 6.19 19.32
CA TYR C 14 6.94 6.21 20.78
C TYR C 14 8.33 6.51 21.35
N LEU C 15 9.38 6.15 20.61
CA LEU C 15 10.74 6.57 20.96
C LEU C 15 10.88 8.09 20.81
N ALA C 16 10.37 8.63 19.69
CA ALA C 16 10.45 10.05 19.42
C ALA C 16 9.70 10.80 20.51
N ARG C 17 8.53 10.29 20.88
CA ARG C 17 7.69 10.87 21.93
C ARG C 17 8.45 10.83 23.25
N SER C 18 9.16 9.74 23.49
CA SER C 18 9.96 9.58 24.70
C SER C 18 11.14 10.57 24.75
N MET C 19 11.92 10.60 23.68
CA MET C 19 13.07 11.50 23.56
C MET C 19 12.69 12.96 23.74
N LEU C 20 11.65 13.39 23.03
CA LEU C 20 11.15 14.73 23.16
C LEU C 20 10.78 15.06 24.61
N SER C 21 10.12 14.12 25.28
CA SER C 21 9.72 14.32 26.66
C SER C 21 10.92 14.40 27.57
N ARG C 22 12.02 13.78 27.15
CA ARG C 22 13.27 13.86 27.87
C ARG C 22 14.08 15.08 27.43
N LYS C 23 13.38 16.06 26.88
CA LYS C 23 13.95 17.37 26.50
C LYS C 23 15.13 17.25 25.53
N TYR C 24 15.13 16.20 24.71
CA TYR C 24 16.13 16.02 23.66
C TYR C 24 15.64 16.60 22.34
N GLY C 25 16.56 16.72 21.38
CA GLY C 25 16.20 17.11 20.02
C GLY C 25 16.10 15.88 19.15
N VAL C 26 15.04 15.76 18.37
CA VAL C 26 14.81 14.56 17.57
C VAL C 26 14.67 14.82 16.06
N VAL C 27 15.42 14.05 15.28
CA VAL C 27 15.23 14.00 13.84
C VAL C 27 14.68 12.64 13.50
N ILE C 28 13.46 12.61 12.99
CA ILE C 28 12.87 11.37 12.49
C ILE C 28 13.19 11.30 10.99
N ILE C 29 13.82 10.22 10.58
CA ILE C 29 14.13 9.99 9.17
C ILE C 29 13.40 8.73 8.71
N ASN C 30 12.27 8.91 8.04
CA ASN C 30 11.46 7.76 7.63
C ASN C 30 11.14 7.76 6.14
N LYS C 31 11.09 6.57 5.54
CA LYS C 31 10.85 6.47 4.11
C LYS C 31 9.37 6.40 3.74
N ASP C 32 8.51 6.29 4.75
CA ASP C 32 7.06 6.25 4.53
C ASP C 32 6.41 7.64 4.53
N ARG C 33 6.19 8.19 3.33
CA ARG C 33 5.58 9.52 3.15
C ARG C 33 4.32 9.70 4.00
N GLU C 34 3.49 8.65 4.05
CA GLU C 34 2.23 8.68 4.81
C GLU C 34 2.50 8.85 6.31
N LEU C 35 3.36 7.99 6.84
CA LEU C 35 3.74 8.02 8.25
C LEU C 35 4.52 9.29 8.62
N CYS C 36 5.31 9.81 7.68
CA CYS C 36 6.03 11.06 7.90
C CYS C 36 5.09 12.21 8.17
N GLU C 37 4.00 12.27 7.41
CA GLU C 37 2.99 13.32 7.54
C GLU C 37 2.24 13.20 8.86
N GLU C 38 1.94 11.96 9.26
CA GLU C 38 1.31 11.69 10.55
C GLU C 38 2.22 12.11 11.71
N PHE C 39 3.50 11.81 11.61
CA PHE C 39 4.50 12.24 12.60
C PHE C 39 4.57 13.75 12.66
N ALA C 40 4.87 14.37 11.52
CA ALA C 40 4.98 15.80 11.42
C ALA C 40 3.88 16.47 12.25
N LYS C 41 2.65 15.99 12.10
CA LYS C 41 1.49 16.57 12.78
C LYS C 41 1.50 16.30 14.29
N LYS C 42 1.84 15.08 14.68
CA LYS C 42 1.77 14.66 16.07
C LYS C 42 3.02 15.04 16.88
N LEU C 43 4.17 14.55 16.45
CA LEU C 43 5.43 14.75 17.19
C LEU C 43 6.08 16.09 16.83
N LYS C 44 6.66 16.75 17.83
CA LYS C 44 7.28 18.07 17.63
C LYS C 44 8.78 17.94 17.29
N ALA C 45 9.07 17.12 16.29
CA ALA C 45 10.43 16.85 15.88
C ALA C 45 10.63 17.28 14.42
N THR C 46 11.83 17.04 13.90
CA THR C 46 12.14 17.30 12.49
C THR C 46 11.95 16.02 11.69
N ILE C 47 10.98 16.01 10.79
CA ILE C 47 10.69 14.81 10.02
C ILE C 47 11.21 14.92 8.59
N ILE C 48 12.23 14.13 8.29
CA ILE C 48 12.85 14.07 6.99
C ILE C 48 12.37 12.79 6.31
N HIS C 49 11.53 12.92 5.30
CA HIS C 49 11.06 11.77 4.54
C HIS C 49 12.11 11.33 3.52
N GLY C 50 12.54 10.08 3.63
CA GLY C 50 13.58 9.55 2.75
C GLY C 50 14.35 8.36 3.31
N ASP C 51 15.12 7.74 2.43
CA ASP C 51 15.85 6.52 2.74
C ASP C 51 17.07 6.83 3.56
N GLY C 52 17.09 6.36 4.80
CA GLY C 52 18.19 6.57 5.74
C GLY C 52 19.54 6.06 5.26
N SER C 53 19.54 5.12 4.33
CA SER C 53 20.77 4.56 3.80
C SER C 53 21.41 5.44 2.73
N HIS C 54 20.67 6.46 2.28
CA HIS C 54 21.18 7.40 1.28
C HIS C 54 21.96 8.54 1.94
N LYS C 55 23.24 8.64 1.61
CA LYS C 55 24.11 9.71 2.11
C LYS C 55 23.42 11.06 2.07
N GLU C 56 22.75 11.34 0.95
CA GLU C 56 22.04 12.61 0.72
C GLU C 56 20.99 12.89 1.78
N ILE C 57 20.14 11.90 2.07
CA ILE C 57 19.11 12.05 3.09
C ILE C 57 19.74 12.35 4.45
N LEU C 58 20.75 11.56 4.82
CA LEU C 58 21.51 11.79 6.06
C LEU C 58 22.13 13.19 6.12
N ARG C 59 22.60 13.69 4.97
CA ARG C 59 23.11 15.06 4.87
C ARG C 59 22.00 16.07 5.14
N ASP C 60 20.81 15.78 4.63
CA ASP C 60 19.64 16.64 4.82
C ASP C 60 19.23 16.67 6.28
N ALA C 61 19.32 15.52 6.94
CA ALA C 61 19.05 15.42 8.37
C ALA C 61 20.12 16.12 9.20
N GLU C 62 21.26 16.39 8.57
CA GLU C 62 22.42 17.02 9.21
C GLU C 62 22.93 16.17 10.37
N VAL C 63 23.18 14.88 10.10
CA VAL C 63 23.70 13.98 11.12
C VAL C 63 25.13 14.40 11.46
N SER C 64 25.34 14.82 12.71
CA SER C 64 26.63 15.32 13.16
C SER C 64 27.41 14.26 13.94
N LYS C 65 28.73 14.43 14.02
CA LYS C 65 29.61 13.54 14.76
C LYS C 65 29.07 13.17 16.14
N ASN C 66 28.52 14.17 16.84
CA ASN C 66 28.02 13.98 18.20
C ASN C 66 26.58 13.49 18.35
N ASP C 67 25.83 13.51 17.25
CA ASP C 67 24.46 13.01 17.24
C ASP C 67 24.40 11.53 17.58
N VAL C 68 23.26 11.10 18.12
CA VAL C 68 23.04 9.69 18.39
C VAL C 68 22.05 9.16 17.39
N VAL C 69 22.54 8.36 16.46
CA VAL C 69 21.68 7.74 15.45
C VAL C 69 21.12 6.44 16.01
N VAL C 70 19.79 6.33 16.01
CA VAL C 70 19.10 5.10 16.39
C VAL C 70 18.42 4.48 15.17
N ILE C 71 18.89 3.30 14.80
CA ILE C 71 18.40 2.62 13.61
C ILE C 71 17.41 1.55 14.06
N LEU C 72 16.16 1.67 13.65
CA LEU C 72 15.09 0.79 14.13
C LEU C 72 14.42 -0.03 13.02
N THR C 73 15.09 -0.18 11.89
CA THR C 73 14.50 -0.88 10.75
C THR C 73 14.42 -2.38 10.99
N PRO C 74 13.43 -3.05 10.37
CA PRO C 74 13.22 -4.49 10.52
C PRO C 74 14.21 -5.32 9.72
N ARG C 75 15.00 -4.67 8.87
CA ARG C 75 16.01 -5.35 8.06
C ARG C 75 17.43 -5.13 8.59
N ASP C 76 18.02 -6.17 9.16
CA ASP C 76 19.37 -6.11 9.74
C ASP C 76 20.43 -5.72 8.73
N GLU C 77 20.33 -6.26 7.51
CA GLU C 77 21.25 -5.91 6.43
C GLU C 77 21.28 -4.40 6.17
N VAL C 78 20.11 -3.78 6.28
CA VAL C 78 19.98 -2.33 6.15
C VAL C 78 20.54 -1.66 7.41
N ASN C 79 20.08 -2.07 8.58
CA ASN C 79 20.57 -1.49 9.82
C ASN C 79 22.09 -1.42 9.87
N LEU C 80 22.76 -2.54 9.63
CA LEU C 80 24.23 -2.60 9.68
C LEU C 80 24.84 -1.60 8.71
N PHE C 81 24.23 -1.49 7.53
CA PHE C 81 24.67 -0.49 6.56
C PHE C 81 24.43 0.93 7.09
N ILE C 82 23.16 1.27 7.32
CA ILE C 82 22.82 2.59 7.82
C ILE C 82 23.78 2.96 8.97
N ALA C 83 24.12 1.98 9.80
CA ALA C 83 25.06 2.15 10.92
C ALA C 83 26.44 2.52 10.43
N GLN C 84 27.05 1.65 9.62
CA GLN C 84 28.39 1.90 9.08
C GLN C 84 28.45 3.23 8.34
N LEU C 85 27.39 3.53 7.58
CA LEU C 85 27.33 4.77 6.82
C LEU C 85 27.40 5.96 7.75
N VAL C 86 26.60 5.92 8.81
CA VAL C 86 26.58 6.97 9.81
C VAL C 86 27.91 7.02 10.57
N MET C 87 28.50 5.84 10.82
CA MET C 87 29.72 5.76 11.62
C MET C 87 30.98 6.17 10.86
N LYS C 88 31.14 5.65 9.65
CA LYS C 88 32.35 5.89 8.88
C LYS C 88 32.30 7.22 8.11
N ASP C 89 31.20 7.45 7.39
CA ASP C 89 31.08 8.63 6.53
C ASP C 89 30.62 9.90 7.22
N PHE C 90 30.03 9.77 8.39
CA PHE C 90 29.51 10.93 9.11
C PHE C 90 30.17 11.10 10.47
N GLY C 91 30.91 10.08 10.89
CA GLY C 91 31.67 10.13 12.13
C GLY C 91 30.82 10.06 13.40
N VAL C 92 29.66 9.44 13.28
CA VAL C 92 28.80 9.26 14.44
C VAL C 92 29.38 8.17 15.34
N LYS C 93 29.71 8.57 16.56
CA LYS C 93 30.28 7.66 17.54
C LYS C 93 29.19 6.83 18.20
N ARG C 94 28.07 7.47 18.51
CA ARG C 94 27.02 6.79 19.25
C ARG C 94 25.92 6.28 18.32
N VAL C 95 25.91 4.97 18.07
CA VAL C 95 24.86 4.35 17.24
C VAL C 95 24.12 3.27 18.01
N VAL C 96 22.80 3.37 18.05
CA VAL C 96 21.95 2.35 18.67
C VAL C 96 21.12 1.70 17.57
N SER C 97 21.14 0.38 17.51
CA SER C 97 20.38 -0.33 16.49
C SER C 97 19.52 -1.47 17.03
N LEU C 98 18.34 -1.63 16.43
CA LEU C 98 17.54 -2.82 16.62
C LEU C 98 18.22 -3.90 15.82
N VAL C 99 18.30 -5.10 16.38
CA VAL C 99 18.79 -6.26 15.62
C VAL C 99 17.77 -7.40 15.70
N ASN C 100 17.14 -7.68 14.57
CA ASN C 100 16.03 -8.63 14.53
C ASN C 100 16.44 -10.07 14.81
N ASP C 101 17.36 -10.60 14.00
CA ASP C 101 17.86 -11.96 14.14
C ASP C 101 18.81 -12.02 15.33
N PRO C 102 18.45 -12.78 16.37
CA PRO C 102 19.34 -12.93 17.52
C PRO C 102 20.73 -13.35 17.07
N GLY C 103 20.80 -14.09 15.96
CA GLY C 103 22.08 -14.55 15.41
C GLY C 103 22.96 -13.39 14.97
N ASN C 104 22.33 -12.30 14.55
CA ASN C 104 23.06 -11.15 14.02
C ASN C 104 23.57 -10.20 15.09
N MET C 105 23.20 -10.43 16.35
CA MET C 105 23.64 -9.59 17.46
C MET C 105 25.15 -9.45 17.52
N GLU C 106 25.83 -10.57 17.24
CA GLU C 106 27.30 -10.68 17.35
C GLU C 106 28.04 -9.73 16.42
N ILE C 107 27.75 -9.80 15.12
CA ILE C 107 28.42 -8.95 14.13
C ILE C 107 28.21 -7.46 14.41
N PHE C 108 27.02 -7.12 14.93
CA PHE C 108 26.73 -5.74 15.29
C PHE C 108 27.61 -5.27 16.45
N LYS C 109 27.79 -6.15 17.44
CA LYS C 109 28.71 -5.90 18.54
C LYS C 109 30.14 -5.77 18.00
N LYS C 110 30.56 -6.77 17.23
CA LYS C 110 31.89 -6.79 16.61
C LYS C 110 32.17 -5.49 15.83
N MET C 111 31.17 -4.97 15.13
CA MET C 111 31.34 -3.71 14.39
C MET C 111 31.33 -2.48 15.27
N GLY C 112 30.89 -2.63 16.51
CA GLY C 112 30.89 -1.53 17.46
C GLY C 112 29.63 -0.69 17.48
N ILE C 113 28.59 -1.17 16.81
CA ILE C 113 27.27 -0.60 17.02
C ILE C 113 26.75 -1.14 18.35
N THR C 114 26.26 -0.25 19.22
CA THR C 114 25.59 -0.69 20.45
C THR C 114 24.14 -1.07 20.11
N THR C 115 23.66 -2.18 20.67
CA THR C 115 22.38 -2.75 20.27
C THR C 115 21.40 -2.81 21.43
N VAL C 116 20.12 -2.57 21.15
CA VAL C 116 19.10 -2.80 22.16
C VAL C 116 18.97 -4.32 22.35
N LEU C 117 18.68 -4.74 23.59
CA LEU C 117 18.39 -6.14 23.87
C LEU C 117 17.40 -6.69 22.83
N ASN C 118 17.73 -7.84 22.25
CA ASN C 118 16.94 -8.44 21.16
C ASN C 118 15.54 -8.79 21.61
N LEU C 119 14.55 -8.31 20.85
CA LEU C 119 13.15 -8.49 21.23
C LEU C 119 12.80 -9.97 21.28
N THR C 120 13.04 -10.66 20.17
CA THR C 120 12.64 -12.07 20.08
C THR C 120 13.29 -12.92 21.16
N THR C 121 14.46 -12.50 21.64
CA THR C 121 15.09 -13.19 22.77
C THR C 121 14.27 -12.99 24.04
N LEU C 122 13.98 -11.73 24.36
CA LEU C 122 13.13 -11.37 25.50
C LEU C 122 11.80 -12.09 25.44
N ILE C 123 11.14 -11.99 24.28
CA ILE C 123 9.88 -12.72 24.06
C ILE C 123 10.03 -14.21 24.37
N THR C 124 11.10 -14.82 23.87
CA THR C 124 11.35 -16.25 24.08
C THR C 124 11.57 -16.55 25.55
N ASN C 125 12.35 -15.70 26.22
CA ASN C 125 12.60 -15.85 27.65
C ASN C 125 11.33 -15.72 28.47
N THR C 126 10.47 -14.78 28.07
CA THR C 126 9.21 -14.53 28.75
C THR C 126 8.23 -15.68 28.54
N VAL C 127 8.14 -16.14 27.30
CA VAL C 127 7.24 -17.25 26.94
C VAL C 127 7.67 -18.52 27.63
N GLU C 128 8.97 -18.84 27.57
CA GLU C 128 9.47 -20.07 28.20
C GLU C 128 9.35 -20.01 29.73
N ALA C 129 9.39 -18.81 30.29
CA ALA C 129 9.15 -18.63 31.72
C ALA C 129 7.71 -18.98 32.09
N LEU C 130 6.78 -18.66 31.20
CA LEU C 130 5.37 -18.95 31.45
C LEU C 130 5.05 -20.43 31.31
N ILE C 131 5.68 -21.09 30.34
CA ILE C 131 5.48 -22.53 30.13
C ILE C 131 6.10 -23.35 31.27
N PHE C 132 7.32 -22.99 31.66
CA PHE C 132 8.00 -23.63 32.79
C PHE C 132 8.36 -22.59 33.84
N PRO C 133 7.45 -22.35 34.81
CA PRO C 133 7.68 -21.29 35.80
C PRO C 133 8.63 -21.71 36.92
N ASP C 134 8.79 -23.02 37.12
CA ASP C 134 9.61 -23.54 38.20
C ASP C 134 10.98 -24.02 37.72
N GLU C 135 11.58 -23.24 36.83
CA GLU C 135 12.93 -23.50 36.34
C GLU C 135 13.64 -22.17 36.08
N PHE C 136 14.94 -22.11 36.39
CA PHE C 136 15.70 -20.86 36.29
C PHE C 136 15.63 -20.24 34.90
N SER C 137 14.75 -19.24 34.74
CA SER C 137 14.55 -18.55 33.46
C SER C 137 15.38 -17.27 33.37
N SER C 138 16.08 -17.11 32.24
CA SER C 138 16.99 -15.97 32.03
C SER C 138 16.25 -14.67 31.78
N ILE C 139 16.62 -13.61 32.50
CA ILE C 139 16.05 -12.27 32.34
C ILE C 139 16.65 -11.53 31.14
N ILE C 140 17.32 -10.41 31.40
CA ILE C 140 18.01 -9.65 30.38
C ILE C 140 19.50 -9.86 30.55
N PRO C 141 20.18 -10.40 29.52
CA PRO C 141 21.62 -10.71 29.56
C PRO C 141 22.51 -9.49 29.80
N LEU C 142 23.38 -9.59 30.79
CA LEU C 142 24.30 -8.50 31.14
C LEU C 142 25.49 -8.42 30.16
N GLU C 143 26.71 -8.32 30.68
CA GLU C 143 27.90 -8.28 29.84
C GLU C 143 28.16 -9.64 29.19
N GLN C 144 28.81 -9.62 28.02
CA GLN C 144 29.09 -10.83 27.24
C GLN C 144 29.80 -11.91 28.06
N GLY C 145 29.04 -12.91 28.50
CA GLY C 145 29.58 -14.00 29.31
C GLY C 145 29.04 -14.04 30.72
N ILE C 146 28.04 -13.20 31.00
CA ILE C 146 27.37 -13.14 32.30
C ILE C 146 25.87 -12.94 32.13
N GLU C 147 25.09 -13.99 32.41
CA GLU C 147 23.63 -13.95 32.28
C GLU C 147 22.95 -13.62 33.61
N PHE C 148 21.78 -13.02 33.54
CA PHE C 148 21.01 -12.59 34.71
C PHE C 148 19.71 -13.37 34.80
N LEU C 149 19.77 -14.53 35.45
CA LEU C 149 18.62 -15.44 35.53
C LEU C 149 17.76 -15.18 36.77
N SER C 150 16.63 -15.88 36.85
CA SER C 150 15.70 -15.80 37.98
C SER C 150 14.95 -17.12 38.19
N VAL C 151 14.76 -17.50 39.45
CA VAL C 151 14.02 -18.72 39.79
C VAL C 151 13.02 -18.49 40.93
N ASN C 152 11.90 -19.21 40.89
CA ASN C 152 10.90 -19.17 41.97
C ASN C 152 11.02 -20.35 42.92
N VAL C 153 10.97 -20.07 44.21
CA VAL C 153 11.11 -21.11 45.24
C VAL C 153 9.82 -21.95 45.36
N GLU C 154 9.93 -23.22 44.95
CA GLU C 154 8.81 -24.16 45.05
C GLU C 154 8.72 -24.71 46.46
N GLU C 155 7.50 -25.01 46.89
CA GLU C 155 7.26 -25.52 48.24
C GLU C 155 8.06 -26.79 48.53
N ASP C 156 8.04 -27.73 47.60
CA ASP C 156 8.72 -29.02 47.75
C ASP C 156 10.20 -28.97 47.34
N SER C 157 10.71 -27.76 47.13
CA SER C 157 12.08 -27.56 46.68
C SER C 157 13.07 -27.74 47.83
N PRO C 158 14.32 -28.15 47.51
CA PRO C 158 15.36 -28.30 48.52
C PRO C 158 15.84 -26.98 49.11
N VAL C 159 15.81 -25.91 48.30
CA VAL C 159 16.29 -24.58 48.69
C VAL C 159 15.48 -23.94 49.82
N VAL C 160 14.20 -24.33 49.92
CA VAL C 160 13.32 -23.84 50.98
C VAL C 160 13.82 -24.29 52.35
N GLY C 161 13.92 -23.34 53.27
CA GLY C 161 14.36 -23.62 54.64
C GLY C 161 15.86 -23.71 54.79
N LYS C 162 16.58 -23.13 53.83
CA LYS C 162 18.05 -23.11 53.86
C LYS C 162 18.57 -21.69 54.00
N LYS C 163 19.63 -21.53 54.80
CA LYS C 163 20.29 -20.25 54.98
C LYS C 163 21.11 -19.88 53.73
N LEU C 164 21.08 -18.61 53.35
CA LEU C 164 21.78 -18.12 52.16
C LEU C 164 23.29 -18.26 52.31
N LYS C 165 23.75 -18.23 53.55
CA LYS C 165 25.14 -18.52 53.87
C LYS C 165 25.43 -20.01 53.69
N ASP C 166 24.49 -20.84 54.15
CA ASP C 166 24.65 -22.29 54.11
C ASP C 166 24.54 -22.86 52.70
N LEU C 167 23.89 -22.12 51.81
CA LEU C 167 23.79 -22.53 50.40
C LEU C 167 25.16 -22.49 49.73
N PRO C 168 25.60 -23.65 49.17
CA PRO C 168 26.91 -23.74 48.54
C PRO C 168 26.85 -23.37 47.05
N LEU C 169 26.90 -22.08 46.76
CA LEU C 169 26.92 -21.57 45.38
C LEU C 169 28.36 -21.43 44.87
N PRO C 170 28.56 -21.64 43.55
CA PRO C 170 29.90 -21.53 42.94
C PRO C 170 30.48 -20.11 43.02
N ARG C 171 31.79 -20.01 42.79
CA ARG C 171 32.55 -18.76 42.99
C ARG C 171 32.04 -17.58 42.17
N ASP C 172 31.70 -17.83 40.90
CA ASP C 172 31.30 -16.76 40.01
C ASP C 172 29.78 -16.57 39.92
N SER C 173 29.08 -16.88 41.01
CA SER C 173 27.62 -16.70 41.10
C SER C 173 27.24 -15.82 42.28
N ILE C 174 26.24 -14.97 42.07
CA ILE C 174 25.73 -14.09 43.13
C ILE C 174 24.21 -14.14 43.20
N ILE C 175 23.66 -14.51 44.37
CA ILE C 175 22.22 -14.42 44.61
C ILE C 175 21.89 -12.96 44.90
N ALA C 176 21.68 -12.20 43.83
CA ALA C 176 21.63 -10.73 43.85
C ALA C 176 20.53 -10.14 44.73
N ALA C 177 19.30 -10.60 44.54
CA ALA C 177 18.15 -10.07 45.28
C ALA C 177 17.02 -11.08 45.43
N ILE C 178 16.50 -11.21 46.66
CA ILE C 178 15.30 -12.01 46.92
C ILE C 178 14.07 -11.10 46.91
N VAL C 179 12.97 -11.60 46.36
CA VAL C 179 11.74 -10.82 46.26
C VAL C 179 10.56 -11.58 46.86
N ARG C 180 10.31 -11.34 48.14
CA ARG C 180 9.26 -12.03 48.90
C ARG C 180 7.93 -11.28 48.82
N GLY C 181 7.02 -11.81 48.00
CA GLY C 181 5.69 -11.24 47.83
C GLY C 181 5.66 -9.80 47.37
N GLY C 182 6.45 -9.49 46.35
CA GLY C 182 6.55 -8.13 45.83
C GLY C 182 7.25 -7.15 46.75
N VAL C 183 8.24 -7.65 47.49
CA VAL C 183 9.07 -6.83 48.36
C VAL C 183 10.52 -7.28 48.26
N LEU C 184 11.42 -6.32 48.04
CA LEU C 184 12.86 -6.62 47.90
C LEU C 184 13.47 -6.97 49.24
N VAL C 185 14.17 -8.10 49.28
CA VAL C 185 14.89 -8.56 50.46
C VAL C 185 16.38 -8.60 50.15
N VAL C 186 17.15 -7.79 50.86
CA VAL C 186 18.60 -7.76 50.71
C VAL C 186 19.22 -9.02 51.31
N PRO C 187 19.80 -9.88 50.46
CA PRO C 187 20.31 -11.17 50.90
C PRO C 187 21.55 -11.08 51.81
N ARG C 188 21.31 -11.15 53.12
CA ARG C 188 22.40 -11.26 54.10
C ARG C 188 22.74 -12.74 54.23
N GLY C 189 23.71 -13.07 55.07
CA GLY C 189 24.07 -14.46 55.35
C GLY C 189 22.93 -15.22 56.00
N ASP C 190 22.42 -14.64 57.09
CA ASP C 190 21.35 -15.25 57.89
C ASP C 190 19.97 -15.20 57.22
N THR C 191 19.94 -14.81 55.95
CA THR C 191 18.70 -14.80 55.18
C THR C 191 18.33 -16.24 54.81
N GLU C 192 17.05 -16.58 55.01
CA GLU C 192 16.55 -17.91 54.69
C GLU C 192 15.52 -17.84 53.56
N ILE C 193 15.64 -18.69 52.56
CA ILE C 193 14.72 -18.70 51.41
C ILE C 193 13.39 -19.40 51.73
N LEU C 194 12.30 -18.64 51.59
CA LEU C 194 10.94 -19.11 51.92
C LEU C 194 10.13 -19.48 50.67
N SER C 195 9.03 -20.20 50.89
CA SER C 195 8.13 -20.63 49.81
C SER C 195 7.41 -19.45 49.16
N GLY C 196 7.19 -19.55 47.85
CA GLY C 196 6.53 -18.50 47.09
C GLY C 196 7.37 -17.25 46.89
N ASP C 197 8.65 -17.36 47.21
CA ASP C 197 9.59 -16.24 47.05
C ASP C 197 10.35 -16.37 45.73
N LYS C 198 10.89 -15.24 45.27
CA LYS C 198 11.52 -15.15 43.95
C LYS C 198 12.94 -14.62 44.07
N LEU C 199 13.92 -15.50 43.85
CA LEU C 199 15.33 -15.14 43.94
C LEU C 199 15.95 -14.85 42.58
N TYR C 200 16.43 -13.63 42.40
CA TYR C 200 17.17 -13.24 41.20
C TYR C 200 18.64 -13.61 41.35
N VAL C 201 19.24 -14.13 40.29
CA VAL C 201 20.63 -14.60 40.34
C VAL C 201 21.44 -14.06 39.17
N ILE C 202 22.66 -13.58 39.47
CA ILE C 202 23.62 -13.23 38.43
C ILE C 202 24.74 -14.28 38.44
N VAL C 203 24.95 -14.94 37.30
CA VAL C 203 25.99 -15.98 37.18
C VAL C 203 26.71 -15.94 35.82
N SER C 204 28.01 -16.24 35.84
CA SER C 204 28.77 -16.39 34.61
C SER C 204 28.42 -17.71 33.94
N ALA C 205 28.37 -17.70 32.62
CA ALA C 205 27.96 -18.87 31.83
C ALA C 205 28.74 -20.14 32.17
N GLU C 206 30.04 -19.98 32.44
CA GLU C 206 30.93 -21.09 32.78
C GLU C 206 30.63 -21.70 34.17
N ALA C 207 29.54 -21.23 34.79
CA ALA C 207 29.14 -21.68 36.13
C ALA C 207 27.62 -21.75 36.29
N LYS C 208 26.89 -21.53 35.21
CA LYS C 208 25.43 -21.51 35.22
C LYS C 208 24.81 -22.87 35.51
N GLU C 209 25.36 -23.91 34.89
CA GLU C 209 24.88 -25.29 35.06
C GLU C 209 24.89 -25.72 36.53
N THR C 210 25.98 -25.42 37.24
CA THR C 210 26.14 -25.81 38.63
C THR C 210 25.30 -24.95 39.56
N VAL C 211 25.18 -23.67 39.23
CA VAL C 211 24.37 -22.73 40.02
C VAL C 211 22.90 -23.16 40.05
N GLU C 212 22.40 -23.61 38.90
CA GLU C 212 21.02 -24.11 38.77
C GLU C 212 20.84 -25.44 39.48
N GLU C 213 21.83 -26.34 39.30
CA GLU C 213 21.82 -27.65 39.93
C GLU C 213 21.74 -27.54 41.46
N THR C 214 22.36 -26.50 42.01
CA THR C 214 22.39 -26.27 43.45
C THR C 214 21.16 -25.52 43.96
N LEU C 215 20.78 -24.44 43.27
CA LEU C 215 19.62 -23.64 43.66
C LEU C 215 18.28 -24.35 43.43
N LEU C 216 18.20 -25.13 42.35
CA LEU C 216 16.99 -25.91 42.04
C LEU C 216 17.24 -27.41 42.17
N MET D 1 0.07 -28.50 24.40
CA MET D 1 0.51 -27.07 24.46
C MET D 1 1.29 -26.66 23.21
N LYS D 2 0.79 -25.64 22.52
CA LYS D 2 1.52 -25.05 21.40
C LYS D 2 1.67 -23.55 21.63
N VAL D 3 2.65 -22.96 20.97
CA VAL D 3 2.88 -21.52 21.05
C VAL D 3 2.21 -20.85 19.85
N ILE D 4 1.11 -20.16 20.11
CA ILE D 4 0.38 -19.43 19.09
C ILE D 4 0.93 -18.01 18.97
N ILE D 5 1.70 -17.77 17.92
CA ILE D 5 2.25 -16.45 17.63
C ILE D 5 1.23 -15.72 16.74
N ILE D 6 0.54 -14.73 17.30
CA ILE D 6 -0.52 -14.03 16.57
C ILE D 6 0.00 -12.75 15.91
N GLY D 7 0.62 -12.92 14.75
CA GLY D 7 0.94 -11.81 13.83
C GLY D 7 1.97 -10.79 14.29
N GLY D 8 2.78 -10.31 13.36
CA GLY D 8 3.79 -9.30 13.68
C GLY D 8 4.98 -9.29 12.74
N GLU D 9 4.71 -9.51 11.46
CA GLU D 9 5.74 -9.49 10.44
C GLU D 9 7.07 -10.16 10.90
N THR D 10 8.16 -9.41 10.88
CA THR D 10 9.49 -9.99 11.00
C THR D 10 9.81 -10.56 12.39
N THR D 11 9.43 -9.83 13.43
CA THR D 11 9.70 -10.31 14.78
C THR D 11 8.94 -11.62 15.03
N ALA D 12 7.77 -11.76 14.40
CA ALA D 12 6.97 -12.99 14.47
C ALA D 12 7.72 -14.15 13.84
N TYR D 13 8.45 -13.88 12.76
CA TYR D 13 9.28 -14.90 12.15
C TYR D 13 10.36 -15.41 13.12
N TYR D 14 11.20 -14.51 13.62
CA TYR D 14 12.33 -14.92 14.46
C TYR D 14 11.92 -15.58 15.76
N LEU D 15 10.75 -15.18 16.29
CA LEU D 15 10.16 -15.84 17.44
C LEU D 15 9.78 -17.26 17.08
N ALA D 16 9.10 -17.41 15.94
CA ALA D 16 8.69 -18.71 15.45
C ALA D 16 9.90 -19.61 15.24
N ARG D 17 10.95 -19.05 14.63
CA ARG D 17 12.22 -19.75 14.44
C ARG D 17 12.82 -20.18 15.78
N SER D 18 12.73 -19.28 16.77
CA SER D 18 13.23 -19.55 18.10
C SER D 18 12.45 -20.67 18.79
N MET D 19 11.13 -20.57 18.76
CA MET D 19 10.25 -21.53 19.41
C MET D 19 10.46 -22.93 18.83
N LEU D 20 10.48 -23.01 17.51
CA LEU D 20 10.68 -24.27 16.85
C LEU D 20 12.01 -24.88 17.24
N SER D 21 13.06 -24.08 17.32
CA SER D 21 14.39 -24.55 17.73
C SER D 21 14.37 -25.05 19.16
N ARG D 22 13.46 -24.50 19.98
CA ARG D 22 13.29 -24.94 21.35
C ARG D 22 12.30 -26.09 21.43
N LYS D 23 12.17 -26.80 20.32
CA LYS D 23 11.35 -28.02 20.21
C LYS D 23 9.89 -27.83 20.64
N TYR D 24 9.37 -26.62 20.48
CA TYR D 24 7.97 -26.32 20.76
C TYR D 24 7.14 -26.46 19.49
N GLY D 25 5.82 -26.47 19.64
CA GLY D 25 4.91 -26.45 18.49
C GLY D 25 4.43 -25.03 18.26
N VAL D 26 4.50 -24.56 17.02
CA VAL D 26 4.12 -23.17 16.70
C VAL D 26 2.95 -23.02 15.72
N VAL D 27 1.96 -22.22 16.10
CA VAL D 27 0.92 -21.78 15.17
C VAL D 27 1.10 -20.29 14.92
N ILE D 28 1.48 -19.95 13.69
CA ILE D 28 1.59 -18.57 13.26
C ILE D 28 0.21 -18.17 12.73
N ILE D 29 -0.38 -17.13 13.31
CA ILE D 29 -1.64 -16.58 12.83
C ILE D 29 -1.40 -15.15 12.33
N ASN D 30 -1.28 -14.98 11.03
CA ASN D 30 -1.00 -13.66 10.46
C ASN D 30 -1.99 -13.24 9.38
N LYS D 31 -2.30 -11.95 9.33
CA LYS D 31 -3.28 -11.46 8.37
C LYS D 31 -2.70 -11.08 7.00
N ASP D 32 -1.38 -11.13 6.88
CA ASP D 32 -0.70 -10.80 5.63
C ASP D 32 -0.50 -12.05 4.76
N ARG D 33 -1.38 -12.23 3.77
CA ARG D 33 -1.31 -13.38 2.85
C ARG D 33 0.07 -13.59 2.25
N GLU D 34 0.73 -12.49 1.89
CA GLU D 34 2.06 -12.52 1.32
C GLU D 34 3.07 -13.11 2.30
N LEU D 35 3.10 -12.54 3.51
CA LEU D 35 4.00 -12.99 4.56
C LEU D 35 3.67 -14.41 5.05
N CYS D 36 2.40 -14.76 5.04
CA CYS D 36 1.99 -16.11 5.40
C CYS D 36 2.62 -17.15 4.50
N GLU D 37 2.64 -16.87 3.20
CA GLU D 37 3.21 -17.79 2.22
C GLU D 37 4.73 -17.89 2.37
N GLU D 38 5.37 -16.77 2.71
CA GLU D 38 6.80 -16.74 2.96
C GLU D 38 7.12 -17.59 4.18
N PHE D 39 6.32 -17.45 5.22
CA PHE D 39 6.48 -18.23 6.45
C PHE D 39 6.31 -19.70 6.15
N ALA D 40 5.13 -20.06 5.61
CA ALA D 40 4.83 -21.42 5.24
C ALA D 40 6.04 -22.12 4.63
N LYS D 41 6.72 -21.44 3.70
CA LYS D 41 7.88 -22.00 3.01
C LYS D 41 9.10 -22.12 3.92
N LYS D 42 9.35 -21.09 4.73
CA LYS D 42 10.56 -21.04 5.54
C LYS D 42 10.41 -21.78 6.87
N LEU D 43 9.43 -21.38 7.67
CA LEU D 43 9.23 -21.91 9.02
C LEU D 43 8.43 -23.21 8.98
N LYS D 44 8.82 -24.19 9.80
CA LYS D 44 8.13 -25.49 9.86
C LYS D 44 7.00 -25.49 10.89
N ALA D 45 6.11 -24.50 10.77
CA ALA D 45 5.02 -24.33 11.72
C ALA D 45 3.70 -24.38 10.99
N THR D 46 2.60 -24.19 11.72
CA THR D 46 1.27 -24.12 11.12
C THR D 46 0.92 -22.67 10.89
N ILE D 47 0.77 -22.29 9.63
CA ILE D 47 0.48 -20.90 9.29
C ILE D 47 -0.99 -20.73 8.92
N ILE D 48 -1.73 -20.04 9.79
CA ILE D 48 -3.14 -19.73 9.55
C ILE D 48 -3.25 -18.25 9.15
N HIS D 49 -3.58 -18.00 7.88
CA HIS D 49 -3.75 -16.63 7.40
C HIS D 49 -5.11 -16.10 7.78
N GLY D 50 -5.13 -14.99 8.49
CA GLY D 50 -6.39 -14.41 8.96
C GLY D 50 -6.24 -13.50 10.16
N ASP D 51 -7.34 -12.81 10.47
CA ASP D 51 -7.37 -11.84 11.57
C ASP D 51 -7.46 -12.53 12.93
N GLY D 52 -6.40 -12.38 13.73
CA GLY D 52 -6.35 -12.98 15.07
C GLY D 52 -7.49 -12.60 16.01
N SER D 53 -8.11 -11.46 15.76
CA SER D 53 -9.18 -10.95 16.60
C SER D 53 -10.52 -11.62 16.30
N HIS D 54 -10.56 -12.37 15.20
CA HIS D 54 -11.79 -13.10 14.79
C HIS D 54 -11.85 -14.45 15.47
N LYS D 55 -12.91 -14.68 16.26
CA LYS D 55 -13.12 -15.94 16.96
C LYS D 55 -12.93 -17.13 16.02
N GLU D 56 -13.46 -17.00 14.81
CA GLU D 56 -13.38 -18.05 13.80
C GLU D 56 -11.94 -18.43 13.46
N ILE D 57 -11.10 -17.43 13.19
CA ILE D 57 -9.69 -17.68 12.90
C ILE D 57 -9.04 -18.42 14.06
N LEU D 58 -9.24 -17.93 15.28
CA LEU D 58 -8.71 -18.57 16.51
C LEU D 58 -9.19 -20.00 16.66
N ARG D 59 -10.45 -20.26 16.28
CA ARG D 59 -11.01 -21.61 16.26
C ARG D 59 -10.27 -22.48 15.26
N ASP D 60 -9.94 -21.91 14.10
CA ASP D 60 -9.19 -22.62 13.06
C ASP D 60 -7.78 -22.97 13.51
N ALA D 61 -7.17 -22.05 14.26
CA ALA D 61 -5.85 -22.27 14.85
C ALA D 61 -5.91 -23.30 15.97
N GLU D 62 -7.13 -23.55 16.46
CA GLU D 62 -7.39 -24.46 17.57
C GLU D 62 -6.65 -24.03 18.82
N VAL D 63 -6.88 -22.79 19.24
CA VAL D 63 -6.22 -22.28 20.44
C VAL D 63 -6.88 -22.96 21.64
N SER D 64 -6.07 -23.70 22.39
CA SER D 64 -6.54 -24.48 23.53
C SER D 64 -6.22 -23.79 24.86
N LYS D 65 -6.93 -24.18 25.90
CA LYS D 65 -6.76 -23.63 27.24
C LYS D 65 -5.29 -23.55 27.66
N ASN D 66 -4.52 -24.59 27.34
CA ASN D 66 -3.12 -24.67 27.75
C ASN D 66 -2.09 -24.03 26.80
N ASP D 67 -2.53 -23.67 25.61
CA ASP D 67 -1.66 -22.99 24.64
C ASP D 67 -1.16 -21.66 25.18
N VAL D 68 -0.01 -21.22 24.66
CA VAL D 68 0.55 -19.92 25.02
C VAL D 68 0.35 -19.02 23.82
N VAL D 69 -0.56 -18.05 23.93
CA VAL D 69 -0.78 -17.10 22.85
C VAL D 69 0.15 -15.93 23.05
N VAL D 70 0.93 -15.64 22.01
CA VAL D 70 1.82 -14.48 21.98
C VAL D 70 1.27 -13.50 20.95
N ILE D 71 0.84 -12.33 21.42
CA ILE D 71 0.30 -11.29 20.54
C ILE D 71 1.39 -10.25 20.29
N LEU D 72 1.78 -10.10 19.04
CA LEU D 72 2.92 -9.24 18.68
C LEU D 72 2.55 -8.05 17.78
N THR D 73 1.25 -7.71 17.73
CA THR D 73 0.77 -6.63 16.84
C THR D 73 1.20 -5.23 17.31
N PRO D 74 1.40 -4.32 16.34
CA PRO D 74 1.81 -2.96 16.65
C PRO D 74 0.68 -2.10 17.26
N ARG D 75 -0.55 -2.64 17.26
CA ARG D 75 -1.71 -1.90 17.77
C ARG D 75 -2.16 -2.44 19.11
N ASP D 76 -1.87 -1.70 20.18
CA ASP D 76 -2.25 -2.10 21.54
C ASP D 76 -3.74 -2.36 21.73
N GLU D 77 -4.58 -1.50 21.15
CA GLU D 77 -6.03 -1.69 21.19
C GLU D 77 -6.42 -3.06 20.65
N VAL D 78 -5.71 -3.51 19.62
CA VAL D 78 -5.93 -4.83 19.06
C VAL D 78 -5.37 -5.86 20.02
N ASN D 79 -4.13 -5.69 20.43
CA ASN D 79 -3.50 -6.67 21.32
C ASN D 79 -4.34 -6.99 22.54
N LEU D 80 -4.79 -5.95 23.26
CA LEU D 80 -5.61 -6.13 24.45
C LEU D 80 -6.90 -6.90 24.13
N PHE D 81 -7.48 -6.64 22.98
CA PHE D 81 -8.64 -7.39 22.54
C PHE D 81 -8.25 -8.83 22.24
N ILE D 82 -7.34 -9.04 21.30
CA ILE D 82 -6.90 -10.40 20.96
C ILE D 82 -6.57 -11.18 22.24
N ALA D 83 -6.01 -10.49 23.23
CA ALA D 83 -5.72 -11.09 24.54
C ALA D 83 -6.97 -11.52 25.27
N GLN D 84 -7.85 -10.57 25.55
CA GLN D 84 -9.10 -10.85 26.26
C GLN D 84 -9.93 -11.92 25.54
N LEU D 85 -9.94 -11.89 24.21
CA LEU D 85 -10.68 -12.85 23.41
C LEU D 85 -10.12 -14.24 23.65
N VAL D 86 -8.80 -14.34 23.61
CA VAL D 86 -8.10 -15.57 23.86
C VAL D 86 -8.26 -16.03 25.31
N MET D 87 -8.25 -15.07 26.24
CA MET D 87 -8.34 -15.39 27.66
C MET D 87 -9.75 -15.76 28.12
N LYS D 88 -10.76 -14.96 27.75
CA LYS D 88 -12.12 -15.18 28.23
C LYS D 88 -12.89 -16.22 27.42
N ASP D 89 -12.82 -16.12 26.09
CA ASP D 89 -13.59 -16.99 25.20
C ASP D 89 -12.94 -18.33 24.89
N PHE D 90 -11.62 -18.42 25.06
CA PHE D 90 -10.89 -19.66 24.76
C PHE D 90 -10.22 -20.26 25.98
N GLY D 91 -10.19 -19.50 27.06
CA GLY D 91 -9.64 -19.98 28.33
C GLY D 91 -8.13 -20.12 28.37
N VAL D 92 -7.43 -19.37 27.53
CA VAL D 92 -5.98 -19.35 27.53
C VAL D 92 -5.47 -18.62 28.78
N LYS D 93 -4.77 -19.35 29.64
CA LYS D 93 -4.21 -18.80 30.87
C LYS D 93 -2.93 -18.03 30.58
N ARG D 94 -2.10 -18.55 29.67
CA ARG D 94 -0.81 -17.94 29.39
C ARG D 94 -0.83 -17.04 28.14
N VAL D 95 -0.85 -15.72 28.36
CA VAL D 95 -0.81 -14.79 27.23
C VAL D 95 0.36 -13.85 27.38
N VAL D 96 1.16 -13.76 26.32
CA VAL D 96 2.25 -12.81 26.24
C VAL D 96 1.95 -11.80 25.14
N SER D 97 2.10 -10.51 25.44
CA SER D 97 1.80 -9.48 24.45
C SER D 97 2.89 -8.44 24.40
N LEU D 98 3.15 -7.95 23.18
CA LEU D 98 3.90 -6.73 22.99
C LEU D 98 3.00 -5.57 23.37
N VAL D 99 3.56 -4.57 24.03
CA VAL D 99 2.82 -3.37 24.34
C VAL D 99 3.61 -2.16 23.86
N ASN D 100 3.12 -1.50 22.81
CA ASN D 100 3.87 -0.43 22.19
C ASN D 100 4.01 0.84 23.03
N ASP D 101 2.89 1.41 23.45
CA ASP D 101 2.89 2.62 24.26
C ASP D 101 3.27 2.22 25.68
N PRO D 102 4.41 2.73 26.17
CA PRO D 102 4.79 2.50 27.56
C PRO D 102 3.64 2.83 28.51
N GLY D 103 2.84 3.84 28.17
CA GLY D 103 1.69 4.22 28.96
C GLY D 103 0.69 3.09 29.16
N ASN D 104 0.60 2.24 28.15
CA ASN D 104 -0.38 1.15 28.13
C ASN D 104 0.04 -0.13 28.87
N MET D 105 1.29 -0.15 29.35
CA MET D 105 1.82 -1.31 30.06
C MET D 105 0.96 -1.67 31.28
N GLU D 106 0.49 -0.64 31.98
CA GLU D 106 -0.28 -0.79 33.21
C GLU D 106 -1.60 -1.55 33.02
N ILE D 107 -2.44 -1.11 32.09
CA ILE D 107 -3.74 -1.76 31.86
C ILE D 107 -3.59 -3.22 31.45
N PHE D 108 -2.51 -3.52 30.73
CA PHE D 108 -2.20 -4.88 30.32
C PHE D 108 -1.87 -5.75 31.52
N LYS D 109 -1.11 -5.18 32.46
CA LYS D 109 -0.81 -5.85 33.72
C LYS D 109 -2.09 -6.02 34.54
N LYS D 110 -2.84 -4.93 34.70
CA LYS D 110 -4.12 -4.94 35.42
C LYS D 110 -5.07 -6.00 34.88
N MET D 111 -5.10 -6.19 33.56
CA MET D 111 -5.95 -7.24 32.96
C MET D 111 -5.38 -8.65 33.12
N GLY D 112 -4.09 -8.74 33.47
CA GLY D 112 -3.48 -10.04 33.73
C GLY D 112 -2.83 -10.68 32.53
N ILE D 113 -2.67 -9.89 31.46
CA ILE D 113 -1.81 -10.29 30.35
C ILE D 113 -0.36 -10.04 30.79
N THR D 114 0.50 -11.04 30.65
CA THR D 114 1.92 -10.85 30.93
C THR D 114 2.54 -10.18 29.68
N THR D 115 3.40 -9.19 29.91
CA THR D 115 3.91 -8.38 28.80
C THR D 115 5.43 -8.51 28.68
N VAL D 116 5.94 -8.47 27.45
CA VAL D 116 7.39 -8.36 27.20
C VAL D 116 7.81 -6.94 27.59
N LEU D 117 9.02 -6.82 28.14
CA LEU D 117 9.60 -5.51 28.45
C LEU D 117 9.39 -4.57 27.25
N ASN D 118 8.92 -3.36 27.52
CA ASN D 118 8.58 -2.40 26.48
C ASN D 118 9.81 -2.00 25.70
N LEU D 119 9.74 -2.14 24.38
CA LEU D 119 10.90 -1.86 23.51
C LEU D 119 11.31 -0.41 23.64
N THR D 120 10.36 0.51 23.42
CA THR D 120 10.68 1.94 23.42
C THR D 120 11.28 2.42 24.74
N THR D 121 10.91 1.76 25.83
CA THR D 121 11.54 2.02 27.14
C THR D 121 13.02 1.61 27.13
N LEU D 122 13.28 0.36 26.76
CA LEU D 122 14.64 -0.15 26.62
C LEU D 122 15.44 0.76 25.69
N ILE D 123 14.92 1.02 24.50
CA ILE D 123 15.60 1.91 23.58
C ILE D 123 15.92 3.24 24.25
N THR D 124 14.96 3.81 24.99
CA THR D 124 15.15 5.10 25.68
C THR D 124 16.23 4.97 26.74
N ASN D 125 16.20 3.88 27.50
CA ASN D 125 17.22 3.65 28.52
C ASN D 125 18.62 3.49 27.92
N THR D 126 18.70 2.81 26.78
CA THR D 126 19.97 2.58 26.08
C THR D 126 20.51 3.89 25.51
N VAL D 127 19.64 4.65 24.85
CA VAL D 127 20.02 5.92 24.24
C VAL D 127 20.46 6.92 25.29
N GLU D 128 19.68 7.04 26.36
CA GLU D 128 20.00 7.96 27.45
C GLU D 128 21.29 7.55 28.16
N ALA D 129 21.59 6.27 28.17
CA ALA D 129 22.84 5.75 28.72
C ALA D 129 24.04 6.20 27.88
N LEU D 130 23.86 6.24 26.56
CA LEU D 130 24.93 6.63 25.66
C LEU D 130 25.20 8.15 25.73
N ILE D 131 24.13 8.94 25.87
CA ILE D 131 24.27 10.39 26.00
C ILE D 131 24.90 10.81 27.32
N PHE D 132 24.45 10.20 28.41
CA PHE D 132 25.01 10.44 29.74
C PHE D 132 25.50 9.13 30.35
N PRO D 133 26.77 8.76 30.07
CA PRO D 133 27.30 7.48 30.52
C PRO D 133 27.68 7.46 32.00
N ASP D 134 27.91 8.64 32.57
CA ASP D 134 28.36 8.76 33.95
C ASP D 134 27.21 9.14 34.89
N GLU D 135 26.05 8.54 34.68
CA GLU D 135 24.89 8.72 35.56
C GLU D 135 24.08 7.42 35.64
N PHE D 136 23.55 7.12 36.82
CA PHE D 136 22.85 5.85 37.06
C PHE D 136 21.72 5.60 36.07
N SER D 137 22.00 4.80 35.04
CA SER D 137 21.02 4.48 33.99
C SER D 137 20.29 3.17 34.27
N SER D 138 18.96 3.20 34.16
CA SER D 138 18.11 2.03 34.46
C SER D 138 18.18 0.96 33.38
N ILE D 139 18.41 -0.28 33.81
CA ILE D 139 18.47 -1.45 32.90
C ILE D 139 17.06 -1.94 32.51
N ILE D 140 16.73 -3.16 32.92
CA ILE D 140 15.42 -3.72 32.68
C ILE D 140 14.70 -3.79 34.03
N PRO D 141 13.54 -3.11 34.15
CA PRO D 141 12.76 -3.01 35.40
C PRO D 141 12.26 -4.36 35.90
N LEU D 142 12.54 -4.64 37.17
CA LEU D 142 12.16 -5.92 37.79
C LEU D 142 10.68 -5.91 38.18
N GLU D 143 10.36 -6.30 39.41
CA GLU D 143 8.98 -6.28 39.89
C GLU D 143 8.47 -4.86 40.10
N GLN D 144 7.16 -4.68 39.98
CA GLN D 144 6.52 -3.37 40.08
C GLN D 144 6.87 -2.64 41.38
N GLY D 145 7.80 -1.69 41.28
CA GLY D 145 8.26 -0.92 42.43
C GLY D 145 9.71 -1.18 42.79
N ILE D 146 10.41 -1.91 41.93
CA ILE D 146 11.84 -2.21 42.10
C ILE D 146 12.56 -2.12 40.76
N GLU D 147 13.38 -1.08 40.59
CA GLU D 147 14.14 -0.88 39.34
C GLU D 147 15.56 -1.44 39.44
N PHE D 148 16.11 -1.83 38.29
CA PHE D 148 17.44 -2.42 38.21
C PHE D 148 18.38 -1.51 37.41
N LEU D 149 19.01 -0.59 38.13
CA LEU D 149 19.88 0.42 37.51
C LEU D 149 21.35 -0.01 37.44
N SER D 150 22.16 0.81 36.77
CA SER D 150 23.60 0.57 36.65
C SER D 150 24.37 1.88 36.50
N VAL D 151 25.53 1.96 37.14
CA VAL D 151 26.38 3.13 37.04
C VAL D 151 27.84 2.76 36.76
N ASN D 152 28.47 3.51 35.87
CA ASN D 152 29.90 3.45 35.69
C ASN D 152 30.55 4.29 36.77
N VAL D 153 31.86 4.16 36.92
CA VAL D 153 32.59 4.96 37.90
C VAL D 153 33.61 5.87 37.20
N GLU D 154 33.56 7.15 37.55
CA GLU D 154 34.45 8.15 36.99
C GLU D 154 35.73 8.19 37.79
N GLU D 155 36.85 8.44 37.11
CA GLU D 155 38.14 8.64 37.76
C GLU D 155 38.02 9.73 38.82
N ASP D 156 37.12 10.69 38.57
CA ASP D 156 36.84 11.77 39.50
C ASP D 156 35.51 11.54 40.20
N SER D 157 35.36 10.39 40.84
CA SER D 157 34.17 10.09 41.62
C SER D 157 34.50 9.82 43.09
N PRO D 158 33.55 10.13 44.00
CA PRO D 158 33.77 9.87 45.43
C PRO D 158 33.79 8.39 45.77
N VAL D 159 33.02 7.58 45.02
CA VAL D 159 32.89 6.14 45.27
C VAL D 159 34.19 5.36 45.07
N VAL D 160 35.08 5.89 44.22
CA VAL D 160 36.37 5.27 43.97
C VAL D 160 37.22 5.28 45.23
N GLY D 161 37.77 4.13 45.56
CA GLY D 161 38.63 3.98 46.74
C GLY D 161 37.86 3.83 48.04
N LYS D 162 36.61 3.39 47.94
CA LYS D 162 35.76 3.17 49.10
C LYS D 162 35.39 1.70 49.23
N LYS D 163 35.40 1.19 50.46
CA LYS D 163 34.99 -0.18 50.75
C LYS D 163 33.49 -0.31 50.61
N LEU D 164 33.03 -1.43 50.02
CA LEU D 164 31.59 -1.69 49.81
C LEU D 164 30.84 -1.81 51.14
N LYS D 165 31.55 -2.24 52.19
CA LYS D 165 31.02 -2.25 53.56
C LYS D 165 30.91 -0.82 54.09
N ASP D 166 31.93 -0.01 53.82
CA ASP D 166 31.98 1.38 54.29
C ASP D 166 30.99 2.30 53.59
N LEU D 167 30.57 1.92 52.39
CA LEU D 167 29.57 2.68 51.63
C LEU D 167 28.22 2.61 52.35
N PRO D 168 27.66 3.79 52.69
CA PRO D 168 26.38 3.85 53.41
C PRO D 168 25.18 3.90 52.47
N LEU D 169 24.77 2.73 52.00
CA LEU D 169 23.61 2.59 51.11
C LEU D 169 22.33 2.39 51.94
N PRO D 170 21.19 2.92 51.45
CA PRO D 170 19.90 2.76 52.14
C PRO D 170 19.44 1.30 52.29
N ARG D 171 18.48 1.08 53.17
CA ARG D 171 18.03 -0.28 53.55
C ARG D 171 17.52 -1.13 52.39
N ASP D 172 16.75 -0.52 51.49
CA ASP D 172 16.15 -1.27 50.38
C ASP D 172 16.96 -1.20 49.09
N SER D 173 18.28 -1.09 49.22
CA SER D 173 19.18 -1.06 48.07
C SER D 173 20.22 -2.17 48.16
N ILE D 174 20.57 -2.76 47.03
CA ILE D 174 21.59 -3.80 46.98
C ILE D 174 22.55 -3.58 45.81
N ILE D 175 23.84 -3.43 46.12
CA ILE D 175 24.87 -3.39 45.10
C ILE D 175 25.11 -4.83 44.61
N ALA D 176 24.28 -5.24 43.65
CA ALA D 176 24.15 -6.64 43.24
C ALA D 176 25.42 -7.28 42.67
N ALA D 177 26.08 -6.60 41.75
CA ALA D 177 27.28 -7.13 41.10
C ALA D 177 28.19 -6.04 40.55
N ILE D 178 29.49 -6.17 40.83
CA ILE D 178 30.50 -5.30 40.23
C ILE D 178 31.10 -5.99 39.00
N VAL D 179 31.37 -5.21 37.95
CA VAL D 179 31.90 -5.77 36.71
C VAL D 179 33.19 -5.04 36.31
N ARG D 180 34.33 -5.57 36.76
CA ARG D 180 35.63 -4.95 36.51
C ARG D 180 36.24 -5.44 35.22
N GLY D 181 36.19 -4.61 34.20
CA GLY D 181 36.79 -4.91 32.89
C GLY D 181 36.27 -6.17 32.23
N GLY D 182 34.95 -6.33 32.24
CA GLY D 182 34.30 -7.50 31.64
C GLY D 182 34.48 -8.76 32.46
N VAL D 183 34.55 -8.61 33.78
CA VAL D 183 34.67 -9.74 34.68
C VAL D 183 33.79 -9.48 35.91
N LEU D 184 32.95 -10.45 36.25
CA LEU D 184 32.04 -10.34 37.39
C LEU D 184 32.79 -10.44 38.71
N VAL D 185 32.55 -9.46 39.57
CA VAL D 185 33.13 -9.42 40.91
C VAL D 185 32.00 -9.53 41.93
N VAL D 186 32.04 -10.57 42.74
CA VAL D 186 31.03 -10.79 43.79
C VAL D 186 31.30 -9.83 44.96
N PRO D 187 30.38 -8.87 45.18
CA PRO D 187 30.60 -7.81 46.17
C PRO D 187 30.59 -8.32 47.61
N ARG D 188 31.78 -8.55 48.14
CA ARG D 188 31.94 -8.84 49.57
C ARG D 188 32.04 -7.50 50.31
N GLY D 189 32.17 -7.56 51.63
CA GLY D 189 32.34 -6.35 52.44
C GLY D 189 33.63 -5.64 52.11
N ASP D 190 34.73 -6.38 52.13
CA ASP D 190 36.08 -5.84 51.87
C ASP D 190 36.35 -5.53 50.40
N THR D 191 35.30 -5.57 49.58
CA THR D 191 35.40 -5.21 48.17
C THR D 191 35.51 -3.70 48.04
N GLU D 192 36.49 -3.25 47.26
CA GLU D 192 36.69 -1.82 47.03
C GLU D 192 36.31 -1.47 45.60
N ILE D 193 35.34 -0.55 45.48
CA ILE D 193 34.86 -0.05 44.20
C ILE D 193 35.95 0.80 43.56
N LEU D 194 36.60 0.24 42.54
CA LEU D 194 37.72 0.90 41.88
C LEU D 194 37.23 1.78 40.73
N SER D 195 38.05 2.75 40.35
CA SER D 195 37.74 3.66 39.25
C SER D 195 37.73 2.93 37.91
N GLY D 196 36.56 2.91 37.28
CA GLY D 196 36.39 2.24 36.00
C GLY D 196 35.47 1.04 36.08
N ASP D 197 35.29 0.52 37.30
CA ASP D 197 34.43 -0.65 37.56
C ASP D 197 32.96 -0.30 37.38
N LYS D 198 32.22 -1.17 36.69
CA LYS D 198 30.78 -1.01 36.43
C LYS D 198 29.94 -1.75 37.47
N LEU D 199 29.28 -0.99 38.33
CA LEU D 199 28.49 -1.52 39.43
C LEU D 199 26.99 -1.54 39.10
N TYR D 200 26.41 -2.74 39.05
CA TYR D 200 24.97 -2.91 38.89
C TYR D 200 24.28 -2.82 40.24
N VAL D 201 23.16 -2.11 40.28
CA VAL D 201 22.42 -1.89 41.54
C VAL D 201 20.93 -2.21 41.41
N ILE D 202 20.39 -2.90 42.41
CA ILE D 202 18.95 -3.14 42.52
C ILE D 202 18.43 -2.32 43.68
N VAL D 203 17.50 -1.40 43.40
CA VAL D 203 16.92 -0.54 44.43
C VAL D 203 15.43 -0.32 44.25
N SER D 204 14.70 -0.23 45.37
CA SER D 204 13.28 0.10 45.35
C SER D 204 13.11 1.59 45.05
N ALA D 205 12.07 1.92 44.29
CA ALA D 205 11.82 3.29 43.82
C ALA D 205 11.81 4.31 44.95
N GLU D 206 11.24 3.91 46.09
CA GLU D 206 11.13 4.77 47.28
C GLU D 206 12.49 5.03 47.95
N ALA D 207 13.58 4.59 47.31
CA ALA D 207 14.92 4.74 47.85
C ALA D 207 15.96 5.00 46.76
N LYS D 208 15.49 5.16 45.52
CA LYS D 208 16.36 5.32 44.36
C LYS D 208 17.13 6.65 44.40
N GLU D 209 16.43 7.71 44.80
CA GLU D 209 17.03 9.05 44.84
C GLU D 209 18.25 9.10 45.77
N THR D 210 18.14 8.47 46.94
CA THR D 210 19.21 8.47 47.93
C THR D 210 20.35 7.53 47.54
N VAL D 211 20.00 6.41 46.91
CA VAL D 211 20.98 5.43 46.44
C VAL D 211 21.91 6.03 45.39
N GLU D 212 21.34 6.81 44.48
CA GLU D 212 22.10 7.53 43.46
C GLU D 212 22.93 8.66 44.07
N GLU D 213 22.34 9.41 45.00
CA GLU D 213 23.01 10.51 45.68
C GLU D 213 24.25 10.03 46.41
N THR D 214 24.18 8.81 46.94
CA THR D 214 25.29 8.21 47.68
C THR D 214 26.32 7.53 46.78
N LEU D 215 25.84 6.70 45.85
CA LEU D 215 26.72 5.95 44.96
C LEU D 215 27.31 6.82 43.86
N LEU D 216 26.65 7.95 43.56
CA LEU D 216 27.15 8.89 42.55
C LEU D 216 27.34 10.30 43.13
N TYR E 9 -43.15 -11.22 -3.53
CA TYR E 9 -41.85 -11.62 -4.14
C TYR E 9 -40.74 -10.67 -3.70
N ILE E 10 -40.02 -11.07 -2.66
CA ILE E 10 -38.98 -10.23 -2.06
C ILE E 10 -37.60 -10.55 -2.65
N VAL E 11 -36.87 -9.50 -3.03
CA VAL E 11 -35.50 -9.64 -3.49
C VAL E 11 -34.54 -8.96 -2.50
N ILE E 12 -33.77 -9.78 -1.80
CA ILE E 12 -32.81 -9.30 -0.80
C ILE E 12 -31.41 -9.29 -1.41
N PHE E 13 -30.78 -8.11 -1.47
CA PHE E 13 -29.41 -7.98 -1.96
C PHE E 13 -28.42 -7.95 -0.82
N GLY E 14 -27.45 -8.86 -0.86
CA GLY E 14 -26.48 -8.99 0.22
C GLY E 14 -26.97 -9.91 1.31
N CYS E 15 -26.38 -11.09 1.38
CA CYS E 15 -26.79 -12.14 2.30
C CYS E 15 -25.92 -12.14 3.54
N GLY E 16 -25.64 -10.96 4.07
CA GLY E 16 -24.70 -10.83 5.18
C GLY E 16 -25.32 -10.96 6.56
N ARG E 17 -24.59 -10.46 7.56
CA ARG E 17 -25.03 -10.48 8.95
C ARG E 17 -26.47 -10.01 9.04
N LEU E 18 -26.69 -8.73 8.75
CA LEU E 18 -28.04 -8.16 8.72
C LEU E 18 -28.84 -8.69 7.54
N GLY E 19 -28.17 -8.79 6.39
CA GLY E 19 -28.80 -9.26 5.15
C GLY E 19 -29.63 -10.52 5.31
N SER E 20 -28.95 -11.64 5.55
CA SER E 20 -29.60 -12.97 5.62
C SER E 20 -30.71 -13.06 6.67
N LEU E 21 -30.63 -12.24 7.72
CA LEU E 21 -31.67 -12.18 8.74
C LEU E 21 -33.01 -11.77 8.13
N ILE E 22 -32.96 -10.80 7.22
CA ILE E 22 -34.13 -10.40 6.43
C ILE E 22 -34.59 -11.58 5.58
N ALA E 23 -33.64 -12.22 4.91
CA ALA E 23 -33.92 -13.35 4.01
C ALA E 23 -34.62 -14.53 4.72
N ASN E 24 -34.18 -14.83 5.94
CA ASN E 24 -34.75 -15.92 6.72
C ASN E 24 -36.15 -15.62 7.25
N LEU E 25 -36.33 -14.42 7.81
CA LEU E 25 -37.65 -13.97 8.28
C LEU E 25 -38.65 -13.93 7.13
N ALA E 26 -38.16 -13.61 5.93
CA ALA E 26 -38.99 -13.55 4.73
C ALA E 26 -39.42 -14.94 4.27
N SER E 27 -38.44 -15.85 4.17
CA SER E 27 -38.68 -17.22 3.69
C SER E 27 -39.59 -18.02 4.61
N SER E 28 -39.36 -17.89 5.91
CA SER E 28 -40.17 -18.55 6.93
C SER E 28 -41.59 -18.02 6.95
N SER E 29 -41.76 -16.78 6.50
CA SER E 29 -43.08 -16.15 6.42
C SER E 29 -43.82 -16.54 5.13
N GLY E 30 -43.26 -17.49 4.39
CA GLY E 30 -43.89 -18.00 3.18
C GLY E 30 -43.83 -17.07 1.99
N HIS E 31 -42.83 -16.19 1.98
CA HIS E 31 -42.62 -15.29 0.85
C HIS E 31 -41.59 -15.88 -0.11
N SER E 32 -41.75 -15.59 -1.39
CA SER E 32 -40.80 -16.04 -2.40
C SER E 32 -39.60 -15.09 -2.38
N VAL E 33 -38.45 -15.61 -2.01
CA VAL E 33 -37.25 -14.81 -1.79
C VAL E 33 -36.19 -15.05 -2.88
N VAL E 34 -35.48 -13.99 -3.23
CA VAL E 34 -34.30 -14.10 -4.07
C VAL E 34 -33.14 -13.37 -3.39
N VAL E 35 -32.11 -14.13 -3.03
CA VAL E 35 -30.95 -13.58 -2.33
C VAL E 35 -29.76 -13.43 -3.25
N VAL E 36 -29.37 -12.18 -3.50
CA VAL E 36 -28.25 -11.89 -4.36
C VAL E 36 -27.04 -11.57 -3.51
N ASP E 37 -25.90 -12.19 -3.83
CA ASP E 37 -24.67 -11.86 -3.12
C ASP E 37 -23.38 -11.97 -3.93
N LYS E 38 -22.46 -11.07 -3.61
CA LYS E 38 -21.15 -10.96 -4.25
C LYS E 38 -20.41 -12.29 -4.23
N ASN E 39 -20.52 -13.01 -3.12
CA ASN E 39 -19.90 -14.34 -3.00
C ASN E 39 -20.80 -15.40 -2.38
N GLU E 40 -20.64 -16.64 -2.85
CA GLU E 40 -21.51 -17.76 -2.48
C GLU E 40 -21.47 -18.10 -0.99
N TYR E 41 -20.28 -18.09 -0.40
CA TYR E 41 -20.11 -18.47 1.01
C TYR E 41 -20.99 -17.67 1.97
N ALA E 42 -21.54 -16.55 1.50
CA ALA E 42 -22.49 -15.76 2.28
C ALA E 42 -23.81 -16.48 2.49
N PHE E 43 -24.19 -17.33 1.53
CA PHE E 43 -25.46 -18.05 1.59
C PHE E 43 -25.52 -19.11 2.70
N HIS E 44 -24.37 -19.40 3.31
CA HIS E 44 -24.31 -20.27 4.48
C HIS E 44 -25.16 -19.70 5.61
N PHE E 50 -35.45 -22.94 3.66
CA PHE E 50 -35.35 -21.83 2.74
C PHE E 50 -35.62 -22.29 1.31
N SER E 51 -36.79 -21.94 0.79
CA SER E 51 -37.22 -22.39 -0.53
C SER E 51 -36.80 -21.44 -1.66
N GLY E 52 -36.39 -20.22 -1.29
CA GLY E 52 -36.00 -19.20 -2.27
C GLY E 52 -34.82 -19.56 -3.16
N PHE E 53 -34.59 -18.73 -4.17
CA PHE E 53 -33.46 -18.91 -5.09
C PHE E 53 -32.35 -17.93 -4.74
N THR E 54 -31.12 -18.28 -5.10
CA THR E 54 -29.95 -17.43 -4.82
C THR E 54 -29.14 -17.13 -6.06
N VAL E 55 -28.93 -15.84 -6.33
CA VAL E 55 -28.07 -15.42 -7.44
C VAL E 55 -26.73 -14.93 -6.91
N VAL E 56 -25.67 -15.59 -7.35
CA VAL E 56 -24.31 -15.13 -7.10
C VAL E 56 -23.95 -14.11 -8.18
N GLY E 57 -23.43 -12.96 -7.77
CA GLY E 57 -23.04 -11.93 -8.72
C GLY E 57 -22.88 -10.56 -8.09
N ASP E 58 -22.19 -9.68 -8.82
CA ASP E 58 -21.95 -8.32 -8.35
C ASP E 58 -23.17 -7.44 -8.60
N ALA E 59 -23.78 -6.94 -7.53
CA ALA E 59 -24.99 -6.12 -7.62
C ALA E 59 -24.78 -4.79 -8.33
N ALA E 60 -23.51 -4.42 -8.53
CA ALA E 60 -23.17 -3.22 -9.30
C ALA E 60 -23.21 -3.47 -10.81
N GLU E 61 -23.03 -4.72 -11.21
CA GLU E 61 -23.18 -5.12 -12.61
C GLU E 61 -24.67 -5.18 -12.98
N PHE E 62 -24.99 -4.71 -14.17
CA PHE E 62 -26.38 -4.71 -14.63
C PHE E 62 -26.86 -6.13 -14.91
N GLU E 63 -26.00 -6.93 -15.53
CA GLU E 63 -26.35 -8.32 -15.84
C GLU E 63 -26.82 -9.10 -14.61
N THR E 64 -26.38 -8.67 -13.43
CA THR E 64 -26.80 -9.30 -12.17
C THR E 64 -28.21 -8.86 -11.80
N LEU E 65 -28.48 -7.57 -11.93
CA LEU E 65 -29.80 -7.01 -11.60
C LEU E 65 -30.91 -7.60 -12.48
N LYS E 66 -30.59 -7.88 -13.74
CA LYS E 66 -31.50 -8.55 -14.66
C LYS E 66 -31.78 -9.98 -14.20
N GLU E 67 -30.73 -10.64 -13.67
CA GLU E 67 -30.80 -12.03 -13.25
C GLU E 67 -31.67 -12.27 -12.02
N CYS E 68 -31.95 -11.21 -11.28
CA CYS E 68 -32.75 -11.31 -10.05
C CYS E 68 -34.24 -11.33 -10.32
N GLY E 69 -34.63 -10.87 -11.51
CA GLY E 69 -36.06 -10.76 -11.85
C GLY E 69 -36.75 -9.77 -10.95
N MET E 70 -36.16 -8.57 -10.83
CA MET E 70 -36.79 -7.48 -10.08
C MET E 70 -38.08 -7.03 -10.75
N GLU E 71 -38.24 -7.43 -12.02
CA GLU E 71 -39.44 -7.15 -12.80
C GLU E 71 -40.68 -7.68 -12.09
N LYS E 72 -40.57 -8.86 -11.50
CA LYS E 72 -41.69 -9.51 -10.79
C LYS E 72 -41.63 -9.30 -9.27
N ALA E 73 -40.78 -8.38 -8.82
CA ALA E 73 -40.57 -8.14 -7.40
C ALA E 73 -41.54 -7.15 -6.78
N ASP E 74 -42.02 -7.48 -5.59
CA ASP E 74 -42.85 -6.60 -4.78
C ASP E 74 -41.97 -5.73 -3.89
N MET E 75 -40.87 -6.31 -3.42
CA MET E 75 -39.93 -5.62 -2.54
C MET E 75 -38.48 -5.92 -2.92
N VAL E 76 -37.67 -4.88 -3.03
CA VAL E 76 -36.24 -5.02 -3.19
C VAL E 76 -35.55 -4.43 -1.97
N PHE E 77 -34.74 -5.26 -1.31
CA PHE E 77 -33.93 -4.81 -0.19
C PHE E 77 -32.48 -4.66 -0.62
N ALA E 78 -32.02 -3.42 -0.70
CA ALA E 78 -30.61 -3.15 -0.94
C ALA E 78 -29.93 -3.18 0.41
N PHE E 79 -29.25 -4.30 0.69
CA PHE E 79 -28.71 -4.54 2.03
C PHE E 79 -27.25 -5.00 2.08
N THR E 80 -26.44 -4.50 1.16
CA THR E 80 -25.00 -4.75 1.21
C THR E 80 -24.35 -3.79 2.20
N ASN E 81 -23.07 -4.00 2.47
CA ASN E 81 -22.33 -3.15 3.39
C ASN E 81 -21.90 -1.84 2.77
N ASP E 82 -22.16 -1.66 1.48
CA ASP E 82 -21.79 -0.45 0.78
C ASP E 82 -23.00 0.42 0.49
N ASP E 83 -22.95 1.68 0.94
CA ASP E 83 -24.03 2.65 0.72
C ASP E 83 -24.24 2.91 -0.76
N SER E 84 -23.16 3.25 -1.46
CA SER E 84 -23.20 3.52 -2.90
C SER E 84 -23.74 2.33 -3.67
N THR E 85 -23.30 1.12 -3.31
CA THR E 85 -23.83 -0.09 -3.90
C THR E 85 -25.33 -0.17 -3.63
N ASN E 86 -25.71 -0.13 -2.35
CA ASN E 86 -27.13 -0.15 -1.98
C ASN E 86 -27.93 0.94 -2.68
N PHE E 87 -27.34 2.12 -2.80
CA PHE E 87 -27.96 3.21 -3.55
C PHE E 87 -28.17 2.80 -5.00
N PHE E 88 -27.12 2.30 -5.64
CA PHE E 88 -27.18 1.88 -7.03
C PHE E 88 -28.22 0.80 -7.23
N ILE E 89 -28.21 -0.20 -6.35
CA ILE E 89 -29.19 -1.28 -6.38
C ILE E 89 -30.59 -0.68 -6.37
N SER E 90 -30.84 0.20 -5.40
CA SER E 90 -32.14 0.84 -5.23
C SER E 90 -32.59 1.63 -6.47
N MET E 91 -31.68 2.41 -7.03
CA MET E 91 -31.98 3.23 -8.20
C MET E 91 -32.39 2.38 -9.40
N ASN E 92 -31.72 1.25 -9.58
CA ASN E 92 -32.10 0.30 -10.62
C ASN E 92 -33.48 -0.30 -10.31
N ALA E 93 -33.68 -0.68 -9.05
CA ALA E 93 -34.97 -1.22 -8.65
C ALA E 93 -36.07 -0.21 -8.93
N ARG E 94 -35.88 1.03 -8.48
CA ARG E 94 -36.90 2.06 -8.61
C ARG E 94 -37.09 2.54 -10.05
N TYR E 95 -35.99 2.88 -10.73
CA TYR E 95 -36.09 3.54 -12.04
C TYR E 95 -35.88 2.64 -13.27
N MET E 96 -35.37 1.43 -13.06
CA MET E 96 -35.07 0.53 -14.16
C MET E 96 -35.96 -0.72 -14.20
N PHE E 97 -36.52 -1.08 -13.05
CA PHE E 97 -37.40 -2.24 -12.94
C PHE E 97 -38.73 -1.83 -12.32
N ASN E 98 -38.87 -0.52 -12.07
CA ASN E 98 -40.03 0.09 -11.40
C ASN E 98 -40.63 -0.75 -10.28
N VAL E 99 -39.78 -1.06 -9.29
CA VAL E 99 -40.21 -1.78 -8.09
C VAL E 99 -40.90 -0.78 -7.17
N GLU E 100 -42.11 -1.11 -6.72
CA GLU E 100 -42.92 -0.22 -5.89
C GLU E 100 -42.25 0.06 -4.55
N ASN E 101 -41.85 -1.00 -3.85
CA ASN E 101 -41.17 -0.87 -2.57
C ASN E 101 -39.68 -1.20 -2.67
N VAL E 102 -38.84 -0.19 -2.44
CA VAL E 102 -37.41 -0.43 -2.35
C VAL E 102 -36.84 0.08 -1.03
N ILE E 103 -36.27 -0.83 -0.24
CA ILE E 103 -35.73 -0.51 1.08
C ILE E 103 -34.21 -0.64 1.08
N ALA E 104 -33.53 0.42 1.53
CA ALA E 104 -32.07 0.43 1.53
C ALA E 104 -31.46 0.54 2.92
N ARG E 105 -30.44 -0.28 3.14
CA ARG E 105 -29.63 -0.20 4.34
C ARG E 105 -28.58 0.89 4.11
N VAL E 106 -28.68 1.98 4.86
CA VAL E 106 -27.78 3.12 4.68
C VAL E 106 -26.99 3.38 5.96
N TYR E 107 -25.67 3.28 5.86
CA TYR E 107 -24.82 3.44 7.04
C TYR E 107 -24.63 4.89 7.42
N ASP E 108 -24.11 5.68 6.49
CA ASP E 108 -23.86 7.09 6.72
C ASP E 108 -25.18 7.85 6.76
N PRO E 109 -25.55 8.38 7.94
CA PRO E 109 -26.84 9.04 8.13
C PRO E 109 -27.03 10.25 7.24
N GLU E 110 -25.94 10.87 6.82
CA GLU E 110 -25.98 12.04 5.94
C GLU E 110 -26.46 11.65 4.55
N LYS E 111 -26.31 10.38 4.21
CA LYS E 111 -26.70 9.88 2.90
C LYS E 111 -28.19 9.57 2.82
N ILE E 112 -28.80 9.30 3.97
CA ILE E 112 -30.22 8.95 4.06
C ILE E 112 -31.07 9.85 3.17
N LYS E 113 -30.82 11.16 3.24
CA LYS E 113 -31.61 12.14 2.49
C LYS E 113 -31.71 11.86 0.98
N ILE E 114 -30.56 11.60 0.35
CA ILE E 114 -30.50 11.45 -1.12
C ILE E 114 -31.18 10.17 -1.59
N PHE E 115 -31.38 9.23 -0.67
CA PHE E 115 -32.16 8.03 -0.95
C PHE E 115 -33.63 8.39 -1.02
N GLU E 116 -34.14 8.99 0.06
CA GLU E 116 -35.55 9.34 0.16
C GLU E 116 -35.94 10.39 -0.88
N GLU E 117 -34.98 11.21 -1.30
CA GLU E 117 -35.20 12.15 -2.41
C GLU E 117 -35.31 11.45 -3.75
N ASN E 118 -35.03 10.15 -3.77
CA ASN E 118 -35.29 9.31 -4.91
C ASN E 118 -36.39 8.30 -4.59
N GLY E 119 -37.03 8.48 -3.45
CA GLY E 119 -38.12 7.61 -3.01
C GLY E 119 -37.67 6.20 -2.68
N ILE E 120 -36.57 6.10 -1.92
CA ILE E 120 -36.08 4.82 -1.45
C ILE E 120 -36.16 4.83 0.08
N LYS E 121 -37.07 4.05 0.64
CA LYS E 121 -37.16 3.88 2.10
C LYS E 121 -35.80 3.39 2.63
N THR E 122 -35.41 3.87 3.80
CA THR E 122 -34.08 3.57 4.33
C THR E 122 -34.08 3.03 5.75
N ILE E 123 -33.27 2.02 6.01
CA ILE E 123 -33.03 1.53 7.37
C ILE E 123 -31.60 1.91 7.74
N CYS E 124 -31.46 2.86 8.64
CA CYS E 124 -30.13 3.35 9.06
C CYS E 124 -29.82 2.93 10.49
N PRO E 125 -28.71 2.20 10.69
CA PRO E 125 -28.34 1.69 12.00
C PRO E 125 -28.06 2.81 12.99
N ALA E 126 -27.35 3.82 12.53
CA ALA E 126 -27.04 5.00 13.32
C ALA E 126 -28.32 5.71 13.79
N VAL E 127 -29.27 5.84 12.89
CA VAL E 127 -30.55 6.46 13.21
C VAL E 127 -31.34 5.61 14.21
N LEU E 128 -31.20 4.28 14.08
CA LEU E 128 -31.84 3.34 14.99
C LEU E 128 -31.21 3.40 16.37
N MET E 129 -29.89 3.64 16.39
CA MET E 129 -29.12 3.58 17.63
C MET E 129 -29.38 4.79 18.53
N ILE E 130 -29.48 5.97 17.91
CA ILE E 130 -29.73 7.21 18.64
C ILE E 130 -30.95 7.08 19.56
N GLU E 131 -31.88 6.20 19.19
CA GLU E 131 -33.02 5.87 20.02
C GLU E 131 -32.59 5.19 21.31
N LYS E 132 -31.80 4.12 21.17
CA LYS E 132 -31.35 3.31 22.30
C LYS E 132 -30.34 4.06 23.18
N VAL E 133 -29.45 4.80 22.53
CA VAL E 133 -28.45 5.60 23.24
C VAL E 133 -29.09 6.74 24.02
N LYS E 134 -30.34 7.06 23.71
CA LYS E 134 -31.08 8.07 24.45
C LYS E 134 -31.43 7.55 25.85
N GLU E 135 -31.75 6.26 25.94
CA GLU E 135 -32.10 5.63 27.22
C GLU E 135 -30.93 5.62 28.21
N PHE E 136 -29.73 5.34 27.70
CA PHE E 136 -28.53 5.13 28.53
C PHE E 136 -28.13 6.37 29.33
N ILE E 137 -28.33 7.55 28.75
CA ILE E 137 -27.98 8.81 29.41
C ILE E 137 -28.91 9.14 30.58
N ILE E 138 -30.17 8.76 30.45
CA ILE E 138 -31.15 8.97 31.52
C ILE E 138 -31.24 7.75 32.44
N LYS F 8 28.25 19.46 -29.46
CA LYS F 8 27.22 18.38 -29.53
C LYS F 8 26.20 18.50 -28.39
N TYR F 9 24.92 18.38 -28.74
CA TYR F 9 23.81 18.68 -27.84
C TYR F 9 23.22 17.40 -27.26
N ILE F 10 23.61 17.09 -26.04
CA ILE F 10 23.22 15.85 -25.38
C ILE F 10 21.98 16.06 -24.49
N VAL F 11 21.00 15.18 -24.61
CA VAL F 11 19.82 15.20 -23.74
C VAL F 11 19.81 13.93 -22.89
N ILE F 12 20.02 14.10 -21.59
CA ILE F 12 20.06 12.97 -20.67
C ILE F 12 18.74 12.92 -19.91
N PHE F 13 18.03 11.81 -20.05
CA PHE F 13 16.78 11.59 -19.32
C PHE F 13 17.01 10.79 -18.03
N GLY F 14 16.61 11.36 -16.90
CA GLY F 14 16.82 10.70 -15.63
C GLY F 14 18.17 11.09 -15.04
N CYS F 15 18.13 11.91 -14.01
CA CYS F 15 19.31 12.45 -13.36
C CYS F 15 19.68 11.62 -12.13
N GLY F 16 19.57 10.30 -12.24
CA GLY F 16 19.78 9.42 -11.10
C GLY F 16 21.23 9.04 -10.82
N ARG F 17 21.40 7.95 -10.07
CA ARG F 17 22.71 7.41 -9.73
C ARG F 17 23.56 7.34 -10.97
N LEU F 18 23.17 6.47 -11.89
CA LEU F 18 23.85 6.30 -13.16
C LEU F 18 23.60 7.50 -14.08
N GLY F 19 22.37 7.99 -14.08
CA GLY F 19 21.97 9.13 -14.92
C GLY F 19 22.92 10.31 -14.84
N SER F 20 22.94 10.99 -13.69
CA SER F 20 23.71 12.20 -13.51
C SER F 20 25.22 12.04 -13.80
N LEU F 21 25.74 10.84 -13.62
CA LEU F 21 27.15 10.57 -13.94
C LEU F 21 27.43 10.84 -15.42
N ILE F 22 26.49 10.45 -16.28
CA ILE F 22 26.53 10.76 -17.71
C ILE F 22 26.48 12.28 -17.88
N ALA F 23 25.53 12.91 -17.20
CA ALA F 23 25.32 14.36 -17.28
C ALA F 23 26.58 15.16 -16.90
N ASN F 24 27.29 14.72 -15.88
CA ASN F 24 28.47 15.41 -15.41
C ASN F 24 29.66 15.23 -16.34
N LEU F 25 29.87 14.00 -16.81
CA LEU F 25 30.94 13.72 -17.78
C LEU F 25 30.70 14.48 -19.07
N ALA F 26 29.43 14.67 -19.42
CA ALA F 26 29.07 15.39 -20.62
C ALA F 26 29.33 16.89 -20.48
N SER F 27 28.87 17.48 -19.38
CA SER F 27 28.98 18.91 -19.14
C SER F 27 30.43 19.36 -19.00
N SER F 28 31.22 18.58 -18.28
CA SER F 28 32.64 18.84 -18.09
C SER F 28 33.43 18.73 -19.38
N SER F 29 32.91 17.93 -20.32
CA SER F 29 33.52 17.76 -21.63
C SER F 29 33.10 18.87 -22.60
N GLY F 30 32.45 19.90 -22.08
CA GLY F 30 32.06 21.07 -22.87
C GLY F 30 30.91 20.84 -23.83
N HIS F 31 30.07 19.86 -23.52
CA HIS F 31 28.87 19.61 -24.31
C HIS F 31 27.67 20.32 -23.71
N SER F 32 26.74 20.72 -24.57
CA SER F 32 25.51 21.34 -24.13
C SER F 32 24.55 20.24 -23.70
N VAL F 33 24.23 20.23 -22.40
CA VAL F 33 23.45 19.16 -21.79
C VAL F 33 22.04 19.63 -21.42
N VAL F 34 21.07 18.74 -21.55
CA VAL F 34 19.73 18.96 -21.00
C VAL F 34 19.37 17.74 -20.17
N VAL F 35 19.15 17.96 -18.88
CA VAL F 35 18.81 16.86 -17.97
C VAL F 35 17.35 16.90 -17.58
N VAL F 36 16.62 15.87 -17.98
CA VAL F 36 15.20 15.76 -17.73
C VAL F 36 15.01 14.81 -16.55
N ASP F 37 14.21 15.21 -15.58
CA ASP F 37 13.90 14.29 -14.49
C ASP F 37 12.52 14.47 -13.85
N LYS F 38 11.96 13.33 -13.44
CA LYS F 38 10.64 13.22 -12.80
C LYS F 38 10.53 14.17 -11.62
N ASN F 39 11.59 14.28 -10.84
CA ASN F 39 11.61 15.19 -9.69
C ASN F 39 12.90 16.00 -9.56
N GLU F 40 12.76 17.23 -9.08
CA GLU F 40 13.86 18.19 -9.05
C GLU F 40 15.02 17.81 -8.12
N TYR F 41 14.69 17.19 -6.98
CA TYR F 41 15.72 16.81 -6.00
C TYR F 41 16.79 15.88 -6.58
N ALA F 42 16.51 15.31 -7.74
CA ALA F 42 17.48 14.49 -8.45
C ALA F 42 18.66 15.32 -8.97
N PHE F 43 18.38 16.58 -9.32
CA PHE F 43 19.38 17.48 -9.89
C PHE F 43 20.50 17.88 -8.90
N HIS F 44 20.31 17.52 -7.63
CA HIS F 44 21.36 17.69 -6.62
C HIS F 44 22.60 16.87 -7.00
N ARG F 45 22.36 15.78 -7.73
CA ARG F 45 23.42 14.85 -8.16
C ARG F 45 24.29 15.40 -9.29
N LEU F 46 23.79 16.41 -10.02
CA LEU F 46 24.62 17.15 -10.98
C LEU F 46 25.56 18.05 -10.18
N ASN F 47 26.84 18.07 -10.54
CA ASN F 47 27.85 18.77 -9.75
C ASN F 47 27.86 20.30 -9.91
N SER F 48 28.89 20.96 -9.37
CA SER F 48 28.99 22.42 -9.38
C SER F 48 29.13 22.99 -10.80
N GLU F 49 30.21 22.61 -11.48
CA GLU F 49 30.47 23.08 -12.84
C GLU F 49 29.53 22.42 -13.83
N PHE F 50 28.37 23.03 -14.02
CA PHE F 50 27.35 22.50 -14.92
C PHE F 50 26.57 23.64 -15.56
N SER F 51 26.82 23.88 -16.84
CA SER F 51 26.20 24.99 -17.56
C SER F 51 24.87 24.62 -18.22
N GLY F 52 24.59 23.31 -18.32
CA GLY F 52 23.39 22.83 -19.00
C GLY F 52 22.08 23.26 -18.37
N PHE F 53 20.97 22.97 -19.06
CA PHE F 53 19.63 23.28 -18.57
C PHE F 53 18.95 22.03 -18.04
N THR F 54 17.99 22.20 -17.13
CA THR F 54 17.28 21.08 -16.53
C THR F 54 15.77 21.22 -16.66
N VAL F 55 15.14 20.21 -17.26
CA VAL F 55 13.69 20.14 -17.37
C VAL F 55 13.11 19.17 -16.32
N VAL F 56 12.29 19.70 -15.42
CA VAL F 56 11.52 18.86 -14.51
C VAL F 56 10.25 18.44 -15.25
N GLY F 57 9.94 17.15 -15.21
CA GLY F 57 8.73 16.64 -15.86
C GLY F 57 8.76 15.14 -16.11
N ASP F 58 7.58 14.59 -16.35
CA ASP F 58 7.45 13.16 -16.59
C ASP F 58 7.82 12.84 -18.03
N ALA F 59 8.87 12.04 -18.21
CA ALA F 59 9.37 11.68 -19.55
C ALA F 59 8.37 10.84 -20.37
N ALA F 60 7.34 10.33 -19.72
CA ALA F 60 6.27 9.60 -20.38
C ALA F 60 5.24 10.55 -20.97
N GLU F 61 5.14 11.76 -20.44
CA GLU F 61 4.27 12.78 -21.03
C GLU F 61 4.93 13.37 -22.26
N PHE F 62 4.14 13.60 -23.30
CA PHE F 62 4.67 14.15 -24.54
C PHE F 62 5.13 15.60 -24.37
N GLU F 63 4.32 16.38 -23.66
CA GLU F 63 4.65 17.79 -23.39
C GLU F 63 6.04 17.96 -22.77
N THR F 64 6.53 16.94 -22.07
CA THR F 64 7.87 16.98 -21.50
C THR F 64 8.90 16.79 -22.59
N LEU F 65 8.67 15.82 -23.48
CA LEU F 65 9.60 15.50 -24.56
C LEU F 65 9.81 16.69 -25.51
N LYS F 66 8.74 17.44 -25.74
CA LYS F 66 8.80 18.67 -26.54
C LYS F 66 9.64 19.74 -25.83
N GLU F 67 9.54 19.78 -24.50
CA GLU F 67 10.24 20.77 -23.68
C GLU F 67 11.76 20.58 -23.64
N CYS F 68 12.22 19.39 -24.00
CA CYS F 68 13.65 19.08 -23.98
C CYS F 68 14.39 19.57 -25.21
N GLY F 69 13.66 19.86 -26.27
CA GLY F 69 14.26 20.27 -27.55
C GLY F 69 15.13 19.17 -28.12
N MET F 70 14.54 17.97 -28.22
CA MET F 70 15.22 16.83 -28.83
C MET F 70 15.41 17.08 -30.33
N GLU F 71 14.66 18.05 -30.84
CA GLU F 71 14.77 18.49 -32.23
C GLU F 71 16.20 18.88 -32.57
N LYS F 72 16.85 19.58 -31.63
CA LYS F 72 18.23 20.05 -31.80
C LYS F 72 19.27 19.14 -31.16
N ALA F 73 18.85 17.94 -30.75
CA ALA F 73 19.74 17.01 -30.04
C ALA F 73 20.57 16.14 -30.96
N ASP F 74 21.83 15.96 -30.58
CA ASP F 74 22.72 15.01 -31.26
C ASP F 74 22.59 13.63 -30.61
N MET F 75 22.40 13.63 -29.30
CA MET F 75 22.30 12.41 -28.51
C MET F 75 21.20 12.52 -27.48
N VAL F 76 20.37 11.47 -27.41
CA VAL F 76 19.39 11.33 -26.35
C VAL F 76 19.75 10.09 -25.56
N PHE F 77 19.93 10.26 -24.26
CA PHE F 77 20.14 9.15 -23.35
C PHE F 77 18.87 8.89 -22.56
N ALA F 78 18.22 7.77 -22.84
CA ALA F 78 17.10 7.34 -22.03
C ALA F 78 17.69 6.56 -20.87
N PHE F 79 17.74 7.18 -19.69
CA PHE F 79 18.46 6.59 -18.56
C PHE F 79 17.70 6.60 -17.23
N THR F 80 16.38 6.44 -17.29
CA THR F 80 15.59 6.29 -16.07
C THR F 80 15.68 4.86 -15.59
N ASN F 81 15.15 4.60 -14.40
CA ASN F 81 15.16 3.26 -13.82
C ASN F 81 14.12 2.33 -14.43
N ASP F 82 13.29 2.87 -15.31
CA ASP F 82 12.23 2.08 -15.93
C ASP F 82 12.58 1.79 -17.40
N ASP F 83 12.56 0.51 -17.74
CA ASP F 83 12.82 0.06 -19.11
C ASP F 83 11.79 0.61 -20.08
N SER F 84 10.51 0.39 -19.77
CA SER F 84 9.41 0.85 -20.60
C SER F 84 9.45 2.37 -20.80
N THR F 85 9.74 3.10 -19.72
CA THR F 85 9.92 4.54 -19.81
C THR F 85 11.09 4.84 -20.74
N ASN F 86 12.26 4.29 -20.45
CA ASN F 86 13.42 4.43 -21.33
C ASN F 86 13.13 4.05 -22.78
N PHE F 87 12.37 2.97 -22.95
CA PHE F 87 11.95 2.56 -24.26
C PHE F 87 11.13 3.67 -24.91
N PHE F 88 10.12 4.16 -24.18
CA PHE F 88 9.22 5.16 -24.71
C PHE F 88 9.98 6.43 -25.06
N ILE F 89 10.91 6.81 -24.18
CA ILE F 89 11.74 7.98 -24.39
C ILE F 89 12.46 7.83 -25.72
N SER F 90 13.11 6.69 -25.90
CA SER F 90 13.90 6.40 -27.09
C SER F 90 13.08 6.40 -28.37
N MET F 91 11.90 5.79 -28.32
CA MET F 91 11.01 5.73 -29.47
C MET F 91 10.60 7.12 -29.94
N ASN F 92 10.29 7.99 -28.99
CA ASN F 92 10.00 9.38 -29.32
C ASN F 92 11.23 10.08 -29.90
N ALA F 93 12.38 9.87 -29.28
CA ALA F 93 13.63 10.41 -29.79
C ALA F 93 13.87 9.95 -31.23
N ARG F 94 13.78 8.65 -31.47
CA ARG F 94 14.07 8.09 -32.78
C ARG F 94 13.00 8.43 -33.82
N TYR F 95 11.73 8.22 -33.48
CA TYR F 95 10.65 8.29 -34.47
C TYR F 95 9.83 9.58 -34.46
N MET F 96 9.97 10.39 -33.42
CA MET F 96 9.17 11.60 -33.28
C MET F 96 10.01 12.87 -33.35
N PHE F 97 11.29 12.76 -33.06
CA PHE F 97 12.20 13.90 -33.11
C PHE F 97 13.41 13.59 -34.01
N ASN F 98 13.35 12.42 -34.63
CA ASN F 98 14.44 11.87 -35.46
C ASN F 98 15.86 12.19 -34.98
N VAL F 99 16.14 11.79 -33.74
CA VAL F 99 17.46 11.93 -33.18
C VAL F 99 18.33 10.79 -33.72
N GLU F 100 19.50 11.13 -34.24
CA GLU F 100 20.39 10.17 -34.89
C GLU F 100 20.92 9.13 -33.90
N ASN F 101 21.42 9.60 -32.76
CA ASN F 101 21.93 8.71 -31.73
C ASN F 101 21.01 8.67 -30.52
N VAL F 102 20.41 7.52 -30.26
CA VAL F 102 19.65 7.33 -29.03
C VAL F 102 20.15 6.12 -28.22
N ILE F 103 20.59 6.37 -26.99
CA ILE F 103 21.15 5.34 -26.14
C ILE F 103 20.21 5.09 -24.96
N ALA F 104 19.85 3.83 -24.74
CA ALA F 104 18.94 3.47 -23.64
C ALA F 104 19.58 2.58 -22.58
N ARG F 105 19.30 2.90 -21.33
CA ARG F 105 19.68 2.06 -20.21
C ARG F 105 18.60 0.99 -20.04
N VAL F 106 18.96 -0.26 -20.30
CA VAL F 106 18.00 -1.35 -20.26
C VAL F 106 18.39 -2.36 -19.17
N TYR F 107 17.52 -2.55 -18.20
CA TYR F 107 17.82 -3.44 -17.08
C TYR F 107 17.60 -4.91 -17.42
N ASP F 108 16.39 -5.24 -17.86
CA ASP F 108 16.07 -6.60 -18.28
C ASP F 108 16.76 -6.94 -19.61
N PRO F 109 17.74 -7.86 -19.57
CA PRO F 109 18.53 -8.21 -20.74
C PRO F 109 17.68 -8.77 -21.88
N GLU F 110 16.54 -9.39 -21.55
CA GLU F 110 15.64 -9.92 -22.57
C GLU F 110 14.99 -8.80 -23.39
N LYS F 111 14.92 -7.61 -22.81
CA LYS F 111 14.31 -6.47 -23.49
C LYS F 111 15.28 -5.80 -24.48
N ILE F 112 16.57 -6.00 -24.27
CA ILE F 112 17.61 -5.41 -25.12
C ILE F 112 17.29 -5.54 -26.63
N LYS F 113 16.86 -6.74 -27.04
CA LYS F 113 16.54 -7.01 -28.44
C LYS F 113 15.55 -6.02 -29.06
N ILE F 114 14.42 -5.79 -28.39
CA ILE F 114 13.35 -4.96 -28.96
C ILE F 114 13.74 -3.48 -29.09
N PHE F 115 14.77 -3.07 -28.36
CA PHE F 115 15.33 -1.73 -28.51
C PHE F 115 16.13 -1.65 -29.79
N GLU F 116 17.10 -2.56 -29.94
CA GLU F 116 17.95 -2.60 -31.12
C GLU F 116 17.15 -2.86 -32.39
N GLU F 117 16.04 -3.57 -32.25
CA GLU F 117 15.14 -3.83 -33.38
C GLU F 117 14.42 -2.55 -33.79
N ASN F 118 14.52 -1.53 -32.94
CA ASN F 118 14.05 -0.19 -33.27
C ASN F 118 15.21 0.78 -33.45
N GLY F 119 16.43 0.23 -33.47
CA GLY F 119 17.62 1.03 -33.69
C GLY F 119 17.93 1.96 -32.52
N ILE F 120 17.80 1.41 -31.31
CA ILE F 120 18.18 2.12 -30.09
C ILE F 120 19.37 1.42 -29.43
N LYS F 121 20.54 2.04 -29.51
CA LYS F 121 21.71 1.52 -28.80
C LYS F 121 21.39 1.35 -27.29
N THR F 122 21.92 0.31 -26.68
CA THR F 122 21.57 -0.04 -25.30
C THR F 122 22.76 -0.26 -24.39
N ILE F 123 22.68 0.28 -23.18
CA ILE F 123 23.66 -0.02 -22.15
C ILE F 123 22.94 -0.84 -21.09
N CYS F 124 23.27 -2.13 -21.01
CA CYS F 124 22.64 -3.03 -20.05
C CYS F 124 23.62 -3.44 -18.95
N PRO F 125 23.26 -3.16 -17.69
CA PRO F 125 24.15 -3.45 -16.55
C PRO F 125 24.42 -4.94 -16.41
N ALA F 126 23.39 -5.77 -16.57
CA ALA F 126 23.51 -7.22 -16.50
C ALA F 126 24.47 -7.72 -17.57
N VAL F 127 24.35 -7.17 -18.78
CA VAL F 127 25.23 -7.54 -19.89
C VAL F 127 26.67 -7.11 -19.59
N LEU F 128 26.81 -5.97 -18.92
CA LEU F 128 28.11 -5.46 -18.51
C LEU F 128 28.73 -6.30 -17.41
N MET F 129 27.88 -6.82 -16.54
CA MET F 129 28.33 -7.57 -15.38
C MET F 129 28.85 -8.96 -15.72
N ILE F 130 28.14 -9.65 -16.62
CA ILE F 130 28.55 -10.98 -17.08
C ILE F 130 30.03 -11.01 -17.48
N GLU F 131 30.54 -9.86 -17.93
CA GLU F 131 31.96 -9.69 -18.26
C GLU F 131 32.83 -9.85 -17.01
N LYS F 132 32.51 -9.05 -15.99
CA LYS F 132 33.28 -9.04 -14.75
C LYS F 132 33.11 -10.33 -13.94
N VAL F 133 31.88 -10.85 -13.90
CA VAL F 133 31.60 -12.12 -13.23
C VAL F 133 32.30 -13.30 -13.90
N LYS F 134 32.77 -13.09 -15.13
CA LYS F 134 33.56 -14.10 -15.84
C LYS F 134 34.91 -14.28 -15.17
N GLU F 135 35.50 -13.17 -14.72
CA GLU F 135 36.82 -13.18 -14.07
C GLU F 135 36.84 -13.96 -12.76
N MET G 1 -18.34 29.35 -13.22
CA MET G 1 -18.33 27.93 -13.68
C MET G 1 -16.92 27.36 -13.69
N LYS G 2 -16.73 26.27 -12.94
CA LYS G 2 -15.49 25.53 -12.97
C LYS G 2 -15.77 24.07 -13.31
N VAL G 3 -14.76 23.37 -13.80
CA VAL G 3 -14.90 21.96 -14.13
C VAL G 3 -14.36 21.16 -12.96
N ILE G 4 -15.27 20.50 -12.24
CA ILE G 4 -14.91 19.70 -11.09
C ILE G 4 -14.67 18.27 -11.55
N ILE G 5 -13.41 17.86 -11.58
CA ILE G 5 -13.02 16.50 -11.96
C ILE G 5 -12.94 15.68 -10.67
N ILE G 6 -13.88 14.78 -10.47
CA ILE G 6 -13.95 14.01 -9.23
C ILE G 6 -13.29 12.65 -9.35
N GLY G 7 -11.95 12.66 -9.24
CA GLY G 7 -11.14 11.45 -9.08
C GLY G 7 -11.09 10.48 -10.24
N GLY G 8 -9.92 9.87 -10.44
CA GLY G 8 -9.77 8.90 -11.52
C GLY G 8 -8.35 8.71 -11.99
N GLU G 9 -7.41 8.80 -11.04
CA GLU G 9 -6.00 8.60 -11.33
C GLU G 9 -5.60 9.28 -12.65
N THR G 10 -5.06 8.50 -13.60
CA THR G 10 -4.34 9.06 -14.75
C THR G 10 -5.24 9.81 -15.74
N THR G 11 -6.40 9.24 -16.06
CA THR G 11 -7.32 9.89 -16.98
C THR G 11 -7.78 11.24 -16.40
N ALA G 12 -7.86 11.32 -15.08
CA ALA G 12 -8.23 12.55 -14.38
C ALA G 12 -7.15 13.60 -14.60
N TYR G 13 -5.89 13.18 -14.60
CA TYR G 13 -4.80 14.09 -14.89
C TYR G 13 -4.95 14.70 -16.29
N TYR G 14 -4.98 13.85 -17.32
CA TYR G 14 -5.01 14.34 -18.69
C TYR G 14 -6.25 15.17 -19.04
N LEU G 15 -7.36 14.89 -18.37
CA LEU G 15 -8.55 15.71 -18.50
C LEU G 15 -8.30 17.09 -17.91
N ALA G 16 -7.71 17.11 -16.71
CA ALA G 16 -7.38 18.36 -16.04
C ALA G 16 -6.42 19.19 -16.88
N ARG G 17 -5.42 18.52 -17.46
CA ARG G 17 -4.45 19.14 -18.35
C ARG G 17 -5.17 19.74 -19.55
N SER G 18 -6.13 18.98 -20.09
CA SER G 18 -6.93 19.42 -21.23
C SER G 18 -7.79 20.63 -20.88
N MET G 19 -8.54 20.54 -19.78
CA MET G 19 -9.43 21.61 -19.35
C MET G 19 -8.68 22.92 -19.13
N LEU G 20 -7.58 22.82 -18.40
CA LEU G 20 -6.74 23.98 -18.13
C LEU G 20 -6.24 24.61 -19.42
N SER G 21 -5.85 23.78 -20.39
CA SER G 21 -5.40 24.27 -21.69
C SER G 21 -6.53 24.95 -22.45
N ARG G 22 -7.76 24.54 -22.17
CA ARG G 22 -8.92 25.18 -22.75
C ARG G 22 -9.39 26.36 -21.92
N LYS G 23 -8.47 26.93 -21.14
CA LYS G 23 -8.68 28.13 -20.32
C LYS G 23 -9.89 28.04 -19.36
N TYR G 24 -10.19 26.82 -18.90
CA TYR G 24 -11.23 26.58 -17.91
C TYR G 24 -10.63 26.57 -16.51
N GLY G 25 -11.50 26.62 -15.50
CA GLY G 25 -11.07 26.47 -14.11
C GLY G 25 -11.32 25.05 -13.65
N VAL G 26 -10.32 24.43 -13.04
CA VAL G 26 -10.42 23.01 -12.67
C VAL G 26 -10.29 22.75 -11.16
N VAL G 27 -11.25 22.02 -10.60
CA VAL G 27 -11.10 21.49 -9.25
C VAL G 27 -10.96 19.98 -9.35
N ILE G 28 -9.79 19.47 -8.97
CA ILE G 28 -9.56 18.03 -8.89
C ILE G 28 -9.91 17.60 -7.48
N ILE G 29 -10.83 16.66 -7.36
CA ILE G 29 -11.20 16.09 -6.06
C ILE G 29 -10.87 14.60 -6.07
N ASN G 30 -9.75 14.23 -5.45
CA ASN G 30 -9.29 12.85 -5.48
C ASN G 30 -8.99 12.30 -4.09
N LYS G 31 -9.26 11.02 -3.90
CA LYS G 31 -9.10 10.42 -2.57
C LYS G 31 -7.69 9.89 -2.31
N ASP G 32 -6.85 9.89 -3.35
CA ASP G 32 -5.48 9.38 -3.23
C ASP G 32 -4.50 10.49 -2.87
N ARG G 33 -4.13 10.53 -1.59
CA ARG G 33 -3.20 11.54 -1.05
C ARG G 33 -1.92 11.64 -1.86
N GLU G 34 -1.39 10.50 -2.27
CA GLU G 34 -0.18 10.43 -3.06
C GLU G 34 -0.37 11.12 -4.41
N LEU G 35 -1.41 10.72 -5.14
CA LEU G 35 -1.73 11.28 -6.44
C LEU G 35 -2.14 12.76 -6.34
N CYS G 36 -2.78 13.14 -5.25
CA CYS G 36 -3.15 14.53 -5.03
C CYS G 36 -1.93 15.44 -5.02
N GLU G 37 -0.88 14.99 -4.31
CA GLU G 37 0.35 15.75 -4.20
C GLU G 37 1.07 15.84 -5.57
N GLU G 38 1.05 14.75 -6.33
CA GLU G 38 1.61 14.72 -7.69
C GLU G 38 0.89 15.74 -8.58
N PHE G 39 -0.44 15.76 -8.49
CA PHE G 39 -1.27 16.70 -9.23
C PHE G 39 -0.93 18.13 -8.84
N ALA G 40 -1.10 18.42 -7.56
CA ALA G 40 -0.78 19.73 -7.00
C ALA G 40 0.47 20.33 -7.64
N LYS G 41 1.53 19.51 -7.72
CA LYS G 41 2.80 19.96 -8.28
C LYS G 41 2.75 20.17 -9.79
N LYS G 42 2.09 19.26 -10.50
CA LYS G 42 2.10 19.30 -11.97
C LYS G 42 1.02 20.23 -12.54
N LEU G 43 -0.24 19.93 -12.22
CA LEU G 43 -1.39 20.65 -12.76
C LEU G 43 -1.66 21.94 -11.96
N LYS G 44 -2.00 23.01 -12.67
CA LYS G 44 -2.27 24.32 -12.06
C LYS G 44 -3.74 24.48 -11.70
N ALA G 45 -4.27 23.49 -10.98
CA ALA G 45 -5.67 23.47 -10.60
C ALA G 45 -5.80 23.46 -9.07
N THR G 46 -7.04 23.38 -8.58
CA THR G 46 -7.28 23.25 -7.15
C THR G 46 -7.45 21.78 -6.81
N ILE G 47 -6.52 21.23 -6.03
CA ILE G 47 -6.58 19.83 -5.67
C ILE G 47 -7.11 19.63 -4.25
N ILE G 48 -8.34 19.14 -4.14
CA ILE G 48 -8.93 18.80 -2.84
C ILE G 48 -8.87 17.29 -2.61
N HIS G 49 -8.03 16.88 -1.65
CA HIS G 49 -7.90 15.46 -1.33
C HIS G 49 -9.06 15.01 -0.45
N GLY G 50 -9.79 14.00 -0.90
CA GLY G 50 -10.92 13.50 -0.14
C GLY G 50 -11.95 12.77 -0.97
N ASP G 51 -12.89 12.14 -0.28
CA ASP G 51 -13.93 11.32 -0.90
C ASP G 51 -15.02 12.20 -1.53
N GLY G 52 -15.12 12.13 -2.85
CA GLY G 52 -16.11 12.90 -3.61
C GLY G 52 -17.56 12.65 -3.25
N SER G 53 -17.84 11.49 -2.68
CA SER G 53 -19.18 11.15 -2.26
C SER G 53 -19.58 11.81 -0.94
N HIS G 54 -18.61 12.38 -0.24
CA HIS G 54 -18.86 13.06 1.03
C HIS G 54 -19.30 14.50 0.82
N LYS G 55 -20.52 14.83 1.25
CA LYS G 55 -21.06 16.18 1.13
C LYS G 55 -20.03 17.23 1.55
N GLU G 56 -19.35 16.97 2.66
CA GLU G 56 -18.34 17.88 3.21
C GLU G 56 -17.23 18.19 2.21
N ILE G 57 -16.65 17.15 1.61
CA ILE G 57 -15.60 17.34 0.61
C ILE G 57 -16.10 18.21 -0.55
N LEU G 58 -17.30 17.89 -1.06
CA LEU G 58 -17.93 18.65 -2.14
C LEU G 58 -18.15 20.10 -1.73
N ARG G 59 -18.49 20.32 -0.45
CA ARG G 59 -18.63 21.68 0.09
C ARG G 59 -17.29 22.39 0.09
N ASP G 60 -16.22 21.67 0.40
CA ASP G 60 -14.86 22.21 0.40
C ASP G 60 -14.41 22.61 -1.01
N ALA G 61 -14.78 21.77 -1.98
CA ALA G 61 -14.51 22.06 -3.39
C ALA G 61 -15.34 23.24 -3.90
N GLU G 62 -16.39 23.57 -3.15
CA GLU G 62 -17.35 24.62 -3.49
C GLU G 62 -18.04 24.33 -4.82
N VAL G 63 -18.64 23.15 -4.94
CA VAL G 63 -19.34 22.78 -6.15
C VAL G 63 -20.61 23.62 -6.27
N SER G 64 -20.67 24.46 -7.31
CA SER G 64 -21.77 25.41 -7.51
C SER G 64 -22.75 24.89 -8.54
N LYS G 65 -23.99 25.41 -8.48
CA LYS G 65 -25.06 25.05 -9.41
C LYS G 65 -24.59 25.00 -10.86
N ASN G 66 -23.78 25.98 -11.26
CA ASN G 66 -23.33 26.08 -12.64
C ASN G 66 -22.08 25.29 -12.99
N ASP G 67 -21.39 24.77 -11.99
CA ASP G 67 -20.18 24.00 -12.22
C ASP G 67 -20.50 22.74 -13.03
N VAL G 68 -19.50 22.23 -13.74
CA VAL G 68 -19.65 20.95 -14.44
C VAL G 68 -18.85 19.88 -13.71
N VAL G 69 -19.57 18.98 -13.04
CA VAL G 69 -18.93 17.90 -12.33
C VAL G 69 -18.73 16.72 -13.28
N VAL G 70 -17.48 16.28 -13.37
CA VAL G 70 -17.08 15.10 -14.15
C VAL G 70 -16.68 14.01 -13.18
N ILE G 71 -17.46 12.93 -13.14
CA ILE G 71 -17.16 11.80 -12.27
C ILE G 71 -16.46 10.73 -13.11
N LEU G 72 -15.22 10.39 -12.75
CA LEU G 72 -14.40 9.47 -13.55
C LEU G 72 -13.99 8.20 -12.81
N THR G 73 -14.72 7.87 -11.74
CA THR G 73 -14.39 6.70 -10.90
C THR G 73 -14.70 5.34 -11.58
N PRO G 74 -13.91 4.31 -11.28
CA PRO G 74 -14.09 3.01 -11.87
C PRO G 74 -15.32 2.26 -11.32
N ARG G 75 -15.92 2.79 -10.25
CA ARG G 75 -17.07 2.16 -9.60
C ARG G 75 -18.38 2.89 -9.94
N ASP G 76 -19.21 2.26 -10.77
CA ASP G 76 -20.47 2.86 -11.23
C ASP G 76 -21.41 3.19 -10.07
N GLU G 77 -21.50 2.28 -9.10
CA GLU G 77 -22.34 2.50 -7.93
C GLU G 77 -21.95 3.80 -7.20
N VAL G 78 -20.66 4.10 -7.20
CA VAL G 78 -20.18 5.34 -6.62
C VAL G 78 -20.52 6.49 -7.56
N ASN G 79 -20.19 6.34 -8.84
CA ASN G 79 -20.46 7.39 -9.83
C ASN G 79 -21.90 7.89 -9.78
N LEU G 80 -22.85 6.96 -9.85
CA LEU G 80 -24.27 7.32 -9.82
C LEU G 80 -24.62 8.09 -8.55
N PHE G 81 -24.01 7.70 -7.44
CA PHE G 81 -24.20 8.40 -6.18
C PHE G 81 -23.57 9.77 -6.24
N ILE G 82 -22.26 9.83 -6.46
CA ILE G 82 -21.57 11.11 -6.56
C ILE G 82 -22.35 12.05 -7.49
N ALA G 83 -22.93 11.50 -8.55
CA ALA G 83 -23.78 12.25 -9.49
C ALA G 83 -25.03 12.82 -8.82
N GLN G 84 -25.86 11.93 -8.30
CA GLN G 84 -27.09 12.32 -7.61
C GLN G 84 -26.82 13.31 -6.48
N LEU G 85 -25.74 13.09 -5.74
CA LEU G 85 -25.37 13.96 -4.62
C LEU G 85 -25.08 15.36 -5.15
N VAL G 86 -24.29 15.42 -6.23
CA VAL G 86 -23.98 16.69 -6.89
C VAL G 86 -25.24 17.30 -7.52
N MET G 87 -26.10 16.46 -8.09
CA MET G 87 -27.29 16.96 -8.78
C MET G 87 -28.41 17.42 -7.86
N LYS G 88 -28.73 16.63 -6.85
CA LYS G 88 -29.86 16.92 -5.96
C LYS G 88 -29.50 17.86 -4.82
N ASP G 89 -28.38 17.59 -4.15
CA ASP G 89 -28.00 18.35 -2.96
C ASP G 89 -27.18 19.62 -3.26
N PHE G 90 -26.60 19.70 -4.45
CA PHE G 90 -25.78 20.87 -4.82
C PHE G 90 -26.35 21.62 -6.03
N GLY G 91 -27.32 21.01 -6.69
CA GLY G 91 -27.99 21.64 -7.82
C GLY G 91 -27.16 21.74 -9.08
N VAL G 92 -26.17 20.86 -9.23
CA VAL G 92 -25.38 20.82 -10.45
C VAL G 92 -26.23 20.26 -11.59
N LYS G 93 -26.43 21.09 -12.62
CA LYS G 93 -27.22 20.70 -13.77
C LYS G 93 -26.37 19.84 -14.72
N ARG G 94 -25.11 20.24 -14.89
CA ARG G 94 -24.23 19.57 -15.86
C ARG G 94 -23.34 18.53 -15.19
N VAL G 95 -23.67 17.25 -15.39
CA VAL G 95 -22.84 16.16 -14.86
C VAL G 95 -22.41 15.20 -15.96
N VAL G 96 -21.10 14.98 -16.05
CA VAL G 96 -20.53 14.03 -16.99
C VAL G 96 -19.95 12.89 -16.18
N SER G 97 -20.29 11.65 -16.54
CA SER G 97 -19.74 10.50 -15.80
C SER G 97 -19.21 9.42 -16.71
N LEU G 98 -18.13 8.78 -16.28
CA LEU G 98 -17.68 7.53 -16.88
C LEU G 98 -18.65 6.47 -16.39
N VAL G 99 -19.03 5.56 -17.29
CA VAL G 99 -19.83 4.41 -16.91
C VAL G 99 -19.12 3.13 -17.39
N ASN G 100 -18.65 2.34 -16.45
CA ASN G 100 -17.81 1.18 -16.78
C ASN G 100 -18.57 0.04 -17.43
N ASP G 101 -19.63 -0.44 -16.77
CA ASP G 101 -20.46 -1.52 -17.30
C ASP G 101 -21.36 -0.95 -18.38
N PRO G 102 -21.21 -1.42 -19.62
CA PRO G 102 -22.09 -0.99 -20.69
C PRO G 102 -23.56 -1.17 -20.31
N GLY G 103 -23.86 -2.19 -19.51
CA GLY G 103 -25.20 -2.44 -19.03
C GLY G 103 -25.77 -1.28 -18.22
N ASN G 104 -24.89 -0.57 -17.53
CA ASN G 104 -25.30 0.49 -16.63
C ASN G 104 -25.54 1.83 -17.32
N MET G 105 -25.21 1.90 -18.60
CA MET G 105 -25.35 3.14 -19.37
C MET G 105 -26.76 3.70 -19.29
N GLU G 106 -27.73 2.78 -19.33
CA GLU G 106 -29.16 3.09 -19.39
C GLU G 106 -29.66 3.86 -18.16
N ILE G 107 -29.43 3.31 -16.96
CA ILE G 107 -29.86 3.96 -15.71
C ILE G 107 -29.25 5.35 -15.52
N PHE G 108 -28.02 5.52 -16.01
CA PHE G 108 -27.36 6.82 -15.96
C PHE G 108 -28.07 7.83 -16.87
N LYS G 109 -28.45 7.36 -18.05
CA LYS G 109 -29.24 8.19 -18.97
C LYS G 109 -30.61 8.51 -18.34
N LYS G 110 -31.30 7.47 -17.89
CA LYS G 110 -32.59 7.62 -17.20
C LYS G 110 -32.54 8.63 -16.05
N MET G 111 -31.45 8.63 -15.29
CA MET G 111 -31.29 9.59 -14.19
C MET G 111 -30.95 10.99 -14.66
N GLY G 112 -30.55 11.11 -15.92
CA GLY G 112 -30.24 12.43 -16.48
C GLY G 112 -28.80 12.87 -16.33
N ILE G 113 -27.93 11.95 -15.93
CA ILE G 113 -26.49 12.17 -16.01
C ILE G 113 -26.08 11.93 -17.47
N THR G 114 -25.36 12.89 -18.05
CA THR G 114 -24.82 12.70 -19.39
C THR G 114 -23.54 11.89 -19.27
N THR G 115 -23.35 10.92 -20.16
CA THR G 115 -22.26 9.96 -20.04
C THR G 115 -21.30 10.02 -21.22
N VAL G 116 -20.02 9.81 -20.94
CA VAL G 116 -19.02 9.65 -22.00
C VAL G 116 -19.27 8.30 -22.65
N LEU G 117 -19.11 8.23 -23.98
CA LEU G 117 -19.20 6.97 -24.71
C LEU G 117 -18.41 5.88 -23.96
N ASN G 118 -19.05 4.74 -23.75
CA ASN G 118 -18.48 3.65 -22.94
C ASN G 118 -17.21 3.11 -23.58
N LEU G 119 -16.13 3.07 -22.78
CA LEU G 119 -14.83 2.63 -23.26
C LEU G 119 -14.88 1.19 -23.78
N THR G 120 -15.34 0.28 -22.92
CA THR G 120 -15.34 -1.14 -23.27
C THR G 120 -16.16 -1.41 -24.52
N THR G 121 -17.16 -0.58 -24.79
CA THR G 121 -17.94 -0.67 -26.02
C THR G 121 -17.05 -0.32 -27.21
N LEU G 122 -16.42 0.86 -27.15
CA LEU G 122 -15.51 1.32 -28.19
C LEU G 122 -14.41 0.29 -28.42
N ILE G 123 -13.77 -0.14 -27.34
CA ILE G 123 -12.75 -1.19 -27.43
C ILE G 123 -13.28 -2.42 -28.18
N THR G 124 -14.49 -2.89 -27.82
CA THR G 124 -15.11 -4.06 -28.45
C THR G 124 -15.38 -3.80 -29.92
N ASN G 125 -15.87 -2.61 -30.24
CA ASN G 125 -16.14 -2.26 -31.62
C ASN G 125 -14.85 -2.20 -32.45
N THR G 126 -13.78 -1.70 -31.82
CA THR G 126 -12.47 -1.59 -32.49
C THR G 126 -11.84 -2.96 -32.69
N VAL G 127 -11.87 -3.78 -31.65
CA VAL G 127 -11.32 -5.14 -31.71
C VAL G 127 -12.07 -5.98 -32.74
N GLU G 128 -13.40 -5.96 -32.69
CA GLU G 128 -14.22 -6.74 -33.63
C GLU G 128 -14.05 -6.26 -35.07
N ALA G 129 -13.75 -4.98 -35.23
CA ALA G 129 -13.44 -4.43 -36.55
C ALA G 129 -12.14 -5.02 -37.10
N LEU G 130 -11.17 -5.23 -36.22
CA LEU G 130 -9.86 -5.76 -36.63
C LEU G 130 -9.96 -7.25 -36.97
N ILE G 131 -10.75 -7.98 -36.21
CA ILE G 131 -10.96 -9.42 -36.45
C ILE G 131 -11.75 -9.67 -37.74
N PHE G 132 -12.84 -8.92 -37.94
CA PHE G 132 -13.64 -8.97 -39.16
C PHE G 132 -13.69 -7.59 -39.82
N PRO G 133 -12.72 -7.31 -40.71
CA PRO G 133 -12.64 -5.98 -41.33
C PRO G 133 -13.65 -5.77 -42.46
N ASP G 134 -14.13 -6.87 -43.04
CA ASP G 134 -15.04 -6.82 -44.18
C ASP G 134 -16.49 -7.07 -43.79
N GLU G 135 -16.91 -6.45 -42.68
CA GLU G 135 -18.30 -6.49 -42.23
C GLU G 135 -18.63 -5.18 -41.52
N PHE G 136 -19.86 -4.70 -41.71
CA PHE G 136 -20.29 -3.40 -41.16
C PHE G 136 -20.09 -3.27 -39.65
N SER G 137 -18.98 -2.64 -39.25
CA SER G 137 -18.66 -2.45 -37.83
C SER G 137 -19.11 -1.09 -37.32
N SER G 138 -19.76 -1.08 -36.16
CA SER G 138 -20.33 0.13 -35.57
C SER G 138 -19.26 1.05 -34.99
N ILE G 139 -19.34 2.34 -35.32
CA ILE G 139 -18.41 3.34 -34.80
C ILE G 139 -18.80 3.81 -33.38
N ILE G 140 -19.18 5.08 -33.26
CA ILE G 140 -19.66 5.63 -32.01
C ILE G 140 -21.14 5.89 -32.14
N PRO G 141 -21.97 5.25 -31.28
CA PRO G 141 -23.43 5.35 -31.32
C PRO G 141 -23.97 6.76 -31.11
N LEU G 142 -24.80 7.21 -32.04
CA LEU G 142 -25.39 8.55 -32.00
C LEU G 142 -26.52 8.63 -30.96
N GLU G 143 -27.67 9.16 -31.37
CA GLU G 143 -28.83 9.26 -30.48
C GLU G 143 -29.46 7.89 -30.25
N GLN G 144 -30.12 7.72 -29.11
CA GLN G 144 -30.72 6.44 -28.70
C GLN G 144 -31.68 5.90 -29.76
N GLY G 145 -31.21 4.91 -30.52
CA GLY G 145 -31.98 4.30 -31.60
C GLY G 145 -31.43 4.57 -32.99
N ILE G 146 -30.25 5.17 -33.06
CA ILE G 146 -29.56 5.45 -34.32
C ILE G 146 -28.06 5.17 -34.18
N GLU G 147 -27.60 4.10 -34.83
CA GLU G 147 -26.18 3.73 -34.78
C GLU G 147 -25.40 4.26 -35.98
N PHE G 148 -24.12 4.51 -35.78
CA PHE G 148 -23.26 5.03 -36.82
C PHE G 148 -22.19 4.01 -37.21
N LEU G 149 -22.53 3.17 -38.20
CA LEU G 149 -21.66 2.09 -38.63
C LEU G 149 -20.73 2.48 -39.79
N SER G 150 -19.82 1.58 -40.14
CA SER G 150 -18.88 1.77 -41.25
C SER G 150 -18.48 0.44 -41.90
N VAL G 151 -18.38 0.42 -43.23
CA VAL G 151 -17.99 -0.79 -43.95
C VAL G 151 -16.93 -0.49 -45.01
N ASP G 156 -14.61 -7.94 -55.13
CA ASP G 156 -15.36 -9.17 -54.86
C ASP G 156 -16.78 -8.87 -54.35
N SER G 157 -17.00 -7.64 -53.90
CA SER G 157 -18.28 -7.23 -53.33
C SER G 157 -19.27 -6.77 -54.41
N PRO G 158 -20.58 -6.94 -54.14
CA PRO G 158 -21.62 -6.49 -55.09
C PRO G 158 -21.71 -4.97 -55.21
N VAL G 159 -21.41 -4.26 -54.12
CA VAL G 159 -21.52 -2.79 -54.06
C VAL G 159 -20.53 -2.08 -54.99
N VAL G 160 -19.40 -2.72 -55.28
CA VAL G 160 -18.40 -2.17 -56.18
C VAL G 160 -18.96 -2.05 -57.60
N GLY G 161 -18.79 -0.87 -58.19
CA GLY G 161 -19.26 -0.59 -59.54
C GLY G 161 -20.74 -0.24 -59.60
N LYS G 162 -21.30 0.20 -58.47
CA LYS G 162 -22.69 0.60 -58.41
C LYS G 162 -22.83 2.08 -58.07
N LYS G 163 -23.79 2.75 -58.72
CA LYS G 163 -24.08 4.15 -58.46
C LYS G 163 -24.79 4.30 -57.13
N LEU G 164 -24.44 5.35 -56.39
CA LEU G 164 -25.02 5.61 -55.06
C LEU G 164 -26.52 5.93 -55.16
N LYS G 165 -26.93 6.46 -56.30
CA LYS G 165 -28.33 6.67 -56.60
C LYS G 165 -29.01 5.33 -56.88
N ASP G 166 -28.32 4.46 -57.62
CA ASP G 166 -28.85 3.14 -58.01
C ASP G 166 -28.93 2.16 -56.85
N LEU G 167 -28.12 2.37 -55.82
CA LEU G 167 -28.16 1.54 -54.62
C LEU G 167 -29.50 1.73 -53.89
N PRO G 168 -30.23 0.63 -53.69
CA PRO G 168 -31.54 0.68 -53.02
C PRO G 168 -31.43 0.54 -51.49
N LEU G 169 -31.13 1.65 -50.82
CA LEU G 169 -31.04 1.68 -49.36
C LEU G 169 -32.40 2.01 -48.74
N PRO G 170 -32.70 1.45 -47.55
CA PRO G 170 -33.97 1.72 -46.85
C PRO G 170 -34.16 3.19 -46.46
N ARG G 171 -35.39 3.56 -46.14
CA ARG G 171 -35.78 4.96 -45.90
C ARG G 171 -35.00 5.65 -44.79
N ASP G 172 -34.78 4.95 -43.69
CA ASP G 172 -34.11 5.53 -42.52
C ASP G 172 -32.60 5.28 -42.47
N SER G 173 -32.00 5.17 -43.65
CA SER G 173 -30.54 4.97 -43.79
C SER G 173 -29.90 6.06 -44.65
N ILE G 174 -28.71 6.49 -44.27
CA ILE G 174 -27.98 7.50 -45.04
C ILE G 174 -26.52 7.09 -45.21
N ILE G 175 -26.07 6.98 -46.45
CA ILE G 175 -24.65 6.78 -46.74
C ILE G 175 -23.94 8.12 -46.59
N ALA G 176 -23.55 8.41 -45.35
CA ALA G 176 -23.11 9.75 -44.94
C ALA G 176 -21.88 10.29 -45.67
N ALA G 177 -20.83 9.48 -45.74
CA ALA G 177 -19.57 9.90 -46.34
C ALA G 177 -18.74 8.73 -46.83
N ILE G 178 -18.23 8.87 -48.05
CA ILE G 178 -17.28 7.91 -48.61
C ILE G 178 -15.86 8.42 -48.39
N VAL G 179 -14.94 7.51 -48.08
CA VAL G 179 -13.55 7.88 -47.83
C VAL G 179 -12.60 7.07 -48.72
N ARG G 180 -12.29 7.62 -49.88
CA ARG G 180 -11.43 6.95 -50.86
C ARG G 180 -9.95 7.27 -50.64
N GLY G 181 -9.23 6.30 -50.08
CA GLY G 181 -7.79 6.43 -49.83
C GLY G 181 -7.40 7.60 -48.95
N GLY G 182 -8.10 7.77 -47.84
CA GLY G 182 -7.85 8.86 -46.90
C GLY G 182 -8.25 10.22 -47.44
N VAL G 183 -9.32 10.24 -48.24
CA VAL G 183 -9.87 11.48 -48.79
C VAL G 183 -11.40 11.41 -48.72
N LEU G 184 -12.02 12.44 -48.16
CA LEU G 184 -13.48 12.50 -48.04
C LEU G 184 -14.13 12.75 -49.39
N VAL G 185 -15.11 11.91 -49.73
CA VAL G 185 -15.89 12.05 -50.95
C VAL G 185 -17.35 12.29 -50.59
N VAL G 186 -17.86 13.46 -50.98
CA VAL G 186 -19.25 13.82 -50.70
C VAL G 186 -20.18 13.01 -51.62
N PRO G 187 -20.98 12.11 -51.04
CA PRO G 187 -21.81 11.20 -51.84
C PRO G 187 -22.95 11.88 -52.60
N ARG G 188 -22.70 12.17 -53.87
CA ARG G 188 -23.75 12.64 -54.78
C ARG G 188 -24.46 11.41 -55.35
N GLY G 189 -25.47 11.64 -56.20
CA GLY G 189 -26.20 10.56 -56.85
C GLY G 189 -25.30 9.77 -57.78
N ASP G 190 -24.60 10.49 -58.65
CA ASP G 190 -23.72 9.90 -59.66
C ASP G 190 -22.39 9.39 -59.09
N THR G 191 -22.28 9.35 -57.77
CA THR G 191 -21.12 8.79 -57.09
C THR G 191 -21.14 7.27 -57.21
N GLU G 192 -20.00 6.69 -57.60
CA GLU G 192 -19.85 5.24 -57.72
C GLU G 192 -18.84 4.70 -56.70
N ILE G 193 -19.21 3.62 -56.03
CA ILE G 193 -18.28 2.95 -55.12
C ILE G 193 -17.36 2.00 -55.90
N LEU G 194 -16.13 1.88 -55.43
CA LEU G 194 -15.15 0.97 -56.04
C LEU G 194 -14.58 -0.01 -55.00
N SER G 195 -13.98 -1.10 -55.49
CA SER G 195 -13.42 -2.15 -54.62
C SER G 195 -12.26 -1.64 -53.77
N ASP G 197 -12.86 1.60 -51.10
CA ASP G 197 -13.76 2.66 -50.67
C ASP G 197 -14.26 2.36 -49.27
N LYS G 198 -13.99 3.25 -48.32
CA LYS G 198 -14.54 3.14 -46.97
C LYS G 198 -15.77 4.03 -46.83
N LEU G 199 -16.94 3.41 -46.81
CA LEU G 199 -18.22 4.12 -46.73
C LEU G 199 -18.79 4.11 -45.31
N TYR G 200 -18.92 5.30 -44.73
CA TYR G 200 -19.54 5.45 -43.42
C TYR G 200 -21.05 5.58 -43.60
N VAL G 201 -21.81 4.91 -42.74
CA VAL G 201 -23.26 4.88 -42.83
C VAL G 201 -23.95 5.20 -41.50
N ILE G 202 -25.00 6.03 -41.58
CA ILE G 202 -25.85 6.30 -40.43
C ILE G 202 -27.21 5.64 -40.68
N VAL G 203 -27.62 4.75 -39.79
CA VAL G 203 -28.89 4.03 -39.94
C VAL G 203 -29.59 3.82 -38.59
N SER G 204 -30.92 3.89 -38.62
CA SER G 204 -31.73 3.57 -37.45
C SER G 204 -31.73 2.06 -37.23
N ALA G 205 -31.72 1.65 -35.96
CA ALA G 205 -31.66 0.23 -35.57
C ALA G 205 -32.73 -0.63 -36.24
N GLU G 206 -33.94 -0.07 -36.36
CA GLU G 206 -35.07 -0.76 -36.99
C GLU G 206 -34.91 -0.95 -38.50
N ALA G 207 -33.73 -0.61 -39.03
CA ALA G 207 -33.43 -0.71 -40.47
C ALA G 207 -31.98 -1.13 -40.74
N LYS G 208 -31.25 -1.44 -39.68
CA LYS G 208 -29.83 -1.79 -39.77
C LYS G 208 -29.59 -3.10 -40.50
N GLU G 209 -30.43 -4.09 -40.21
CA GLU G 209 -30.33 -5.42 -40.81
C GLU G 209 -30.42 -5.38 -42.33
N THR G 210 -31.36 -4.59 -42.85
CA THR G 210 -31.59 -4.50 -44.29
C THR G 210 -30.52 -3.64 -44.96
N VAL G 211 -30.06 -2.60 -44.26
CA VAL G 211 -29.01 -1.71 -44.78
C VAL G 211 -27.71 -2.46 -45.02
N GLU G 212 -27.37 -3.36 -44.08
CA GLU G 212 -26.18 -4.20 -44.19
C GLU G 212 -26.34 -5.27 -45.27
N GLU G 213 -27.53 -5.88 -45.32
CA GLU G 213 -27.85 -6.90 -46.33
C GLU G 213 -27.73 -6.35 -47.76
N THR G 214 -28.06 -5.06 -47.92
CA THR G 214 -27.98 -4.40 -49.22
C THR G 214 -26.54 -3.94 -49.54
N LEU G 215 -25.82 -3.48 -48.52
CA LEU G 215 -24.45 -2.97 -48.71
C LEU G 215 -23.38 -4.07 -48.92
N LEU G 216 -23.77 -5.33 -48.76
CA LEU G 216 -22.84 -6.46 -48.93
C LEU G 216 -23.46 -7.60 -49.74
N MET H 1 -7.21 -18.02 -33.15
CA MET H 1 -7.26 -16.58 -32.74
C MET H 1 -7.97 -16.41 -31.39
N LYS H 2 -7.25 -15.83 -30.44
CA LYS H 2 -7.83 -15.46 -29.15
C LYS H 2 -7.60 -13.98 -28.93
N VAL H 3 -8.43 -13.38 -28.08
CA VAL H 3 -8.27 -11.99 -27.70
C VAL H 3 -7.50 -11.91 -26.39
N ILE H 4 -6.24 -11.47 -26.47
CA ILE H 4 -5.39 -11.32 -25.30
C ILE H 4 -5.55 -9.92 -24.70
N ILE H 5 -6.28 -9.85 -23.59
CA ILE H 5 -6.48 -8.60 -22.89
C ILE H 5 -5.36 -8.46 -21.87
N ILE H 6 -4.44 -7.53 -22.11
CA ILE H 6 -3.25 -7.38 -21.25
C ILE H 6 -3.45 -6.29 -20.20
N GLY H 7 -4.13 -6.66 -19.11
CA GLY H 7 -4.18 -5.88 -17.87
C GLY H 7 -4.88 -4.54 -17.94
N GLY H 8 -5.58 -4.19 -16.86
CA GLY H 8 -6.29 -2.91 -16.80
C GLY H 8 -7.48 -2.91 -15.87
N GLU H 9 -7.31 -3.56 -14.72
CA GLU H 9 -8.35 -3.61 -13.69
C GLU H 9 -9.78 -3.76 -14.27
N THR H 10 -10.66 -2.82 -13.94
CA THR H 10 -12.10 -2.95 -14.21
C THR H 10 -12.52 -2.95 -15.69
N THR H 11 -11.94 -2.06 -16.47
CA THR H 11 -12.25 -2.02 -17.91
C THR H 11 -11.84 -3.34 -18.56
N ALA H 12 -10.78 -3.95 -18.04
CA ALA H 12 -10.30 -5.22 -18.54
C ALA H 12 -11.33 -6.31 -18.29
N TYR H 13 -12.00 -6.23 -17.14
CA TYR H 13 -13.07 -7.16 -16.83
C TYR H 13 -14.22 -7.03 -17.84
N TYR H 14 -14.79 -5.84 -17.96
CA TYR H 14 -15.95 -5.68 -18.85
C TYR H 14 -15.68 -5.96 -20.34
N LEU H 15 -14.45 -5.74 -20.77
CA LEU H 15 -14.04 -6.14 -22.12
C LEU H 15 -14.01 -7.66 -22.24
N ALA H 16 -13.43 -8.32 -21.23
CA ALA H 16 -13.37 -9.78 -21.20
C ALA H 16 -14.78 -10.36 -21.22
N ARG H 17 -15.65 -9.78 -20.39
CA ARG H 17 -17.06 -10.16 -20.34
C ARG H 17 -17.72 -9.99 -21.71
N SER H 18 -17.39 -8.88 -22.38
CA SER H 18 -17.90 -8.58 -23.71
C SER H 18 -17.40 -9.58 -24.76
N MET H 19 -16.09 -9.81 -24.78
CA MET H 19 -15.47 -10.72 -25.73
C MET H 19 -16.02 -12.14 -25.63
N LEU H 20 -16.10 -12.62 -24.40
CA LEU H 20 -16.64 -13.94 -24.10
C LEU H 20 -18.07 -14.05 -24.60
N SER H 21 -18.87 -13.01 -24.38
CA SER H 21 -20.27 -12.98 -24.85
C SER H 21 -20.35 -12.97 -26.37
N ARG H 22 -19.31 -12.45 -27.02
CA ARG H 22 -19.21 -12.48 -28.48
C ARG H 22 -18.55 -13.77 -28.97
N LYS H 23 -18.63 -14.81 -28.15
CA LYS H 23 -18.13 -16.16 -28.47
C LYS H 23 -16.65 -16.21 -28.90
N TYR H 24 -15.86 -15.25 -28.39
CA TYR H 24 -14.41 -15.25 -28.62
C TYR H 24 -13.69 -16.00 -27.52
N GLY H 25 -12.40 -16.26 -27.72
CA GLY H 25 -11.54 -16.80 -26.68
C GLY H 25 -10.72 -15.70 -26.04
N VAL H 26 -10.69 -15.66 -24.72
CA VAL H 26 -10.02 -14.58 -24.01
C VAL H 26 -8.89 -15.03 -23.09
N VAL H 27 -7.72 -14.40 -23.24
CA VAL H 27 -6.64 -14.56 -22.29
C VAL H 27 -6.47 -13.24 -21.58
N ILE H 28 -6.73 -13.24 -20.27
CA ILE H 28 -6.50 -12.07 -19.43
C ILE H 28 -5.11 -12.21 -18.85
N ILE H 29 -4.26 -11.21 -19.09
CA ILE H 29 -2.91 -11.20 -18.53
C ILE H 29 -2.80 -9.98 -17.63
N ASN H 30 -2.89 -10.20 -16.32
CA ASN H 30 -2.85 -9.10 -15.37
C ASN H 30 -1.83 -9.29 -14.27
N LYS H 31 -1.20 -8.20 -13.85
CA LYS H 31 -0.14 -8.29 -12.84
C LYS H 31 -0.64 -8.27 -11.40
N ASP H 32 -1.95 -8.02 -11.23
CA ASP H 32 -2.57 -7.95 -9.90
C ASP H 32 -3.12 -9.29 -9.41
N ARG H 33 -2.33 -10.00 -8.60
CA ARG H 33 -2.70 -11.32 -8.06
C ARG H 33 -4.11 -11.36 -7.51
N GLU H 34 -4.49 -10.30 -6.80
CA GLU H 34 -5.81 -10.18 -6.19
C GLU H 34 -6.90 -10.15 -7.25
N LEU H 35 -6.73 -9.25 -8.23
CA LEU H 35 -7.68 -9.11 -9.32
C LEU H 35 -7.71 -10.34 -10.24
N CYS H 36 -6.58 -11.01 -10.39
CA CYS H 36 -6.50 -12.23 -11.19
C CYS H 36 -7.40 -13.30 -10.61
N GLU H 37 -7.38 -13.43 -9.29
CA GLU H 37 -8.19 -14.44 -8.61
C GLU H 37 -9.69 -14.11 -8.73
N GLU H 38 -10.02 -12.82 -8.63
CA GLU H 38 -11.40 -12.34 -8.80
C GLU H 38 -11.91 -12.65 -10.22
N PHE H 39 -11.07 -12.40 -11.21
CA PHE H 39 -11.36 -12.70 -12.61
C PHE H 39 -11.58 -14.19 -12.80
N ALA H 40 -10.56 -14.98 -12.45
CA ALA H 40 -10.62 -16.43 -12.53
C ALA H 40 -11.98 -16.98 -12.10
N LYS H 41 -12.48 -16.48 -10.97
CA LYS H 41 -13.77 -16.92 -10.42
C LYS H 41 -14.97 -16.44 -11.26
N LYS H 42 -14.94 -15.19 -11.69
CA LYS H 42 -16.07 -14.58 -12.40
C LYS H 42 -16.06 -14.85 -13.91
N LEU H 43 -15.00 -14.43 -14.59
CA LEU H 43 -14.89 -14.58 -16.05
C LEU H 43 -14.42 -16.00 -16.46
N LYS H 44 -15.03 -16.54 -17.51
CA LYS H 44 -14.68 -17.88 -18.01
C LYS H 44 -13.55 -17.83 -19.05
N ALA H 45 -12.46 -17.17 -18.68
CA ALA H 45 -11.32 -16.99 -19.58
C ALA H 45 -10.07 -17.59 -18.97
N THR H 46 -8.94 -17.46 -19.66
CA THR H 46 -7.66 -17.90 -19.15
C THR H 46 -6.96 -16.72 -18.49
N ILE H 47 -6.77 -16.81 -17.17
CA ILE H 47 -6.15 -15.72 -16.43
C ILE H 47 -4.69 -16.05 -16.10
N ILE H 48 -3.76 -15.37 -16.78
CA ILE H 48 -2.33 -15.50 -16.51
C ILE H 48 -1.86 -14.31 -15.67
N HIS H 49 -1.52 -14.55 -14.42
CA HIS H 49 -1.02 -13.50 -13.53
C HIS H 49 0.46 -13.21 -13.80
N GLY H 50 0.76 -11.98 -14.15
CA GLY H 50 2.13 -11.60 -14.47
C GLY H 50 2.26 -10.37 -15.34
N ASP H 51 3.49 -9.89 -15.46
CA ASP H 51 3.81 -8.67 -16.18
C ASP H 51 3.75 -8.89 -17.70
N GLY H 52 2.82 -8.23 -18.35
CA GLY H 52 2.64 -8.37 -19.80
C GLY H 52 3.84 -7.98 -20.64
N SER H 53 4.72 -7.15 -20.08
CA SER H 53 5.91 -6.70 -20.79
C SER H 53 7.00 -7.75 -20.78
N HIS H 54 6.84 -8.78 -19.96
CA HIS H 54 7.84 -9.86 -19.87
C HIS H 54 7.59 -10.90 -20.94
N LYS H 55 8.58 -11.11 -21.81
CA LYS H 55 8.50 -12.11 -22.87
C LYS H 55 7.98 -13.46 -22.36
N GLU H 56 8.51 -13.88 -21.22
CA GLU H 56 8.12 -15.14 -20.57
C GLU H 56 6.63 -15.24 -20.31
N ILE H 57 6.04 -14.21 -19.68
CA ILE H 57 4.60 -14.17 -19.41
C ILE H 57 3.80 -14.30 -20.72
N LEU H 58 4.17 -13.51 -21.74
CA LEU H 58 3.53 -13.58 -23.04
C LEU H 58 3.64 -14.98 -23.65
N ARG H 59 4.79 -15.64 -23.42
CA ARG H 59 5.00 -17.01 -23.87
C ARG H 59 4.02 -17.95 -23.17
N ASP H 60 3.82 -17.71 -21.87
CA ASP H 60 2.90 -18.51 -21.07
C ASP H 60 1.46 -18.35 -21.55
N ALA H 61 1.11 -17.12 -21.92
CA ALA H 61 -0.20 -16.80 -22.47
C ALA H 61 -0.37 -17.40 -23.87
N GLU H 62 0.75 -17.79 -24.47
CA GLU H 62 0.81 -18.33 -25.84
C GLU H 62 0.22 -17.34 -26.85
N VAL H 63 0.75 -16.12 -26.84
CA VAL H 63 0.32 -15.11 -27.81
C VAL H 63 0.82 -15.49 -29.20
N SER H 64 -0.14 -15.78 -30.08
CA SER H 64 0.15 -16.25 -31.43
C SER H 64 0.07 -15.12 -32.44
N LYS H 65 0.69 -15.33 -33.60
CA LYS H 65 0.69 -14.36 -34.71
C LYS H 65 -0.71 -13.78 -35.00
N ASN H 66 -1.71 -14.65 -35.00
CA ASN H 66 -3.07 -14.25 -35.33
C ASN H 66 -3.93 -13.71 -34.17
N ASP H 67 -3.44 -13.87 -32.94
CA ASP H 67 -4.16 -13.35 -31.78
C ASP H 67 -4.29 -11.84 -31.85
N VAL H 68 -5.32 -11.30 -31.21
CA VAL H 68 -5.49 -9.85 -31.07
C VAL H 68 -5.14 -9.43 -29.66
N VAL H 69 -4.00 -8.77 -29.51
CA VAL H 69 -3.58 -8.29 -28.20
C VAL H 69 -4.19 -6.91 -27.96
N VAL H 70 -4.91 -6.78 -26.85
CA VAL H 70 -5.45 -5.51 -26.42
C VAL H 70 -4.70 -5.07 -25.17
N ILE H 71 -3.95 -3.97 -25.26
CA ILE H 71 -3.20 -3.41 -24.12
C ILE H 71 -4.02 -2.26 -23.51
N LEU H 72 -4.41 -2.42 -22.24
CA LEU H 72 -5.31 -1.47 -21.57
C LEU H 72 -4.69 -0.78 -20.35
N THR H 73 -3.36 -0.78 -20.28
CA THR H 73 -2.64 -0.20 -19.13
C THR H 73 -2.67 1.33 -19.11
N PRO H 74 -2.64 1.93 -17.91
CA PRO H 74 -2.70 3.38 -17.74
C PRO H 74 -1.37 4.06 -18.08
N ARG H 75 -0.33 3.27 -18.32
CA ARG H 75 0.99 3.80 -18.65
C ARG H 75 1.32 3.62 -20.14
N ASP H 76 1.30 4.72 -20.89
CA ASP H 76 1.58 4.71 -22.32
C ASP H 76 2.95 4.15 -22.66
N GLU H 77 3.96 4.53 -21.87
CA GLU H 77 5.31 4.02 -22.07
C GLU H 77 5.35 2.50 -22.00
N VAL H 78 4.51 1.92 -21.14
CA VAL H 78 4.38 0.48 -21.05
C VAL H 78 3.61 -0.05 -22.25
N ASN H 79 2.44 0.54 -22.51
CA ASN H 79 1.61 0.12 -23.64
C ASN H 79 2.39 0.01 -24.93
N LEU H 80 3.10 1.07 -25.30
CA LEU H 80 3.90 1.10 -26.52
C LEU H 80 4.92 -0.02 -26.53
N PHE H 81 5.51 -0.33 -25.37
CA PHE H 81 6.44 -1.44 -25.27
C PHE H 81 5.72 -2.77 -25.43
N ILE H 82 4.73 -3.01 -24.57
CA ILE H 82 3.96 -4.25 -24.63
C ILE H 82 3.49 -4.48 -26.05
N ALA H 83 3.15 -3.40 -26.76
CA ALA H 83 2.75 -3.45 -28.17
C ALA H 83 3.88 -3.92 -29.07
N GLN H 84 4.99 -3.19 -29.08
CA GLN H 84 6.16 -3.54 -29.89
C GLN H 84 6.65 -4.95 -29.60
N LEU H 85 6.63 -5.33 -28.32
CA LEU H 85 7.06 -6.66 -27.89
C LEU H 85 6.17 -7.73 -28.53
N VAL H 86 4.85 -7.51 -28.46
CA VAL H 86 3.88 -8.42 -29.06
C VAL H 86 3.98 -8.38 -30.59
N MET H 87 4.25 -7.20 -31.14
CA MET H 87 4.31 -7.05 -32.59
C MET H 87 5.59 -7.59 -33.24
N LYS H 88 6.74 -7.25 -32.67
CA LYS H 88 8.02 -7.62 -33.27
C LYS H 88 8.48 -9.03 -32.87
N ASP H 89 8.41 -9.34 -31.58
CA ASP H 89 8.92 -10.61 -31.06
C ASP H 89 7.93 -11.77 -31.13
N PHE H 90 6.65 -11.47 -31.27
CA PHE H 90 5.60 -12.50 -31.31
C PHE H 90 4.83 -12.52 -32.63
N GLY H 91 5.03 -11.48 -33.43
CA GLY H 91 4.43 -11.40 -34.75
C GLY H 91 2.94 -11.14 -34.74
N VAL H 92 2.44 -10.51 -33.68
CA VAL H 92 1.03 -10.14 -33.61
C VAL H 92 0.77 -8.96 -34.54
N LYS H 93 -0.09 -9.19 -35.53
CA LYS H 93 -0.45 -8.15 -36.49
C LYS H 93 -1.50 -7.21 -35.92
N ARG H 94 -2.47 -7.76 -35.19
CA ARG H 94 -3.57 -6.98 -34.66
C ARG H 94 -3.36 -6.58 -33.19
N VAL H 95 -3.00 -5.32 -32.98
CA VAL H 95 -2.83 -4.78 -31.62
C VAL H 95 -3.71 -3.56 -31.36
N VAL H 96 -4.52 -3.64 -30.32
CA VAL H 96 -5.35 -2.51 -29.92
C VAL H 96 -4.84 -2.02 -28.57
N SER H 97 -4.64 -0.71 -28.45
CA SER H 97 -4.13 -0.14 -27.19
C SER H 97 -4.89 1.09 -26.74
N LEU H 98 -5.03 1.21 -25.42
CA LEU H 98 -5.51 2.43 -24.81
C LEU H 98 -4.33 3.37 -24.83
N VAL H 99 -4.59 4.64 -25.16
CA VAL H 99 -3.55 5.66 -25.09
C VAL H 99 -4.07 6.81 -24.24
N ASN H 100 -3.46 6.98 -23.08
CA ASN H 100 -3.91 7.94 -22.07
C ASN H 100 -3.71 9.39 -22.47
N ASP H 101 -2.46 9.77 -22.74
CA ASP H 101 -2.12 11.12 -23.19
C ASP H 101 -2.56 11.32 -24.64
N PRO H 102 -3.51 12.23 -24.88
CA PRO H 102 -3.92 12.53 -26.25
C PRO H 102 -2.72 12.88 -27.12
N GLY H 103 -1.68 13.46 -26.51
CA GLY H 103 -0.46 13.79 -27.23
C GLY H 103 0.25 12.55 -27.78
N ASN H 104 0.11 11.43 -27.09
CA ASN H 104 0.78 10.20 -27.48
C ASN H 104 0.07 9.38 -28.57
N MET H 105 -1.14 9.79 -28.93
CA MET H 105 -1.92 9.09 -29.96
C MET H 105 -1.13 8.93 -31.25
N GLU H 106 -0.38 9.98 -31.59
CA GLU H 106 0.34 10.06 -32.87
C GLU H 106 1.41 8.98 -33.03
N ILE H 107 2.32 8.88 -32.06
CA ILE H 107 3.39 7.88 -32.09
C ILE H 107 2.86 6.45 -32.16
N PHE H 108 1.72 6.21 -31.50
CA PHE H 108 1.09 4.90 -31.53
C PHE H 108 0.58 4.59 -32.94
N LYS H 109 0.00 5.60 -33.59
CA LYS H 109 -0.43 5.46 -34.97
C LYS H 109 0.79 5.23 -35.86
N LYS H 110 1.81 6.09 -35.71
CA LYS H 110 3.06 5.99 -36.46
C LYS H 110 3.70 4.59 -36.36
N MET H 111 3.64 4.00 -35.17
CA MET H 111 4.17 2.64 -34.96
C MET H 111 3.28 1.54 -35.52
N GLY H 112 2.03 1.87 -35.82
CA GLY H 112 1.12 0.91 -36.44
C GLY H 112 0.29 0.13 -35.45
N ILE H 113 0.30 0.55 -34.20
CA ILE H 113 -0.68 0.05 -33.23
C ILE H 113 -1.98 0.78 -33.51
N THR H 114 -3.08 0.05 -33.64
CA THR H 114 -4.40 0.68 -33.76
C THR H 114 -4.88 1.03 -32.35
N THR H 115 -5.46 2.22 -32.20
CA THR H 115 -5.80 2.73 -30.88
C THR H 115 -7.29 2.97 -30.72
N VAL H 116 -7.80 2.74 -29.49
CA VAL H 116 -9.17 3.11 -29.15
C VAL H 116 -9.22 4.61 -29.02
N LEU H 117 -10.33 5.21 -29.47
CA LEU H 117 -10.56 6.65 -29.35
C LEU H 117 -10.17 7.09 -27.93
N ASN H 118 -9.38 8.15 -27.83
CA ASN H 118 -8.85 8.61 -26.54
C ASN H 118 -9.97 9.05 -25.61
N LEU H 119 -9.97 8.50 -24.39
CA LEU H 119 -11.01 8.77 -23.40
C LEU H 119 -11.05 10.26 -23.07
N THR H 120 -9.92 10.80 -22.64
CA THR H 120 -9.87 12.19 -22.19
C THR H 120 -10.31 13.17 -23.26
N THR H 121 -10.10 12.81 -24.52
CA THR H 121 -10.58 13.60 -25.65
C THR H 121 -12.11 13.60 -25.67
N LEU H 122 -12.69 12.40 -25.70
CA LEU H 122 -14.14 12.22 -25.68
C LEU H 122 -14.74 12.97 -24.47
N ILE H 123 -14.18 12.72 -23.29
CA ILE H 123 -14.62 13.41 -22.07
C ILE H 123 -14.60 14.94 -22.28
N THR H 124 -13.50 15.45 -22.87
CA THR H 124 -13.36 16.89 -23.11
C THR H 124 -14.42 17.38 -24.10
N ASN H 125 -14.62 16.62 -25.16
CA ASN H 125 -15.64 16.96 -26.15
C ASN H 125 -17.04 16.97 -25.55
N THR H 126 -17.32 15.99 -24.68
CA THR H 126 -18.60 15.87 -24.02
C THR H 126 -18.83 17.01 -23.03
N VAL H 127 -17.80 17.31 -22.24
CA VAL H 127 -17.87 18.37 -21.24
C VAL H 127 -18.04 19.72 -21.90
N GLU H 128 -17.24 19.99 -22.93
CA GLU H 128 -17.31 21.27 -23.64
C GLU H 128 -18.65 21.44 -24.37
N ALA H 129 -19.24 20.33 -24.77
CA ALA H 129 -20.56 20.34 -25.40
C ALA H 129 -21.63 20.77 -24.39
N LEU H 130 -21.49 20.33 -23.15
CA LEU H 130 -22.44 20.68 -22.10
C LEU H 130 -22.31 22.15 -21.69
N ILE H 131 -21.07 22.66 -21.65
CA ILE H 131 -20.82 24.06 -21.27
C ILE H 131 -21.31 25.02 -22.37
N PHE H 132 -20.98 24.69 -23.62
CA PHE H 132 -21.46 25.46 -24.77
C PHE H 132 -22.25 24.55 -25.72
N PRO H 133 -23.58 24.47 -25.52
CA PRO H 133 -24.39 23.56 -26.31
C PRO H 133 -24.72 24.10 -27.69
N ASP H 134 -24.64 25.41 -27.86
CA ASP H 134 -25.00 26.07 -29.11
C ASP H 134 -23.77 26.44 -29.95
N GLU H 135 -22.80 25.53 -30.02
CA GLU H 135 -21.62 25.70 -30.86
C GLU H 135 -21.18 24.33 -31.37
N PHE H 136 -20.72 24.28 -32.62
CA PHE H 136 -20.33 23.02 -33.26
C PHE H 136 -19.32 22.21 -32.45
N SER H 137 -19.81 21.23 -31.70
CA SER H 137 -18.98 20.36 -30.87
C SER H 137 -18.60 19.05 -31.58
N SER H 138 -17.31 18.72 -31.56
CA SER H 138 -16.78 17.54 -32.25
C SER H 138 -17.15 16.24 -31.55
N ILE H 139 -17.65 15.28 -32.33
CA ILE H 139 -18.03 13.95 -31.83
C ILE H 139 -16.82 13.04 -31.68
N ILE H 140 -16.79 11.97 -32.46
CA ILE H 140 -15.65 11.05 -32.50
C ILE H 140 -14.92 11.22 -33.83
N PRO H 141 -13.63 11.60 -33.78
CA PRO H 141 -12.82 11.89 -34.97
C PRO H 141 -12.66 10.69 -35.90
N LEU H 142 -12.97 10.89 -37.18
CA LEU H 142 -12.89 9.84 -38.19
C LEU H 142 -11.44 9.60 -38.64
N GLU H 143 -11.19 9.55 -39.94
CA GLU H 143 -9.84 9.36 -40.46
C GLU H 143 -8.99 10.61 -40.24
N GLN H 144 -7.67 10.42 -40.14
CA GLN H 144 -6.73 11.51 -39.86
C GLN H 144 -6.86 12.66 -40.86
N GLY H 145 -7.51 13.74 -40.42
CA GLY H 145 -7.74 14.91 -41.25
C GLY H 145 -9.21 15.16 -41.58
N ILE H 146 -10.09 14.38 -40.96
CA ILE H 146 -11.54 14.53 -41.13
C ILE H 146 -12.26 14.35 -39.79
N GLU H 147 -12.79 15.45 -39.27
CA GLU H 147 -13.51 15.44 -37.99
C GLU H 147 -15.02 15.30 -38.18
N PHE H 148 -15.68 14.70 -37.18
CA PHE H 148 -17.12 14.47 -37.22
C PHE H 148 -17.83 15.29 -36.14
N LEU H 149 -18.20 16.52 -36.49
CA LEU H 149 -18.81 17.46 -35.56
C LEU H 149 -20.34 17.40 -35.55
N SER H 150 -20.95 18.15 -34.63
CA SER H 150 -22.41 18.23 -34.51
C SER H 150 -22.83 19.57 -33.90
N VAL H 151 -23.93 20.12 -34.42
CA VAL H 151 -24.45 21.39 -33.92
C VAL H 151 -25.96 21.33 -33.73
N ASN H 152 -26.46 22.05 -32.73
CA ASN H 152 -27.90 22.12 -32.46
C ASN H 152 -28.50 23.47 -32.85
N SER H 157 -31.19 31.45 -34.77
CA SER H 157 -30.08 31.14 -35.67
C SER H 157 -30.43 31.44 -37.12
N PRO H 158 -29.42 31.77 -37.94
CA PRO H 158 -29.65 32.03 -39.37
C PRO H 158 -30.01 30.77 -40.16
N VAL H 159 -29.50 29.61 -39.74
CA VAL H 159 -29.72 28.34 -40.43
C VAL H 159 -31.19 27.88 -40.41
N VAL H 160 -31.94 28.31 -39.41
CA VAL H 160 -33.35 27.98 -39.29
C VAL H 160 -34.16 28.61 -40.43
N GLY H 161 -34.98 27.79 -41.08
CA GLY H 161 -35.81 28.25 -42.20
C GLY H 161 -35.06 28.33 -43.52
N LYS H 162 -33.96 27.59 -43.63
CA LYS H 162 -33.17 27.54 -44.84
C LYS H 162 -33.17 26.14 -45.44
N LYS H 163 -33.25 26.07 -46.77
CA LYS H 163 -33.19 24.80 -47.48
C LYS H 163 -31.76 24.25 -47.47
N LEU H 164 -31.63 22.94 -47.31
CA LEU H 164 -30.31 22.28 -47.26
C LEU H 164 -29.57 22.40 -48.59
N LYS H 165 -30.34 22.51 -49.68
CA LYS H 165 -29.79 22.81 -51.00
C LYS H 165 -29.29 24.25 -51.06
N ASP H 166 -30.10 25.17 -50.51
CA ASP H 166 -29.80 26.60 -50.52
C ASP H 166 -28.62 26.98 -49.62
N LEU H 167 -28.35 26.16 -48.61
CA LEU H 167 -27.21 26.37 -47.72
C LEU H 167 -25.90 26.20 -48.49
N PRO H 168 -25.05 27.25 -48.50
CA PRO H 168 -23.78 27.21 -49.21
C PRO H 168 -22.64 26.66 -48.36
N LEU H 169 -22.53 25.33 -48.30
CA LEU H 169 -21.47 24.64 -47.58
C LEU H 169 -20.26 24.40 -48.48
N PRO H 170 -19.03 24.44 -47.92
CA PRO H 170 -17.81 24.20 -48.68
C PRO H 170 -17.73 22.80 -49.30
N ARG H 171 -16.83 22.64 -50.27
CA ARG H 171 -16.73 21.42 -51.07
C ARG H 171 -16.48 20.14 -50.26
N ASP H 172 -15.60 20.23 -49.26
CA ASP H 172 -15.22 19.06 -48.48
C ASP H 172 -16.02 18.90 -47.19
N SER H 173 -17.28 19.36 -47.21
CA SER H 173 -18.18 19.25 -46.06
C SER H 173 -19.47 18.53 -46.45
N ILE H 174 -19.98 17.70 -45.54
CA ILE H 174 -21.24 16.98 -45.76
C ILE H 174 -22.14 17.06 -44.53
N ILE H 175 -23.34 17.60 -44.71
CA ILE H 175 -24.36 17.58 -43.65
C ILE H 175 -24.96 16.17 -43.62
N ALA H 176 -24.29 15.29 -42.89
CA ALA H 176 -24.53 13.84 -42.94
C ALA H 176 -25.95 13.39 -42.55
N ALA H 177 -26.43 13.88 -41.42
CA ALA H 177 -27.75 13.49 -40.91
C ALA H 177 -28.37 14.53 -39.99
N ILE H 178 -29.64 14.84 -40.22
CA ILE H 178 -30.41 15.70 -39.32
C ILE H 178 -31.19 14.81 -38.35
N VAL H 179 -31.28 15.26 -37.10
CA VAL H 179 -32.00 14.50 -36.06
C VAL H 179 -33.07 15.36 -35.39
N ARG H 180 -34.29 15.30 -35.92
CA ARG H 180 -35.40 16.11 -35.43
C ARG H 180 -36.16 15.39 -34.32
N GLY H 181 -35.94 15.82 -33.08
CA GLY H 181 -36.62 15.28 -31.92
C GLY H 181 -36.46 13.78 -31.72
N GLY H 182 -35.22 13.31 -31.84
CA GLY H 182 -34.91 11.90 -31.67
C GLY H 182 -35.39 11.04 -32.82
N VAL H 183 -35.37 11.62 -34.03
CA VAL H 183 -35.74 10.89 -35.23
C VAL H 183 -34.78 11.30 -36.35
N LEU H 184 -34.20 10.30 -37.03
CA LEU H 184 -33.27 10.54 -38.13
C LEU H 184 -34.00 11.06 -39.38
N VAL H 185 -33.49 12.17 -39.92
CA VAL H 185 -34.01 12.75 -41.15
C VAL H 185 -32.90 12.72 -42.20
N VAL H 186 -33.16 11.98 -43.29
CA VAL H 186 -32.21 11.89 -44.40
C VAL H 186 -32.20 13.21 -45.19
N PRO H 187 -31.07 13.94 -45.15
CA PRO H 187 -30.98 15.27 -45.75
C PRO H 187 -31.06 15.27 -47.29
N ARG H 188 -32.26 15.51 -47.80
CA ARG H 188 -32.45 15.74 -49.23
C ARG H 188 -32.18 17.22 -49.52
N GLY H 189 -32.29 17.62 -50.79
CA GLY H 189 -32.12 19.01 -51.17
C GLY H 189 -33.20 19.89 -50.55
N ASP H 190 -34.45 19.48 -50.75
CA ASP H 190 -35.62 20.24 -50.27
C ASP H 190 -35.85 20.11 -48.76
N THR H 191 -34.88 19.55 -48.04
CA THR H 191 -34.93 19.47 -46.59
C THR H 191 -34.66 20.85 -45.98
N GLU H 192 -35.49 21.25 -45.02
CA GLU H 192 -35.35 22.53 -44.35
C GLU H 192 -34.99 22.33 -42.88
N LYS H 198 -31.11 18.80 -34.58
CA LYS H 198 -29.70 18.47 -34.37
C LYS H 198 -29.06 17.92 -35.63
N LEU H 199 -28.23 18.74 -36.27
CA LEU H 199 -27.57 18.37 -37.52
C LEU H 199 -26.14 17.90 -37.30
N TYR H 200 -25.87 16.64 -37.66
CA TYR H 200 -24.52 16.07 -37.61
C TYR H 200 -23.79 16.41 -38.92
N VAL H 201 -22.51 16.79 -38.80
CA VAL H 201 -21.72 17.21 -39.97
C VAL H 201 -20.36 16.51 -40.02
N ILE H 202 -19.98 16.06 -41.20
CA ILE H 202 -18.64 15.54 -41.44
C ILE H 202 -17.89 16.53 -42.33
N VAL H 203 -16.76 17.04 -41.82
CA VAL H 203 -15.96 18.03 -42.57
C VAL H 203 -14.46 17.81 -42.40
N SER H 204 -13.70 18.07 -43.47
CA SER H 204 -12.25 18.02 -43.42
C SER H 204 -11.73 19.24 -42.66
N ALA H 205 -10.66 19.05 -41.89
CA ALA H 205 -10.09 20.11 -41.04
C ALA H 205 -9.78 21.39 -41.81
N GLU H 206 -9.30 21.25 -43.05
CA GLU H 206 -8.95 22.39 -43.91
C GLU H 206 -10.18 23.17 -44.40
N ALA H 207 -11.36 22.82 -43.88
CA ALA H 207 -12.63 23.45 -44.27
C ALA H 207 -13.61 23.58 -43.10
N LYS H 208 -13.15 23.24 -41.91
CA LYS H 208 -13.98 23.25 -40.69
C LYS H 208 -14.39 24.66 -40.27
N GLU H 209 -13.43 25.60 -40.35
CA GLU H 209 -13.67 26.98 -39.96
C GLU H 209 -14.80 27.62 -40.75
N THR H 210 -14.82 27.39 -42.06
CA THR H 210 -15.83 27.98 -42.94
C THR H 210 -17.18 27.27 -42.82
N VAL H 211 -17.14 25.95 -42.59
CA VAL H 211 -18.35 25.15 -42.42
C VAL H 211 -19.14 25.61 -41.19
N GLU H 212 -18.41 25.90 -40.11
CA GLU H 212 -19.00 26.41 -38.87
C GLU H 212 -19.51 27.84 -39.03
N GLU H 213 -18.71 28.67 -39.70
CA GLU H 213 -19.08 30.07 -39.97
C GLU H 213 -20.38 30.16 -40.77
N THR H 214 -20.60 29.20 -41.66
CA THR H 214 -21.80 29.15 -42.49
C THR H 214 -22.98 28.53 -41.75
#